data_3A6U
# 
_entry.id   3A6U 
# 
_audit_conform.dict_name       mmcif_pdbx.dic 
_audit_conform.dict_version    5.380 
_audit_conform.dict_location   http://mmcif.pdb.org/dictionaries/ascii/mmcif_pdbx.dic 
# 
loop_
_database_2.database_id 
_database_2.database_code 
_database_2.pdbx_database_accession 
_database_2.pdbx_DOI 
PDB   3A6U         pdb_00003a6u 10.2210/pdb3a6u/pdb 
RCSB  RCSB028884   ?            ?                   
WWPDB D_1000028884 ?            ?                   
# 
loop_
_pdbx_database_related.db_name 
_pdbx_database_related.db_id 
_pdbx_database_related.details 
_pdbx_database_related.content_type 
PDB 3A6S 'apo form of the same protein'               unspecified 
PDB 3A6T 'the same protein complexed with 8-OXO-dGMP' unspecified 
PDB 3A6V 'the same protein in MN(II) bound holo form' unspecified 
# 
_pdbx_database_status.status_code                     REL 
_pdbx_database_status.entry_id                        3A6U 
_pdbx_database_status.recvd_initial_deposition_date   2009-09-09 
_pdbx_database_status.deposit_site                    PDBJ 
_pdbx_database_status.process_site                    PDBJ 
_pdbx_database_status.status_code_sf                  REL 
_pdbx_database_status.status_code_mr                  ? 
_pdbx_database_status.SG_entry                        ? 
_pdbx_database_status.pdb_format_compatible           Y 
_pdbx_database_status.status_code_cs                  ? 
_pdbx_database_status.status_code_nmr_data            ? 
_pdbx_database_status.methods_development_category    ? 
# 
loop_
_audit_author.name 
_audit_author.pdbx_ordinal 
'Nakamura, T.' 1 
'Yamagata, Y.' 2 
# 
_citation.id                        primary 
_citation.title                     
'Structural and dynamic features of the MutT protein in the recognition of nucleotides with the mutagenic 8-oxoguanine base' 
_citation.journal_abbrev            J.Biol.Chem. 
_citation.journal_volume            285 
_citation.page_first                444 
_citation.page_last                 452 
_citation.year                      2010 
_citation.journal_id_ASTM           JBCHA3 
_citation.country                   US 
_citation.journal_id_ISSN           0021-9258 
_citation.journal_id_CSD            0071 
_citation.book_publisher            ? 
_citation.pdbx_database_id_PubMed   19864691 
_citation.pdbx_database_id_DOI      10.1074/jbc.M109.066373 
# 
loop_
_citation_author.citation_id 
_citation_author.name 
_citation_author.ordinal 
_citation_author.identifier_ORCID 
primary 'Nakamura, T.'   1  ? 
primary 'Meshitsuka, S.' 2  ? 
primary 'Kitagawa, S.'   3  ? 
primary 'Abe, N.'        4  ? 
primary 'Yamada, J.'     5  ? 
primary 'Ishino, T.'     6  ? 
primary 'Nakano, H.'     7  ? 
primary 'Tsuzuki, T.'    8  ? 
primary 'Doi, T.'        9  ? 
primary 'Kobayashi, Y.'  10 ? 
primary 'Fujii, S.'      11 ? 
primary 'Sekiguchi, M.'  12 ? 
primary 'Yamagata, Y.'   13 ? 
# 
_cell.entry_id           3A6U 
_cell.length_a           38.234 
_cell.length_b           56.003 
_cell.length_c           59.339 
_cell.angle_alpha        90.00 
_cell.angle_beta         90.00 
_cell.angle_gamma        90.00 
_cell.Z_PDB              4 
_cell.pdbx_unique_axis   ? 
_cell.length_a_esd       ? 
_cell.length_b_esd       ? 
_cell.length_c_esd       ? 
_cell.angle_alpha_esd    ? 
_cell.angle_beta_esd     ? 
_cell.angle_gamma_esd    ? 
# 
_symmetry.entry_id                         3A6U 
_symmetry.space_group_name_H-M             'P 21 21 21' 
_symmetry.pdbx_full_space_group_name_H-M   ? 
_symmetry.cell_setting                     ? 
_symmetry.Int_Tables_number                19 
_symmetry.space_group_name_Hall            ? 
# 
loop_
_entity.id 
_entity.type 
_entity.src_method 
_entity.pdbx_description 
_entity.formula_weight 
_entity.pdbx_number_of_molecules 
_entity.pdbx_ec 
_entity.pdbx_mutation 
_entity.pdbx_fragment 
_entity.details 
1 polymer     man 'Mutator mutT protein'                      14945.029 1  3.6.1.- ? ? ? 
2 non-polymer syn 'MANGANESE (II) ION'                        54.938    1  ?       ? ? ? 
3 non-polymer syn 'SULFATE ION'                               96.063    1  ?       ? ? ? 
4 non-polymer syn "8-OXO-2'-DEOXY-GUANOSINE-5'-MONOPHOSPHATE" 363.221   1  ?       ? ? ? 
5 water       nat water                                       18.015    92 ?       ? ? ? 
# 
_entity_name_com.entity_id   1 
_entity_name_com.name        '7,8-dihydro-8-oxoguanine-triphosphatase, 8-oxo-dGTPase, dGTP pyrophosphohydrolase' 
# 
_entity_poly.entity_id                      1 
_entity_poly.type                           'polypeptide(L)' 
_entity_poly.nstd_linkage                   no 
_entity_poly.nstd_monomer                   no 
_entity_poly.pdbx_seq_one_letter_code       
;MKKLQIAVGIIRNENNEIFITRRAADAHMANKLEFPGGKIEMGETPEQAVVRELQEEVGITPQHFSLFEKLEYEFPDRHI
TLWFWLVERWEGEPWGKEGQPGEWMSLVGLNADDFPPANEPVIAKLKRL
;
_entity_poly.pdbx_seq_one_letter_code_can   
;MKKLQIAVGIIRNENNEIFITRRAADAHMANKLEFPGGKIEMGETPEQAVVRELQEEVGITPQHFSLFEKLEYEFPDRHI
TLWFWLVERWEGEPWGKEGQPGEWMSLVGLNADDFPPANEPVIAKLKRL
;
_entity_poly.pdbx_strand_id                 A 
_entity_poly.pdbx_target_identifier         ? 
# 
loop_
_entity_poly_seq.entity_id 
_entity_poly_seq.num 
_entity_poly_seq.mon_id 
_entity_poly_seq.hetero 
1 1   MET n 
1 2   LYS n 
1 3   LYS n 
1 4   LEU n 
1 5   GLN n 
1 6   ILE n 
1 7   ALA n 
1 8   VAL n 
1 9   GLY n 
1 10  ILE n 
1 11  ILE n 
1 12  ARG n 
1 13  ASN n 
1 14  GLU n 
1 15  ASN n 
1 16  ASN n 
1 17  GLU n 
1 18  ILE n 
1 19  PHE n 
1 20  ILE n 
1 21  THR n 
1 22  ARG n 
1 23  ARG n 
1 24  ALA n 
1 25  ALA n 
1 26  ASP n 
1 27  ALA n 
1 28  HIS n 
1 29  MET n 
1 30  ALA n 
1 31  ASN n 
1 32  LYS n 
1 33  LEU n 
1 34  GLU n 
1 35  PHE n 
1 36  PRO n 
1 37  GLY n 
1 38  GLY n 
1 39  LYS n 
1 40  ILE n 
1 41  GLU n 
1 42  MET n 
1 43  GLY n 
1 44  GLU n 
1 45  THR n 
1 46  PRO n 
1 47  GLU n 
1 48  GLN n 
1 49  ALA n 
1 50  VAL n 
1 51  VAL n 
1 52  ARG n 
1 53  GLU n 
1 54  LEU n 
1 55  GLN n 
1 56  GLU n 
1 57  GLU n 
1 58  VAL n 
1 59  GLY n 
1 60  ILE n 
1 61  THR n 
1 62  PRO n 
1 63  GLN n 
1 64  HIS n 
1 65  PHE n 
1 66  SER n 
1 67  LEU n 
1 68  PHE n 
1 69  GLU n 
1 70  LYS n 
1 71  LEU n 
1 72  GLU n 
1 73  TYR n 
1 74  GLU n 
1 75  PHE n 
1 76  PRO n 
1 77  ASP n 
1 78  ARG n 
1 79  HIS n 
1 80  ILE n 
1 81  THR n 
1 82  LEU n 
1 83  TRP n 
1 84  PHE n 
1 85  TRP n 
1 86  LEU n 
1 87  VAL n 
1 88  GLU n 
1 89  ARG n 
1 90  TRP n 
1 91  GLU n 
1 92  GLY n 
1 93  GLU n 
1 94  PRO n 
1 95  TRP n 
1 96  GLY n 
1 97  LYS n 
1 98  GLU n 
1 99  GLY n 
1 100 GLN n 
1 101 PRO n 
1 102 GLY n 
1 103 GLU n 
1 104 TRP n 
1 105 MET n 
1 106 SER n 
1 107 LEU n 
1 108 VAL n 
1 109 GLY n 
1 110 LEU n 
1 111 ASN n 
1 112 ALA n 
1 113 ASP n 
1 114 ASP n 
1 115 PHE n 
1 116 PRO n 
1 117 PRO n 
1 118 ALA n 
1 119 ASN n 
1 120 GLU n 
1 121 PRO n 
1 122 VAL n 
1 123 ILE n 
1 124 ALA n 
1 125 LYS n 
1 126 LEU n 
1 127 LYS n 
1 128 ARG n 
1 129 LEU n 
# 
_entity_src_gen.entity_id                          1 
_entity_src_gen.pdbx_src_id                        1 
_entity_src_gen.pdbx_alt_source_flag               sample 
_entity_src_gen.pdbx_seq_type                      ? 
_entity_src_gen.pdbx_beg_seq_num                   ? 
_entity_src_gen.pdbx_end_seq_num                   ? 
_entity_src_gen.gene_src_common_name               ? 
_entity_src_gen.gene_src_genus                     ? 
_entity_src_gen.pdbx_gene_src_gene                 mutT 
_entity_src_gen.gene_src_species                   ? 
_entity_src_gen.gene_src_strain                    K12 
_entity_src_gen.gene_src_tissue                    ? 
_entity_src_gen.gene_src_tissue_fraction           ? 
_entity_src_gen.gene_src_details                   ? 
_entity_src_gen.pdbx_gene_src_fragment             ? 
_entity_src_gen.pdbx_gene_src_scientific_name      'Escherichia coli K-12' 
_entity_src_gen.pdbx_gene_src_ncbi_taxonomy_id     83333 
_entity_src_gen.pdbx_gene_src_variant              ? 
_entity_src_gen.pdbx_gene_src_cell_line            ? 
_entity_src_gen.pdbx_gene_src_atcc                 ? 
_entity_src_gen.pdbx_gene_src_organ                ? 
_entity_src_gen.pdbx_gene_src_organelle            ? 
_entity_src_gen.pdbx_gene_src_cell                 ? 
_entity_src_gen.pdbx_gene_src_cellular_location    ? 
_entity_src_gen.host_org_common_name               ? 
_entity_src_gen.pdbx_host_org_scientific_name      'Escherichia coli' 
_entity_src_gen.pdbx_host_org_ncbi_taxonomy_id     469008 
_entity_src_gen.host_org_genus                     ? 
_entity_src_gen.pdbx_host_org_gene                 ? 
_entity_src_gen.pdbx_host_org_organ                ? 
_entity_src_gen.host_org_species                   ? 
_entity_src_gen.pdbx_host_org_tissue               ? 
_entity_src_gen.pdbx_host_org_tissue_fraction      ? 
_entity_src_gen.pdbx_host_org_strain               'BL21(DE3)' 
_entity_src_gen.pdbx_host_org_variant              ? 
_entity_src_gen.pdbx_host_org_cell_line            ? 
_entity_src_gen.pdbx_host_org_atcc                 ? 
_entity_src_gen.pdbx_host_org_culture_collection   ? 
_entity_src_gen.pdbx_host_org_cell                 ? 
_entity_src_gen.pdbx_host_org_organelle            ? 
_entity_src_gen.pdbx_host_org_cellular_location    ? 
_entity_src_gen.pdbx_host_org_vector_type          PLASMID 
_entity_src_gen.pdbx_host_org_vector               ? 
_entity_src_gen.host_org_details                   ? 
_entity_src_gen.expression_system_id               ? 
_entity_src_gen.plasmid_name                       PET8C 
_entity_src_gen.plasmid_details                    ? 
_entity_src_gen.pdbx_description                   ? 
# 
_struct_ref.id                         1 
_struct_ref.db_name                    UNP 
_struct_ref.db_code                    MUTT_ECOLI 
_struct_ref.pdbx_db_accession          P08337 
_struct_ref.entity_id                  1 
_struct_ref.pdbx_seq_one_letter_code   
;MKKLQIAVGIIRNENNEIFITRRAADAHMANKLEFPGGKIEMGETPEQAVVRELQEEVGITPQHFSLFEKLEYEFPDRHI
TLWFWLVERWEGEPWGKEGQPGEWMSLVGLNADDFPPANEPVIAKLKRL
;
_struct_ref.pdbx_align_begin           1 
_struct_ref.pdbx_db_isoform            ? 
# 
_struct_ref_seq.align_id                      1 
_struct_ref_seq.ref_id                        1 
_struct_ref_seq.pdbx_PDB_id_code              3A6U 
_struct_ref_seq.pdbx_strand_id                A 
_struct_ref_seq.seq_align_beg                 1 
_struct_ref_seq.pdbx_seq_align_beg_ins_code   ? 
_struct_ref_seq.seq_align_end                 129 
_struct_ref_seq.pdbx_seq_align_end_ins_code   ? 
_struct_ref_seq.pdbx_db_accession             P08337 
_struct_ref_seq.db_align_beg                  1 
_struct_ref_seq.pdbx_db_align_beg_ins_code    ? 
_struct_ref_seq.db_align_end                  129 
_struct_ref_seq.pdbx_db_align_end_ins_code    ? 
_struct_ref_seq.pdbx_auth_seq_align_beg       1 
_struct_ref_seq.pdbx_auth_seq_align_end       129 
# 
loop_
_chem_comp.id 
_chem_comp.type 
_chem_comp.mon_nstd_flag 
_chem_comp.name 
_chem_comp.pdbx_synonyms 
_chem_comp.formula 
_chem_comp.formula_weight 
8OG 'DNA linking'       n "8-OXO-2'-DEOXY-GUANOSINE-5'-MONOPHOSPHATE" "8-OXO-7,8-DIHYDRO-2'-DEOXY-GUANOSINE-5'-MONOPHOSPHATE" 
'C10 H14 N5 O8 P' 363.221 
ALA 'L-peptide linking' y ALANINE                                     ?                                                       
'C3 H7 N O2'      89.093  
ARG 'L-peptide linking' y ARGININE                                    ?                                                       
'C6 H15 N4 O2 1'  175.209 
ASN 'L-peptide linking' y ASPARAGINE                                  ?                                                       
'C4 H8 N2 O3'     132.118 
ASP 'L-peptide linking' y 'ASPARTIC ACID'                             ?                                                       
'C4 H7 N O4'      133.103 
GLN 'L-peptide linking' y GLUTAMINE                                   ?                                                       
'C5 H10 N2 O3'    146.144 
GLU 'L-peptide linking' y 'GLUTAMIC ACID'                             ?                                                       
'C5 H9 N O4'      147.129 
GLY 'peptide linking'   y GLYCINE                                     ?                                                       
'C2 H5 N O2'      75.067  
HIS 'L-peptide linking' y HISTIDINE                                   ?                                                       
'C6 H10 N3 O2 1'  156.162 
HOH non-polymer         . WATER                                       ?                                                       
'H2 O'            18.015  
ILE 'L-peptide linking' y ISOLEUCINE                                  ?                                                       
'C6 H13 N O2'     131.173 
LEU 'L-peptide linking' y LEUCINE                                     ?                                                       
'C6 H13 N O2'     131.173 
LYS 'L-peptide linking' y LYSINE                                      ?                                                       
'C6 H15 N2 O2 1'  147.195 
MET 'L-peptide linking' y METHIONINE                                  ?                                                       
'C5 H11 N O2 S'   149.211 
MN  non-polymer         . 'MANGANESE (II) ION'                        ?                                                       
'Mn 2'            54.938  
PHE 'L-peptide linking' y PHENYLALANINE                               ?                                                       
'C9 H11 N O2'     165.189 
PRO 'L-peptide linking' y PROLINE                                     ?                                                       
'C5 H9 N O2'      115.130 
SER 'L-peptide linking' y SERINE                                      ?                                                       
'C3 H7 N O3'      105.093 
SO4 non-polymer         . 'SULFATE ION'                               ?                                                       
'O4 S -2'         96.063  
THR 'L-peptide linking' y THREONINE                                   ?                                                       
'C4 H9 N O3'      119.119 
TRP 'L-peptide linking' y TRYPTOPHAN                                  ?                                                       
'C11 H12 N2 O2'   204.225 
TYR 'L-peptide linking' y TYROSINE                                    ?                                                       
'C9 H11 N O3'     181.189 
VAL 'L-peptide linking' y VALINE                                      ?                                                       
'C5 H11 N O2'     117.146 
# 
_exptl.entry_id          3A6U 
_exptl.method            'X-RAY DIFFRACTION' 
_exptl.crystals_number   2 
# 
_exptl_crystal.id                    1 
_exptl_crystal.density_meas          ? 
_exptl_crystal.density_Matthews      2.13 
_exptl_crystal.density_percent_sol   42.13 
_exptl_crystal.description           ? 
_exptl_crystal.F_000                 ? 
_exptl_crystal.preparation           ? 
# 
_exptl_crystal_grow.crystal_id      1 
_exptl_crystal_grow.method          'VAPOR DIFFUSION, HANGING DROP' 
_exptl_crystal_grow.temp            288 
_exptl_crystal_grow.temp_details    ? 
_exptl_crystal_grow.pH              5.60 
_exptl_crystal_grow.pdbx_details    
;2.0M AMMONIUM SULFATE, 0.2M POTASSIUM SODIUM TARTRATE, 0.1M TRISODIUM CITRATE, pH 5.60, VAPOR DIFFUSION, HANGING DROP, temperature 288K
;
_exptl_crystal_grow.pdbx_pH_range   . 
# 
loop_
_diffrn.id 
_diffrn.ambient_temp 
_diffrn.ambient_temp_details 
_diffrn.crystal_id 
1 100 ? 1 
2 100 ? 1 
# 
loop_
_diffrn_detector.diffrn_id 
_diffrn_detector.detector 
_diffrn_detector.type 
_diffrn_detector.pdbx_collection_date 
_diffrn_detector.details 
1 CCD 'ADSC QUANTUM 4' 2003-04-24 ? 
2 CCD MARRESEARCH      2003-02-16 ? 
# 
loop_
_diffrn_radiation.diffrn_id 
_diffrn_radiation.wavelength_id 
_diffrn_radiation.pdbx_monochromatic_or_laue_m_l 
_diffrn_radiation.monochromator 
_diffrn_radiation.pdbx_diffrn_protocol 
_diffrn_radiation.pdbx_scattering_type 
1 1 M ? 'SINGLE WAVELENGTH' x-ray 
2 1 M ? 'SINGLE WAVELENGTH' x-ray 
# 
loop_
_diffrn_radiation_wavelength.id 
_diffrn_radiation_wavelength.wavelength 
_diffrn_radiation_wavelength.wt 
1 1.2906 1.0 
2 0.9730 1.0 
# 
loop_
_diffrn_source.diffrn_id 
_diffrn_source.source 
_diffrn_source.type 
_diffrn_source.pdbx_synchrotron_site 
_diffrn_source.pdbx_synchrotron_beamline 
_diffrn_source.pdbx_wavelength 
_diffrn_source.pdbx_wavelength_list 
1 SYNCHROTRON 'SPRING-8 BEAMLINE BL40B2' SPring-8 BL40B2 ? 1.2906 
2 SYNCHROTRON 'SPRING-8 BEAMLINE BL41XU' SPring-8 BL41XU ? 0.9730 
# 
_reflns.entry_id                     3A6U 
_reflns.observed_criterion_sigma_I   ? 
_reflns.observed_criterion_sigma_F   ? 
_reflns.d_resolution_low             18.560 
_reflns.d_resolution_high            2.560 
_reflns.number_obs                   4395 
_reflns.number_all                   ? 
_reflns.percent_possible_obs         99.2 
_reflns.pdbx_Rmerge_I_obs            0.07700 
_reflns.pdbx_Rsym_value              ? 
_reflns.B_iso_Wilson_estimate        30.00 
_reflns.pdbx_redundancy              6.030 
_reflns.pdbx_netI_over_sigmaI        45.9 
_reflns.R_free_details               ? 
_reflns.limit_h_max                  ? 
_reflns.limit_h_min                  ? 
_reflns.limit_k_max                  ? 
_reflns.limit_k_min                  ? 
_reflns.limit_l_max                  ? 
_reflns.limit_l_min                  ? 
_reflns.observed_criterion_F_max     ? 
_reflns.observed_criterion_F_min     ? 
_reflns.pdbx_chi_squared             ? 
_reflns.pdbx_scaling_rejects         ? 
_reflns.pdbx_diffrn_id               1,2 
_reflns.pdbx_ordinal                 1 
# 
_reflns_shell.d_res_high             2.56 
_reflns_shell.d_res_low              2.72 
_reflns_shell.percent_possible_all   95.7 
_reflns_shell.Rmerge_I_obs           0.15200 
_reflns_shell.pdbx_Rsym_value        ? 
_reflns_shell.meanI_over_sigI_obs    22.600 
_reflns_shell.pdbx_redundancy        ? 
_reflns_shell.percent_possible_obs   ? 
_reflns_shell.number_unique_all      ? 
_reflns_shell.number_measured_all    ? 
_reflns_shell.number_measured_obs    ? 
_reflns_shell.number_unique_obs      ? 
_reflns_shell.pdbx_chi_squared       ? 
_reflns_shell.pdbx_diffrn_id         ? 
_reflns_shell.pdbx_ordinal           1 
# 
_refine.entry_id                                 3A6U 
_refine.ls_number_reflns_obs                     4394 
_refine.ls_number_reflns_all                     ? 
_refine.pdbx_ls_sigma_I                          ? 
_refine.pdbx_ls_sigma_F                          0.000 
_refine.pdbx_data_cutoff_high_absF               1230826.520 
_refine.pdbx_data_cutoff_low_absF                0.0000 
_refine.pdbx_data_cutoff_high_rms_absF           ? 
_refine.ls_d_res_low                             18.20 
_refine.ls_d_res_high                            2.56 
_refine.ls_percent_reflns_obs                    99.9 
_refine.ls_R_factor_obs                          0.193 
_refine.ls_R_factor_all                          ? 
_refine.ls_R_factor_R_work                       0.193 
_refine.ls_R_factor_R_free                       0.242 
_refine.ls_R_factor_R_free_error                 0.016 
_refine.ls_R_factor_R_free_error_details         ? 
_refine.ls_percent_reflns_R_free                 5.400 
_refine.ls_number_reflns_R_free                  238 
_refine.ls_number_parameters                     ? 
_refine.ls_number_restraints                     ? 
_refine.occupancy_min                            ? 
_refine.occupancy_max                            ? 
_refine.correlation_coeff_Fo_to_Fc               ? 
_refine.correlation_coeff_Fo_to_Fc_free          ? 
_refine.B_iso_mean                               18.40 
_refine.aniso_B[1][1]                            9.35000 
_refine.aniso_B[2][2]                            -5.43000 
_refine.aniso_B[3][3]                            -3.92000 
_refine.aniso_B[1][2]                            0.00000 
_refine.aniso_B[1][3]                            0.00000 
_refine.aniso_B[2][3]                            0.00000 
_refine.solvent_model_details                    'FLAT MODEL' 
_refine.solvent_model_param_ksol                 0.40 
_refine.solvent_model_param_bsol                 26.19 
_refine.pdbx_solvent_vdw_probe_radii             ? 
_refine.pdbx_solvent_ion_probe_radii             ? 
_refine.pdbx_solvent_shrinkage_radii             ? 
_refine.pdbx_ls_cross_valid_method               THROUGHOUT 
_refine.details                                  ? 
_refine.pdbx_starting_model                      'PDB ENTRY 3A6T' 
_refine.pdbx_method_to_determine_struct          'FOURIER SYNTHESIS' 
_refine.pdbx_isotropic_thermal_model             RESTRAINED 
_refine.pdbx_stereochemistry_target_values       ? 
_refine.pdbx_stereochem_target_val_spec_case     ? 
_refine.pdbx_R_Free_selection_details            RANDOM 
_refine.pdbx_overall_ESU_R                       ? 
_refine.pdbx_overall_ESU_R_Free                  ? 
_refine.overall_SU_ML                            ? 
_refine.overall_SU_B                             ? 
_refine.ls_redundancy_reflns_obs                 ? 
_refine.B_iso_min                                ? 
_refine.B_iso_max                                ? 
_refine.overall_SU_R_Cruickshank_DPI             ? 
_refine.overall_SU_R_free                        ? 
_refine.ls_wR_factor_R_free                      ? 
_refine.ls_wR_factor_R_work                      ? 
_refine.overall_FOM_free_R_set                   ? 
_refine.overall_FOM_work_R_set                   ? 
_refine.pdbx_refine_id                           'X-RAY DIFFRACTION' 
_refine.pdbx_overall_phase_error                 ? 
_refine.pdbx_diffrn_id                           1 
_refine.pdbx_TLS_residual_ADP_flag               ? 
_refine.pdbx_overall_SU_R_free_Cruickshank_DPI   ? 
_refine.pdbx_overall_SU_R_Blow_DPI               ? 
_refine.pdbx_overall_SU_R_free_Blow_DPI          ? 
# 
_refine_analyze.entry_id                        3A6U 
_refine_analyze.Luzzati_coordinate_error_obs    0.26 
_refine_analyze.Luzzati_sigma_a_obs             0.24 
_refine_analyze.Luzzati_d_res_low_obs           5.00 
_refine_analyze.Luzzati_coordinate_error_free   0.35 
_refine_analyze.Luzzati_sigma_a_free            0.38 
_refine_analyze.Luzzati_d_res_low_free          ? 
_refine_analyze.number_disordered_residues      ? 
_refine_analyze.occupancy_sum_hydrogen          ? 
_refine_analyze.occupancy_sum_non_hydrogen      ? 
_refine_analyze.pdbx_Luzzati_d_res_high_obs     ? 
_refine_analyze.pdbx_refine_id                  'X-RAY DIFFRACTION' 
# 
_refine_hist.pdbx_refine_id                   'X-RAY DIFFRACTION' 
_refine_hist.cycle_id                         LAST 
_refine_hist.pdbx_number_atoms_protein        1029 
_refine_hist.pdbx_number_atoms_nucleic_acid   0 
_refine_hist.pdbx_number_atoms_ligand         30 
_refine_hist.number_atoms_solvent             92 
_refine_hist.number_atoms_total               1151 
_refine_hist.d_res_high                       2.56 
_refine_hist.d_res_low                        18.20 
# 
loop_
_refine_ls_restr.type 
_refine_ls_restr.dev_ideal 
_refine_ls_restr.dev_ideal_target 
_refine_ls_restr.weight 
_refine_ls_restr.number 
_refine_ls_restr.pdbx_refine_id 
_refine_ls_restr.pdbx_restraint_function 
c_bond_d                0.007 ? ? ? 'X-RAY DIFFRACTION' ? 
c_bond_d_na             ?     ? ? ? 'X-RAY DIFFRACTION' ? 
c_bond_d_prot           ?     ? ? ? 'X-RAY DIFFRACTION' ? 
c_angle_d               ?     ? ? ? 'X-RAY DIFFRACTION' ? 
c_angle_d_na            ?     ? ? ? 'X-RAY DIFFRACTION' ? 
c_angle_d_prot          ?     ? ? ? 'X-RAY DIFFRACTION' ? 
c_angle_deg             1.30  ? ? ? 'X-RAY DIFFRACTION' ? 
c_angle_deg_na          ?     ? ? ? 'X-RAY DIFFRACTION' ? 
c_angle_deg_prot        ?     ? ? ? 'X-RAY DIFFRACTION' ? 
c_dihedral_angle_d      22.60 ? ? ? 'X-RAY DIFFRACTION' ? 
c_dihedral_angle_d_na   ?     ? ? ? 'X-RAY DIFFRACTION' ? 
c_dihedral_angle_d_prot ?     ? ? ? 'X-RAY DIFFRACTION' ? 
c_improper_angle_d      0.86  ? ? ? 'X-RAY DIFFRACTION' ? 
c_improper_angle_d_na   ?     ? ? ? 'X-RAY DIFFRACTION' ? 
c_improper_angle_d_prot ?     ? ? ? 'X-RAY DIFFRACTION' ? 
c_mcbond_it             ?     ? ? ? 'X-RAY DIFFRACTION' ? 
c_mcangle_it            ?     ? ? ? 'X-RAY DIFFRACTION' ? 
c_scbond_it             ?     ? ? ? 'X-RAY DIFFRACTION' ? 
c_scangle_it            ?     ? ? ? 'X-RAY DIFFRACTION' ? 
# 
_refine_ls_shell.pdbx_total_number_of_bins_used   6 
_refine_ls_shell.d_res_high                       2.56 
_refine_ls_shell.d_res_low                        2.72 
_refine_ls_shell.number_reflns_R_work             672 
_refine_ls_shell.R_factor_R_work                  0.2340 
_refine_ls_shell.percent_reflns_obs               99.70 
_refine_ls_shell.R_factor_R_free                  0.3300 
_refine_ls_shell.R_factor_R_free_error            0.049 
_refine_ls_shell.percent_reflns_R_free            6.40 
_refine_ls_shell.number_reflns_R_free             46 
_refine_ls_shell.number_reflns_all                ? 
_refine_ls_shell.R_factor_all                     ? 
_refine_ls_shell.number_reflns_obs                ? 
_refine_ls_shell.redundancy_reflns_obs            ? 
_refine_ls_shell.pdbx_refine_id                   'X-RAY DIFFRACTION' 
# 
loop_
_pdbx_xplor_file.pdbx_refine_id 
_pdbx_xplor_file.serial_no 
_pdbx_xplor_file.param_file 
_pdbx_xplor_file.topol_file 
'X-RAY DIFFRACTION' 1 PROTEIN_REP.PARAM PROTEIN.TOP 
'X-RAY DIFFRACTION' 2 SUC.PARAM         SUC.TOP     
'X-RAY DIFFRACTION' 3 WATER_REP.PARAM   WATER.TOP   
'X-RAY DIFFRACTION' 4 ION.PARAM         ION.TOP     
'X-RAY DIFFRACTION' 5 8OG.PARAM         8OG.TOP     
# 
_struct.entry_id                  3A6U 
_struct.title                     'Crystal structure of MutT-8-OXO-dGMP-MN(II) complex' 
_struct.pdbx_model_details        ? 
_struct.pdbx_CASP_flag            ? 
_struct.pdbx_model_type_details   ? 
# 
_struct_keywords.entry_id        3A6U 
_struct_keywords.pdbx_keywords   HYDROLASE 
_struct_keywords.text            
'ENZYME-PRODUCT-METAL COMPLEX, DNA DAMAGE, DNA REPAIR, DNA REPLICATION, HYDROLASE, MUTATOR PROTEIN' 
# 
loop_
_struct_asym.id 
_struct_asym.pdbx_blank_PDB_chainid_flag 
_struct_asym.pdbx_modified 
_struct_asym.entity_id 
_struct_asym.details 
A N N 1 ? 
B N N 2 ? 
C N N 3 ? 
D N N 4 ? 
E N N 5 ? 
# 
_struct_biol.id        1 
_struct_biol.details   ? 
# 
loop_
_struct_conf.conf_type_id 
_struct_conf.id 
_struct_conf.pdbx_PDB_helix_id 
_struct_conf.beg_label_comp_id 
_struct_conf.beg_label_asym_id 
_struct_conf.beg_label_seq_id 
_struct_conf.pdbx_beg_PDB_ins_code 
_struct_conf.end_label_comp_id 
_struct_conf.end_label_asym_id 
_struct_conf.end_label_seq_id 
_struct_conf.pdbx_end_PDB_ins_code 
_struct_conf.beg_auth_comp_id 
_struct_conf.beg_auth_asym_id 
_struct_conf.beg_auth_seq_id 
_struct_conf.end_auth_comp_id 
_struct_conf.end_auth_asym_id 
_struct_conf.end_auth_seq_id 
_struct_conf.pdbx_PDB_helix_class 
_struct_conf.details 
_struct_conf.pdbx_PDB_helix_length 
HELX_P HELX_P1 1 THR A 45  ? GLY A 59  ? THR A 45  GLY A 59  1 ? 15 
HELX_P HELX_P2 2 ASN A 111 ? PHE A 115 ? ASN A 111 PHE A 115 5 ? 5  
HELX_P HELX_P3 3 PRO A 116 ? ALA A 118 ? PRO A 116 ALA A 118 5 ? 3  
HELX_P HELX_P4 4 ASN A 119 ? LYS A 127 ? ASN A 119 LYS A 127 1 ? 9  
# 
_struct_conf_type.id          HELX_P 
_struct_conf_type.criteria    ? 
_struct_conf_type.reference   ? 
# 
loop_
_struct_sheet.id 
_struct_sheet.type 
_struct_sheet.number_strands 
_struct_sheet.details 
A ? 4 ? 
B ? 3 ? 
C ? 2 ? 
# 
loop_
_struct_sheet_order.sheet_id 
_struct_sheet_order.range_id_1 
_struct_sheet_order.range_id_2 
_struct_sheet_order.offset 
_struct_sheet_order.sense 
A 1 2 ? anti-parallel 
A 2 3 ? parallel      
A 3 4 ? anti-parallel 
B 1 2 ? anti-parallel 
B 2 3 ? anti-parallel 
C 1 2 ? anti-parallel 
# 
loop_
_struct_sheet_range.sheet_id 
_struct_sheet_range.id 
_struct_sheet_range.beg_label_comp_id 
_struct_sheet_range.beg_label_asym_id 
_struct_sheet_range.beg_label_seq_id 
_struct_sheet_range.pdbx_beg_PDB_ins_code 
_struct_sheet_range.end_label_comp_id 
_struct_sheet_range.end_label_asym_id 
_struct_sheet_range.end_label_seq_id 
_struct_sheet_range.pdbx_end_PDB_ins_code 
_struct_sheet_range.beg_auth_comp_id 
_struct_sheet_range.beg_auth_asym_id 
_struct_sheet_range.beg_auth_seq_id 
_struct_sheet_range.end_auth_comp_id 
_struct_sheet_range.end_auth_asym_id 
_struct_sheet_range.end_auth_seq_id 
A 1 GLY A 37  ? LYS A 39  ? GLY A 37  LYS A 39  
A 2 GLN A 5   ? ILE A 11  ? GLN A 5   ILE A 11  
A 3 ARG A 78  ? VAL A 87  ? ARG A 78  VAL A 87  
A 4 SER A 66  ? PHE A 75  ? SER A 66  PHE A 75  
B 1 LEU A 33  ? GLU A 34  ? LEU A 33  GLU A 34  
B 2 GLU A 17  ? ARG A 22  ? GLU A 17  ARG A 22  
B 3 GLY A 102 ? SER A 106 ? GLY A 102 SER A 106 
C 1 THR A 61  ? GLN A 63  ? THR A 61  GLN A 63  
C 2 ARG A 89  ? GLU A 91  ? ARG A 89  GLU A 91  
# 
loop_
_pdbx_struct_sheet_hbond.sheet_id 
_pdbx_struct_sheet_hbond.range_id_1 
_pdbx_struct_sheet_hbond.range_id_2 
_pdbx_struct_sheet_hbond.range_1_label_atom_id 
_pdbx_struct_sheet_hbond.range_1_label_comp_id 
_pdbx_struct_sheet_hbond.range_1_label_asym_id 
_pdbx_struct_sheet_hbond.range_1_label_seq_id 
_pdbx_struct_sheet_hbond.range_1_PDB_ins_code 
_pdbx_struct_sheet_hbond.range_1_auth_atom_id 
_pdbx_struct_sheet_hbond.range_1_auth_comp_id 
_pdbx_struct_sheet_hbond.range_1_auth_asym_id 
_pdbx_struct_sheet_hbond.range_1_auth_seq_id 
_pdbx_struct_sheet_hbond.range_2_label_atom_id 
_pdbx_struct_sheet_hbond.range_2_label_comp_id 
_pdbx_struct_sheet_hbond.range_2_label_asym_id 
_pdbx_struct_sheet_hbond.range_2_label_seq_id 
_pdbx_struct_sheet_hbond.range_2_PDB_ins_code 
_pdbx_struct_sheet_hbond.range_2_auth_atom_id 
_pdbx_struct_sheet_hbond.range_2_auth_comp_id 
_pdbx_struct_sheet_hbond.range_2_auth_asym_id 
_pdbx_struct_sheet_hbond.range_2_auth_seq_id 
A 1 2 O GLY A 38 ? O GLY A 38 N ALA A 7   ? N ALA A 7   
A 2 3 N ILE A 6  ? N ILE A 6  O THR A 81  ? O THR A 81  
A 3 4 O PHE A 84 ? O PHE A 84 N GLU A 69  ? N GLU A 69  
B 1 2 O GLU A 34 ? O GLU A 34 N THR A 21  ? N THR A 21  
B 2 3 N ILE A 18 ? N ILE A 18 O MET A 105 ? O MET A 105 
C 1 2 N GLN A 63 ? N GLN A 63 O ARG A 89  ? O ARG A 89  
# 
loop_
_struct_site.id 
_struct_site.pdbx_evidence_code 
_struct_site.pdbx_auth_asym_id 
_struct_site.pdbx_auth_comp_id 
_struct_site.pdbx_auth_seq_id 
_struct_site.pdbx_auth_ins_code 
_struct_site.pdbx_num_residues 
_struct_site.details 
AC1 Software A MN  1001 ? 6  'BINDING SITE FOR RESIDUE MN A 1001'  
AC2 Software A SO4 2001 ? 4  'BINDING SITE FOR RESIDUE SO4 A 2001' 
AC3 Software A 8OG 5001 ? 16 'BINDING SITE FOR RESIDUE 8OG A 5001' 
# 
loop_
_struct_site_gen.id 
_struct_site_gen.site_id 
_struct_site_gen.pdbx_num_res 
_struct_site_gen.label_comp_id 
_struct_site_gen.label_asym_id 
_struct_site_gen.label_seq_id 
_struct_site_gen.pdbx_auth_ins_code 
_struct_site_gen.auth_comp_id 
_struct_site_gen.auth_asym_id 
_struct_site_gen.auth_seq_id 
_struct_site_gen.label_atom_id 
_struct_site_gen.label_alt_id 
_struct_site_gen.symmetry 
_struct_site_gen.details 
1  AC1 6  GLY A 37  ? GLY A 37   . ? 1_555 ? 
2  AC1 6  GLU A 57  ? GLU A 57   . ? 1_555 ? 
3  AC1 6  HOH E .   ? HOH A 205  . ? 1_555 ? 
4  AC1 6  HOH E .   ? HOH A 217  . ? 1_555 ? 
5  AC1 6  HOH E .   ? HOH A 218  . ? 1_555 ? 
6  AC1 6  8OG D .   ? 8OG A 5001 . ? 1_555 ? 
7  AC2 4  GLN A 63  ? GLN A 63   . ? 1_555 ? 
8  AC2 4  HIS A 64  ? HIS A 64   . ? 1_555 ? 
9  AC2 4  LYS A 127 ? LYS A 127  . ? 2_554 ? 
10 AC2 4  HOH E .   ? HOH A 187  . ? 2_554 ? 
11 AC3 16 VAL A 8   ? VAL A 8    . ? 1_555 ? 
12 AC3 16 ARG A 23  ? ARG A 23   . ? 1_555 ? 
13 AC3 16 HIS A 28  ? HIS A 28   . ? 1_555 ? 
14 AC3 16 GLU A 34  ? GLU A 34   . ? 1_555 ? 
15 AC3 16 PHE A 35  ? PHE A 35   . ? 1_555 ? 
16 AC3 16 GLY A 37  ? GLY A 37   . ? 1_555 ? 
17 AC3 16 PHE A 75  ? PHE A 75   . ? 1_555 ? 
18 AC3 16 LEU A 82  ? LEU A 82   . ? 1_555 ? 
19 AC3 16 PRO A 116 ? PRO A 116  . ? 1_555 ? 
20 AC3 16 ASN A 119 ? ASN A 119  . ? 1_555 ? 
21 AC3 16 HOH E .   ? HOH A 139  . ? 1_555 ? 
22 AC3 16 HOH E .   ? HOH A 140  . ? 1_555 ? 
23 AC3 16 HOH E .   ? HOH A 165  . ? 1_555 ? 
24 AC3 16 HOH E .   ? HOH A 170  . ? 1_555 ? 
25 AC3 16 HOH E .   ? HOH A 218  . ? 1_555 ? 
26 AC3 16 MN  B .   ? MN  A 1001 . ? 1_555 ? 
# 
_atom_sites.entry_id                    3A6U 
_atom_sites.fract_transf_matrix[1][1]   0.00204194 
_atom_sites.fract_transf_matrix[1][2]   0.01661497 
_atom_sites.fract_transf_matrix[1][3]   0.02009620 
_atom_sites.fract_transf_matrix[2][1]   -0.00594493 
_atom_sites.fract_transf_matrix[2][2]   0.01326823 
_atom_sites.fract_transf_matrix[2][3]   -0.01036574 
_atom_sites.fract_transf_matrix[3][1]   -0.01583602 
_atom_sites.fract_transf_matrix[3][2]   -0.00354720 
_atom_sites.fract_transf_matrix[3][3]   0.00454179 
_atom_sites.fract_transf_vector[1]      0.012015 
_atom_sites.fract_transf_vector[2]      0.044675 
_atom_sites.fract_transf_vector[3]      0.377349 
# 
loop_
_atom_type.symbol 
C  
MN 
N  
O  
P  
S  
# 
loop_
_atom_site.group_PDB 
_atom_site.id 
_atom_site.type_symbol 
_atom_site.label_atom_id 
_atom_site.label_alt_id 
_atom_site.label_comp_id 
_atom_site.label_asym_id 
_atom_site.label_entity_id 
_atom_site.label_seq_id 
_atom_site.pdbx_PDB_ins_code 
_atom_site.Cartn_x 
_atom_site.Cartn_y 
_atom_site.Cartn_z 
_atom_site.occupancy 
_atom_site.B_iso_or_equiv 
_atom_site.pdbx_formal_charge 
_atom_site.auth_seq_id 
_atom_site.auth_comp_id 
_atom_site.auth_asym_id 
_atom_site.auth_atom_id 
_atom_site.pdbx_PDB_model_num 
ATOM   1    N  N     . LEU A 1 4   ? 1.125   -16.620 -0.231  1.00 27.60 ? 4    LEU A N     1 
ATOM   2    C  CA    . LEU A 1 4   ? 1.335   -15.344 -0.977  1.00 25.81 ? 4    LEU A CA    1 
ATOM   3    C  C     . LEU A 1 4   ? 1.619   -14.182 -0.020  1.00 23.54 ? 4    LEU A C     1 
ATOM   4    O  O     . LEU A 1 4   ? 0.725   -13.723 0.686   1.00 24.60 ? 4    LEU A O     1 
ATOM   5    C  CB    . LEU A 1 4   ? 0.096   -15.046 -1.823  1.00 27.73 ? 4    LEU A CB    1 
ATOM   6    C  CG    . LEU A 1 4   ? 0.220   -14.011 -2.943  1.00 30.38 ? 4    LEU A CG    1 
ATOM   7    C  CD1   . LEU A 1 4   ? 1.362   -14.384 -3.877  1.00 30.37 ? 4    LEU A CD1   1 
ATOM   8    C  CD2   . LEU A 1 4   ? -1.093  -13.942 -3.712  1.00 31.42 ? 4    LEU A CD2   1 
ATOM   9    N  N     . GLN A 1 5   ? 2.871   -13.723 0.003   1.00 21.24 ? 5    GLN A N     1 
ATOM   10   C  CA    . GLN A 1 5   ? 3.301   -12.615 0.863   1.00 18.63 ? 5    GLN A CA    1 
ATOM   11   C  C     . GLN A 1 5   ? 3.231   -11.298 0.089   1.00 17.56 ? 5    GLN A C     1 
ATOM   12   O  O     . GLN A 1 5   ? 3.818   -11.168 -0.989  1.00 18.14 ? 5    GLN A O     1 
ATOM   13   C  CB    . GLN A 1 5   ? 4.744   -12.841 1.336   1.00 20.16 ? 5    GLN A CB    1 
ATOM   14   C  CG    . GLN A 1 5   ? 5.010   -14.191 2.010   1.00 18.70 ? 5    GLN A CG    1 
ATOM   15   C  CD    . GLN A 1 5   ? 4.326   -14.323 3.357   1.00 19.05 ? 5    GLN A CD    1 
ATOM   16   O  OE1   . GLN A 1 5   ? 4.650   -13.607 4.302   1.00 20.46 ? 5    GLN A OE1   1 
ATOM   17   N  NE2   . GLN A 1 5   ? 3.369   -15.238 3.449   1.00 18.02 ? 5    GLN A NE2   1 
ATOM   18   N  N     . ILE A 1 6   ? 2.532   -10.312 0.646   1.00 16.03 ? 6    ILE A N     1 
ATOM   19   C  CA    . ILE A 1 6   ? 2.368   -9.014  -0.016  1.00 13.28 ? 6    ILE A CA    1 
ATOM   20   C  C     . ILE A 1 6   ? 2.969   -7.823  0.744   1.00 12.49 ? 6    ILE A C     1 
ATOM   21   O  O     . ILE A 1 6   ? 2.740   -7.653  1.942   1.00 12.03 ? 6    ILE A O     1 
ATOM   22   C  CB    . ILE A 1 6   ? 0.863   -8.728  -0.261  1.00 10.51 ? 6    ILE A CB    1 
ATOM   23   C  CG1   . ILE A 1 6   ? 0.231   -9.913  -1.000  1.00 8.07  ? 6    ILE A CG1   1 
ATOM   24   C  CG2   . ILE A 1 6   ? 0.690   -7.428  -1.044  1.00 9.16  ? 6    ILE A CG2   1 
ATOM   25   C  CD1   . ILE A 1 6   ? 0.876   -10.230 -2.333  1.00 6.26  ? 6    ILE A CD1   1 
ATOM   26   N  N     . ALA A 1 7   ? 3.736   -7.002  0.033   1.00 11.11 ? 7    ALA A N     1 
ATOM   27   C  CA    . ALA A 1 7   ? 4.358   -5.818  0.630   1.00 11.06 ? 7    ALA A CA    1 
ATOM   28   C  C     . ALA A 1 7   ? 3.729   -4.563  0.012   1.00 9.27  ? 7    ALA A C     1 
ATOM   29   O  O     . ALA A 1 7   ? 3.672   -4.416  -1.213  1.00 8.69  ? 7    ALA A O     1 
ATOM   30   C  CB    . ALA A 1 7   ? 5.882   -5.830  0.390   1.00 9.45  ? 7    ALA A CB    1 
ATOM   31   N  N     . VAL A 1 8   ? 3.252   -3.666  0.866   1.00 7.17  ? 8    VAL A N     1 
ATOM   32   C  CA    . VAL A 1 8   ? 2.618   -2.439  0.407   1.00 4.65  ? 8    VAL A CA    1 
ATOM   33   C  C     . VAL A 1 8   ? 3.180   -1.239  1.150   1.00 5.58  ? 8    VAL A C     1 
ATOM   34   O  O     . VAL A 1 8   ? 3.640   -1.361  2.291   1.00 4.36  ? 8    VAL A O     1 
ATOM   35   C  CB    . VAL A 1 8   ? 1.090   -2.495  0.618   1.00 4.14  ? 8    VAL A CB    1 
ATOM   36   C  CG1   . VAL A 1 8   ? 0.513   -3.694  -0.114  1.00 1.22  ? 8    VAL A CG1   1 
ATOM   37   C  CG2   . VAL A 1 8   ? 0.768   -2.568  2.104   1.00 3.71  ? 8    VAL A CG2   1 
ATOM   38   N  N     . GLY A 1 9   ? 3.147   -0.081  0.493   1.00 6.22  ? 9    GLY A N     1 
ATOM   39   C  CA    . GLY A 1 9   ? 3.670   1.127   1.100   1.00 6.10  ? 9    GLY A CA    1 
ATOM   40   C  C     . GLY A 1 9   ? 2.628   2.177   1.444   1.00 8.24  ? 9    GLY A C     1 
ATOM   41   O  O     . GLY A 1 9   ? 1.918   2.676   0.574   1.00 10.26 ? 9    GLY A O     1 
ATOM   42   N  N     . ILE A 1 10  ? 2.527   2.498   2.728   1.00 9.17  ? 10   ILE A N     1 
ATOM   43   C  CA    . ILE A 1 10  ? 1.608   3.524   3.199   1.00 9.65  ? 10   ILE A CA    1 
ATOM   44   C  C     . ILE A 1 10  ? 2.416   4.822   3.096   1.00 11.66 ? 10   ILE A C     1 
ATOM   45   O  O     . ILE A 1 10  ? 3.178   5.177   3.994   1.00 11.34 ? 10   ILE A O     1 
ATOM   46   C  CB    . ILE A 1 10  ? 1.201   3.274   4.662   1.00 9.22  ? 10   ILE A CB    1 
ATOM   47   C  CG1   . ILE A 1 10  ? 0.457   1.942   4.765   1.00 8.15  ? 10   ILE A CG1   1 
ATOM   48   C  CG2   . ILE A 1 10  ? 0.335   4.415   5.165   1.00 8.21  ? 10   ILE A CG2   1 
ATOM   49   C  CD1   . ILE A 1 10  ? 0.216   1.486   6.181   1.00 7.03  ? 10   ILE A CD1   1 
ATOM   50   N  N     . ILE A 1 11  ? 2.243   5.505   1.971   1.00 13.55 ? 11   ILE A N     1 
ATOM   51   C  CA    . ILE A 1 11  ? 2.943   6.738   1.656   1.00 15.40 ? 11   ILE A CA    1 
ATOM   52   C  C     . ILE A 1 11  ? 2.205   7.969   2.161   1.00 18.98 ? 11   ILE A C     1 
ATOM   53   O  O     . ILE A 1 11  ? 1.110   8.276   1.683   1.00 20.47 ? 11   ILE A O     1 
ATOM   54   C  CB    . ILE A 1 11  ? 3.089   6.881   0.124   1.00 15.99 ? 11   ILE A CB    1 
ATOM   55   C  CG1   . ILE A 1 11  ? 3.495   5.527   -0.481  1.00 14.29 ? 11   ILE A CG1   1 
ATOM   56   C  CG2   . ILE A 1 11  ? 4.099   7.994   -0.208  1.00 14.80 ? 11   ILE A CG2   1 
ATOM   57   C  CD1   . ILE A 1 11  ? 3.408   5.469   -1.995  1.00 11.74 ? 11   ILE A CD1   1 
ATOM   58   N  N     . ARG A 1 12  ? 2.789   8.686   3.113   1.00 20.71 ? 12   ARG A N     1 
ATOM   59   C  CA    . ARG A 1 12  ? 2.123   9.886   3.596   1.00 22.16 ? 12   ARG A CA    1 
ATOM   60   C  C     . ARG A 1 12  ? 3.050   11.096  3.682   1.00 21.54 ? 12   ARG A C     1 
ATOM   61   O  O     . ARG A 1 12  ? 4.172   11.001  4.183   1.00 20.80 ? 12   ARG A O     1 
ATOM   62   C  CB    . ARG A 1 12  ? 1.458   9.629   4.950   1.00 24.54 ? 12   ARG A CB    1 
ATOM   63   C  CG    . ARG A 1 12  ? 2.380   9.635   6.134   1.00 24.09 ? 12   ARG A CG    1 
ATOM   64   C  CD    . ARG A 1 12  ? 1.583   9.962   7.379   1.00 27.35 ? 12   ARG A CD    1 
ATOM   65   N  NE    . ARG A 1 12  ? 2.430   9.975   8.564   1.00 34.02 ? 12   ARG A NE    1 
ATOM   66   C  CZ    . ARG A 1 12  ? 2.033   10.387  9.763   1.00 36.41 ? 12   ARG A CZ    1 
ATOM   67   N  NH1   . ARG A 1 12  ? 0.792   10.825  9.943   1.00 36.65 ? 12   ARG A NH1   1 
ATOM   68   N  NH2   . ARG A 1 12  ? 2.885   10.366  10.782  1.00 38.16 ? 12   ARG A NH2   1 
ATOM   69   N  N     . ASN A 1 13  ? 2.567   12.231  3.179   1.00 21.08 ? 13   ASN A N     1 
ATOM   70   C  CA    . ASN A 1 13  ? 3.339   13.467  3.187   1.00 20.70 ? 13   ASN A CA    1 
ATOM   71   C  C     . ASN A 1 13  ? 3.276   14.184  4.532   1.00 21.94 ? 13   ASN A C     1 
ATOM   72   O  O     . ASN A 1 13  ? 2.794   13.633  5.526   1.00 19.61 ? 13   ASN A O     1 
ATOM   73   C  CB    . ASN A 1 13  ? 2.865   14.414  2.077   1.00 19.25 ? 13   ASN A CB    1 
ATOM   74   C  CG    . ASN A 1 13  ? 1.372   14.750  2.164   1.00 19.01 ? 13   ASN A CG    1 
ATOM   75   O  OD1   . ASN A 1 13  ? 0.807   14.912  3.249   1.00 15.69 ? 13   ASN A OD1   1 
ATOM   76   N  ND2   . ASN A 1 13  ? 0.738   14.880  1.004   1.00 19.21 ? 13   ASN A ND2   1 
ATOM   77   N  N     . GLU A 1 14  ? 3.770   15.418  4.550   1.00 24.45 ? 14   GLU A N     1 
ATOM   78   C  CA    . GLU A 1 14  ? 3.789   16.229  5.764   1.00 28.16 ? 14   GLU A CA    1 
ATOM   79   C  C     . GLU A 1 14  ? 2.395   16.710  6.138   1.00 27.97 ? 14   GLU A C     1 
ATOM   80   O  O     . GLU A 1 14  ? 2.152   17.083  7.284   1.00 28.39 ? 14   GLU A O     1 
ATOM   81   C  CB    . GLU A 1 14  ? 4.700   17.440  5.573   1.00 31.11 ? 14   GLU A CB    1 
ATOM   82   C  CG    . GLU A 1 14  ? 6.077   17.088  5.056   1.00 37.63 ? 14   GLU A CG    1 
ATOM   83   C  CD    . GLU A 1 14  ? 6.932   18.312  4.792   1.00 41.22 ? 14   GLU A CD    1 
ATOM   84   O  OE1   . GLU A 1 14  ? 6.439   19.258  4.134   1.00 41.13 ? 14   GLU A OE1   1 
ATOM   85   O  OE2   . GLU A 1 14  ? 8.101   18.319  5.237   1.00 43.63 ? 14   GLU A OE2   1 
ATOM   86   N  N     . ASN A 1 15  ? 1.487   16.702  5.167   1.00 28.05 ? 15   ASN A N     1 
ATOM   87   C  CA    . ASN A 1 15  ? 0.113   17.147  5.387   1.00 27.90 ? 15   ASN A CA    1 
ATOM   88   C  C     . ASN A 1 15  ? -0.812  16.043  5.865   1.00 25.83 ? 15   ASN A C     1 
ATOM   89   O  O     . ASN A 1 15  ? -2.025  16.126  5.690   1.00 24.83 ? 15   ASN A O     1 
ATOM   90   C  CB    . ASN A 1 15  ? -0.450  17.748  4.107   1.00 31.84 ? 15   ASN A CB    1 
ATOM   91   C  CG    . ASN A 1 15  ? 0.241   19.033  3.720   1.00 36.44 ? 15   ASN A CG    1 
ATOM   92   O  OD1   . ASN A 1 15  ? 0.074   19.527  2.601   1.00 40.13 ? 15   ASN A OD1   1 
ATOM   93   N  ND2   . ASN A 1 15  ? 1.017   19.592  4.648   1.00 36.32 ? 15   ASN A ND2   1 
ATOM   94   N  N     . ASN A 1 16  ? -0.240  15.003  6.457   1.00 24.34 ? 16   ASN A N     1 
ATOM   95   C  CA    . ASN A 1 16  ? -1.040  13.904  6.974   1.00 23.15 ? 16   ASN A CA    1 
ATOM   96   C  C     . ASN A 1 16  ? -1.982  13.330  5.904   1.00 21.15 ? 16   ASN A C     1 
ATOM   97   O  O     . ASN A 1 16  ? -3.124  12.952  6.180   1.00 19.02 ? 16   ASN A O     1 
ATOM   98   C  CB    . ASN A 1 16  ? -1.829  14.395  8.193   1.00 24.49 ? 16   ASN A CB    1 
ATOM   99   C  CG    . ASN A 1 16  ? -2.509  13.273  8.935   1.00 29.12 ? 16   ASN A CG    1 
ATOM   100  O  OD1   . ASN A 1 16  ? -1.862  12.325  9.389   1.00 30.45 ? 16   ASN A OD1   1 
ATOM   101  N  ND2   . ASN A 1 16  ? -3.827  13.369  9.067   1.00 32.82 ? 16   ASN A ND2   1 
ATOM   102  N  N     . GLU A 1 17  ? -1.491  13.279  4.672   1.00 20.22 ? 17   GLU A N     1 
ATOM   103  C  CA    . GLU A 1 17  ? -2.256  12.737  3.555   1.00 20.58 ? 17   GLU A CA    1 
ATOM   104  C  C     . GLU A 1 17  ? -1.502  11.512  3.073   1.00 20.59 ? 17   GLU A C     1 
ATOM   105  O  O     . GLU A 1 17  ? -0.277  11.453  3.192   1.00 21.36 ? 17   GLU A O     1 
ATOM   106  C  CB    . GLU A 1 17  ? -2.346  13.748  2.408   1.00 20.28 ? 17   GLU A CB    1 
ATOM   107  C  CG    . GLU A 1 17  ? -3.282  14.921  2.646   1.00 20.42 ? 17   GLU A CG    1 
ATOM   108  C  CD    . GLU A 1 17  ? -3.015  16.075  1.689   1.00 20.21 ? 17   GLU A CD    1 
ATOM   109  O  OE1   . GLU A 1 17  ? -3.858  16.993  1.616   1.00 19.75 ? 17   GLU A OE1   1 
ATOM   110  O  OE2   . GLU A 1 17  ? -1.958  16.069  1.016   1.00 18.06 ? 17   GLU A OE2   1 
ATOM   111  N  N     . ILE A 1 18  ? -2.224  10.535  2.537   1.00 18.80 ? 18   ILE A N     1 
ATOM   112  C  CA    . ILE A 1 18  ? -1.584  9.327   2.036   1.00 18.12 ? 18   ILE A CA    1 
ATOM   113  C  C     . ILE A 1 18  ? -1.821  9.226   0.532   1.00 16.77 ? 18   ILE A C     1 
ATOM   114  O  O     . ILE A 1 18  ? -2.835  9.713   0.026   1.00 16.25 ? 18   ILE A O     1 
ATOM   115  C  CB    . ILE A 1 18  ? -2.129  8.054   2.756   1.00 19.03 ? 18   ILE A CB    1 
ATOM   116  C  CG1   . ILE A 1 18  ? -1.693  8.051   4.229   1.00 19.06 ? 18   ILE A CG1   1 
ATOM   117  C  CG2   . ILE A 1 18  ? -1.594  6.796   2.085   1.00 17.11 ? 18   ILE A CG2   1 
ATOM   118  C  CD1   . ILE A 1 18  ? -2.369  9.096   5.095   1.00 20.38 ? 18   ILE A CD1   1 
ATOM   119  N  N     . PHE A 1 19  ? -0.872  8.624   -0.182  1.00 13.88 ? 19   PHE A N     1 
ATOM   120  C  CA    . PHE A 1 19  ? -1.002  8.468   -1.622  1.00 11.27 ? 19   PHE A CA    1 
ATOM   121  C  C     . PHE A 1 19  ? -1.662  7.135   -1.907  1.00 11.10 ? 19   PHE A C     1 
ATOM   122  O  O     . PHE A 1 19  ? -1.069  6.077   -1.691  1.00 9.18  ? 19   PHE A O     1 
ATOM   123  C  CB    . PHE A 1 19  ? 0.352   8.513   -2.312  1.00 10.62 ? 19   PHE A CB    1 
ATOM   124  C  CG    . PHE A 1 19  ? 0.251   8.534   -3.804  1.00 8.61  ? 19   PHE A CG    1 
ATOM   125  C  CD1   . PHE A 1 19  ? 0.025   9.729   -4.477  1.00 5.62  ? 19   PHE A CD1   1 
ATOM   126  C  CD2   . PHE A 1 19  ? 0.336   7.347   -4.540  1.00 9.21  ? 19   PHE A CD2   1 
ATOM   127  C  CE1   . PHE A 1 19  ? -0.115  9.750   -5.864  1.00 6.66  ? 19   PHE A CE1   1 
ATOM   128  C  CE2   . PHE A 1 19  ? 0.198   7.352   -5.933  1.00 6.20  ? 19   PHE A CE2   1 
ATOM   129  C  CZ    . PHE A 1 19  ? -0.028  8.560   -6.596  1.00 6.08  ? 19   PHE A CZ    1 
ATOM   130  N  N     . ILE A 1 20  ? -2.887  7.205   -2.414  1.00 10.97 ? 20   ILE A N     1 
ATOM   131  C  CA    . ILE A 1 20  ? -3.695  6.032   -2.703  1.00 9.71  ? 20   ILE A CA    1 
ATOM   132  C  C     . ILE A 1 20  ? -3.912  5.797   -4.185  1.00 9.54  ? 20   ILE A C     1 
ATOM   133  O  O     . ILE A 1 20  ? -3.970  6.743   -4.971  1.00 12.35 ? 20   ILE A O     1 
ATOM   134  C  CB    . ILE A 1 20  ? -5.070  6.177   -2.022  1.00 10.71 ? 20   ILE A CB    1 
ATOM   135  C  CG1   . ILE A 1 20  ? -4.876  6.456   -0.526  1.00 11.81 ? 20   ILE A CG1   1 
ATOM   136  C  CG2   . ILE A 1 20  ? -5.915  4.937   -2.259  1.00 11.52 ? 20   ILE A CG2   1 
ATOM   137  C  CD1   . ILE A 1 20  ? -4.080  5.382   0.222   1.00 11.30 ? 20   ILE A CD1   1 
ATOM   138  N  N     . THR A 1 21  ? -4.042  4.531   -4.563  1.00 7.87  ? 21   THR A N     1 
ATOM   139  C  CA    . THR A 1 21  ? -4.282  4.163   -5.951  1.00 7.81  ? 21   THR A CA    1 
ATOM   140  C  C     . THR A 1 21  ? -5.499  3.238   -6.023  1.00 9.23  ? 21   THR A C     1 
ATOM   141  O  O     . THR A 1 21  ? -5.855  2.594   -5.033  1.00 9.53  ? 21   THR A O     1 
ATOM   142  C  CB    . THR A 1 21  ? -3.038  3.463   -6.571  1.00 8.50  ? 21   THR A CB    1 
ATOM   143  O  OG1   . THR A 1 21  ? -2.575  2.422   -5.695  1.00 7.78  ? 21   THR A OG1   1 
ATOM   144  C  CG2   . THR A 1 21  ? -1.914  4.475   -6.797  1.00 4.01  ? 21   THR A CG2   1 
ATOM   145  N  N     . ARG A 1 22  ? -6.156  3.182   -7.179  1.00 10.54 ? 22   ARG A N     1 
ATOM   146  C  CA    . ARG A 1 22  ? -7.327  2.321   -7.321  1.00 10.26 ? 22   ARG A CA    1 
ATOM   147  C  C     . ARG A 1 22  ? -7.001  1.116   -8.195  1.00 9.92  ? 22   ARG A C     1 
ATOM   148  O  O     . ARG A 1 22  ? -6.321  1.237   -9.214  1.00 8.93  ? 22   ARG A O     1 
ATOM   149  C  CB    . ARG A 1 22  ? -8.510  3.098   -7.905  1.00 9.70  ? 22   ARG A CB    1 
ATOM   150  C  CG    . ARG A 1 22  ? -9.834  2.349   -7.811  1.00 9.13  ? 22   ARG A CG    1 
ATOM   151  C  CD    . ARG A 1 22  ? -10.975 3.197   -8.335  1.00 9.35  ? 22   ARG A CD    1 
ATOM   152  N  NE    . ARG A 1 22  ? -11.228 4.371   -7.501  1.00 9.96  ? 22   ARG A NE    1 
ATOM   153  C  CZ    . ARG A 1 22  ? -11.988 4.373   -6.408  1.00 8.56  ? 22   ARG A CZ    1 
ATOM   154  N  NH1   . ARG A 1 22  ? -12.586 3.263   -6.000  1.00 9.07  ? 22   ARG A NH1   1 
ATOM   155  N  NH2   . ARG A 1 22  ? -12.156 5.491   -5.719  1.00 10.39 ? 22   ARG A NH2   1 
ATOM   156  N  N     . ARG A 1 23  ? -7.486  -0.047  -7.779  1.00 9.21  ? 23   ARG A N     1 
ATOM   157  C  CA    . ARG A 1 23  ? -7.225  -1.279  -8.498  1.00 10.04 ? 23   ARG A CA    1 
ATOM   158  C  C     . ARG A 1 23  ? -8.088  -1.443  -9.738  1.00 11.27 ? 23   ARG A C     1 
ATOM   159  O  O     . ARG A 1 23  ? -9.267  -1.076  -9.749  1.00 11.10 ? 23   ARG A O     1 
ATOM   160  C  CB    . ARG A 1 23  ? -7.415  -2.477  -7.563  1.00 8.26  ? 23   ARG A CB    1 
ATOM   161  C  CG    . ARG A 1 23  ? -6.485  -2.445  -6.371  1.00 7.71  ? 23   ARG A CG    1 
ATOM   162  C  CD    . ARG A 1 23  ? -6.793  -3.561  -5.389  1.00 7.57  ? 23   ARG A CD    1 
ATOM   163  N  NE    . ARG A 1 23  ? -6.562  -4.875  -5.978  1.00 7.28  ? 23   ARG A NE    1 
ATOM   164  C  CZ    . ARG A 1 23  ? -5.362  -5.383  -6.239  1.00 8.31  ? 23   ARG A CZ    1 
ATOM   165  N  NH1   . ARG A 1 23  ? -4.259  -4.689  -5.957  1.00 6.83  ? 23   ARG A NH1   1 
ATOM   166  N  NH2   . ARG A 1 23  ? -5.268  -6.587  -6.788  1.00 6.70  ? 23   ARG A NH2   1 
ATOM   167  N  N     . ALA A 1 24  ? -7.476  -2.003  -10.778 1.00 11.98 ? 24   ALA A N     1 
ATOM   168  C  CA    . ALA A 1 24  ? -8.137  -2.247  -12.052 1.00 14.17 ? 24   ALA A CA    1 
ATOM   169  C  C     . ALA A 1 24  ? -9.456  -2.993  -11.856 1.00 15.47 ? 24   ALA A C     1 
ATOM   170  O  O     . ALA A 1 24  ? -9.633  -3.723  -10.886 1.00 14.90 ? 24   ALA A O     1 
ATOM   171  C  CB    . ALA A 1 24  ? -7.212  -3.043  -12.962 1.00 13.27 ? 24   ALA A CB    1 
ATOM   172  N  N     . ALA A 1 25  ? -10.374 -2.806  -12.796 1.00 17.72 ? 25   ALA A N     1 
ATOM   173  C  CA    . ALA A 1 25  ? -11.683 -3.444  -12.730 1.00 18.33 ? 25   ALA A CA    1 
ATOM   174  C  C     . ALA A 1 25  ? -11.648 -4.963  -12.895 1.00 18.40 ? 25   ALA A C     1 
ATOM   175  O  O     . ALA A 1 25  ? -12.642 -5.633  -12.616 1.00 18.33 ? 25   ALA A O     1 
ATOM   176  C  CB    . ALA A 1 25  ? -12.604 -2.833  -13.780 1.00 17.70 ? 25   ALA A CB    1 
ATOM   177  N  N     . ASP A 1 26  ? -10.515 -5.507  -13.334 1.00 18.36 ? 26   ASP A N     1 
ATOM   178  C  CA    . ASP A 1 26  ? -10.412 -6.949  -13.535 1.00 19.09 ? 26   ASP A CA    1 
ATOM   179  C  C     . ASP A 1 26  ? -9.341  -7.636  -12.699 1.00 19.49 ? 26   ASP A C     1 
ATOM   180  O  O     . ASP A 1 26  ? -8.910  -8.751  -13.011 1.00 20.84 ? 26   ASP A O     1 
ATOM   181  C  CB    . ASP A 1 26  ? -10.175 -7.255  -15.015 1.00 21.49 ? 26   ASP A CB    1 
ATOM   182  C  CG    . ASP A 1 26  ? -8.964  -6.541  -15.567 1.00 24.69 ? 26   ASP A CG    1 
ATOM   183  O  OD1   . ASP A 1 26  ? -8.664  -6.727  -16.766 1.00 28.19 ? 26   ASP A OD1   1 
ATOM   184  O  OD2   . ASP A 1 26  ? -8.313  -5.792  -14.809 1.00 26.03 ? 26   ASP A OD2   1 
ATOM   185  N  N     . ALA A 1 27  ? -8.917  -6.974  -11.631 1.00 18.90 ? 27   ALA A N     1 
ATOM   186  C  CA    . ALA A 1 27  ? -7.914  -7.535  -10.737 1.00 16.97 ? 27   ALA A CA    1 
ATOM   187  C  C     . ALA A 1 27  ? -8.629  -8.053  -9.490  1.00 18.16 ? 27   ALA A C     1 
ATOM   188  O  O     . ALA A 1 27  ? -9.800  -7.725  -9.259  1.00 19.23 ? 27   ALA A O     1 
ATOM   189  C  CB    . ALA A 1 27  ? -6.911  -6.461  -10.350 1.00 15.15 ? 27   ALA A CB    1 
ATOM   190  N  N     . HIS A 1 28  ? -7.943  -8.881  -8.702  1.00 17.08 ? 28   HIS A N     1 
ATOM   191  C  CA    . HIS A 1 28  ? -8.515  -9.385  -7.462  1.00 14.68 ? 28   HIS A CA    1 
ATOM   192  C  C     . HIS A 1 28  ? -8.777  -8.105  -6.677  1.00 14.48 ? 28   HIS A C     1 
ATOM   193  O  O     . HIS A 1 28  ? -7.982  -7.164  -6.744  1.00 12.46 ? 28   HIS A O     1 
ATOM   194  C  CB    . HIS A 1 28  ? -7.502  -10.272 -6.732  1.00 16.96 ? 28   HIS A CB    1 
ATOM   195  C  CG    . HIS A 1 28  ? -7.969  -10.758 -5.394  1.00 20.26 ? 28   HIS A CG    1 
ATOM   196  N  ND1   . HIS A 1 28  ? -7.579  -10.170 -4.209  1.00 23.21 ? 28   HIS A ND1   1 
ATOM   197  C  CD2   . HIS A 1 28  ? -8.798  -11.775 -5.053  1.00 21.09 ? 28   HIS A CD2   1 
ATOM   198  C  CE1   . HIS A 1 28  ? -8.144  -10.805 -3.196  1.00 23.98 ? 28   HIS A CE1   1 
ATOM   199  N  NE2   . HIS A 1 28  ? -8.889  -11.783 -3.681  1.00 22.59 ? 28   HIS A NE2   1 
ATOM   200  N  N     . MET A 1 29  ? -9.885  -8.056  -5.950  1.00 14.13 ? 29   MET A N     1 
ATOM   201  C  CA    . MET A 1 29  ? -10.238 -6.855  -5.203  1.00 13.71 ? 29   MET A CA    1 
ATOM   202  C  C     . MET A 1 29  ? -10.274 -5.671  -6.176  1.00 14.19 ? 29   MET A C     1 
ATOM   203  O  O     . MET A 1 29  ? -9.688  -4.613  -5.920  1.00 14.01 ? 29   MET A O     1 
ATOM   204  C  CB    . MET A 1 29  ? -9.228  -6.609  -4.081  1.00 12.54 ? 29   MET A CB    1 
ATOM   205  C  CG    . MET A 1 29  ? -9.344  -7.610  -2.939  1.00 13.82 ? 29   MET A CG    1 
ATOM   206  S  SD    . MET A 1 29  ? -11.049 -7.695  -2.289  1.00 16.20 ? 29   MET A SD    1 
ATOM   207  C  CE    . MET A 1 29  ? -11.017 -6.419  -1.226  1.00 12.35 ? 29   MET A CE    1 
ATOM   208  N  N     . ALA A 1 30  ? -10.983 -5.866  -7.290  1.00 13.66 ? 30   ALA A N     1 
ATOM   209  C  CA    . ALA A 1 30  ? -11.118 -4.852  -8.335  1.00 14.45 ? 30   ALA A CA    1 
ATOM   210  C  C     . ALA A 1 30  ? -11.833 -3.570  -7.911  1.00 14.41 ? 30   ALA A C     1 
ATOM   211  O  O     . ALA A 1 30  ? -12.773 -3.603  -7.113  1.00 14.72 ? 30   ALA A O     1 
ATOM   212  C  CB    . ALA A 1 30  ? -11.825 -5.452  -9.541  1.00 15.31 ? 30   ALA A CB    1 
ATOM   213  N  N     . ASN A 1 31  ? -11.370 -2.449  -8.465  1.00 14.64 ? 31   ASN A N     1 
ATOM   214  C  CA    . ASN A 1 31  ? -11.940 -1.126  -8.188  1.00 15.29 ? 31   ASN A CA    1 
ATOM   215  C  C     . ASN A 1 31  ? -11.708 -0.607  -6.768  1.00 14.61 ? 31   ASN A C     1 
ATOM   216  O  O     . ASN A 1 31  ? -12.091 0.519   -6.453  1.00 13.34 ? 31   ASN A O     1 
ATOM   217  C  CB    . ASN A 1 31  ? -13.447 -1.141  -8.484  1.00 14.80 ? 31   ASN A CB    1 
ATOM   218  C  CG    . ASN A 1 31  ? -13.757 -1.539  -9.917  1.00 16.03 ? 31   ASN A CG    1 
ATOM   219  O  OD1   . ASN A 1 31  ? -14.756 -2.209  -10.185 1.00 14.72 ? 31   ASN A OD1   1 
ATOM   220  N  ND2   . ASN A 1 31  ? -12.909 -1.114  -10.847 1.00 17.10 ? 31   ASN A ND2   1 
ATOM   221  N  N     . LYS A 1 32  ? -11.076 -1.428  -5.930  1.00 14.39 ? 32   LYS A N     1 
ATOM   222  C  CA    . LYS A 1 32  ? -10.806 -1.080  -4.533  1.00 14.58 ? 32   LYS A CA    1 
ATOM   223  C  C     . LYS A 1 32  ? -9.636  -0.114  -4.368  1.00 14.86 ? 32   LYS A C     1 
ATOM   224  O  O     . LYS A 1 32  ? -8.671  -0.154  -5.140  1.00 13.75 ? 32   LYS A O     1 
ATOM   225  C  CB    . LYS A 1 32  ? -10.506 -2.346  -3.712  1.00 15.95 ? 32   LYS A CB    1 
ATOM   226  C  CG    . LYS A 1 32  ? -11.695 -3.268  -3.481  1.00 18.15 ? 32   LYS A CG    1 
ATOM   227  C  CD    . LYS A 1 32  ? -12.835 -2.536  -2.788  1.00 22.74 ? 32   LYS A CD    1 
ATOM   228  C  CE    . LYS A 1 32  ? -13.911 -3.498  -2.327  1.00 23.84 ? 32   LYS A CE    1 
ATOM   229  N  NZ    . LYS A 1 32  ? -13.367 -4.462  -1.334  1.00 26.27 ? 32   LYS A NZ    1 
ATOM   230  N  N     . LEU A 1 33  ? -9.732  0.778   -3.388  1.00 14.31 ? 33   LEU A N     1 
ATOM   231  C  CA    . LEU A 1 33  ? -8.621  1.680   -3.120  1.00 15.29 ? 33   LEU A CA    1 
ATOM   232  C  C     . LEU A 1 33  ? -7.515  0.773   -2.550  1.00 15.74 ? 33   LEU A C     1 
ATOM   233  O  O     . LEU A 1 33  ? -7.789  -0.360  -2.137  1.00 14.35 ? 33   LEU A O     1 
ATOM   234  C  CB    . LEU A 1 33  ? -9.023  2.761   -2.109  1.00 12.24 ? 33   LEU A CB    1 
ATOM   235  C  CG    . LEU A 1 33  ? -9.976  3.832   -2.653  1.00 12.51 ? 33   LEU A CG    1 
ATOM   236  C  CD1   . LEU A 1 33  ? -10.208 4.883   -1.581  1.00 7.97  ? 33   LEU A CD1   1 
ATOM   237  C  CD2   . LEU A 1 33  ? -9.394  4.480   -3.925  1.00 9.67  ? 33   LEU A CD2   1 
ATOM   238  N  N     . GLU A 1 34  ? -6.272  1.242   -2.536  1.00 14.83 ? 34   GLU A N     1 
ATOM   239  C  CA    . GLU A 1 34  ? -5.190  0.397   -2.044  1.00 15.65 ? 34   GLU A CA    1 
ATOM   240  C  C     . GLU A 1 34  ? -3.921  1.181   -1.783  1.00 15.82 ? 34   GLU A C     1 
ATOM   241  O  O     . GLU A 1 34  ? -3.796  2.335   -2.195  1.00 17.93 ? 34   GLU A O     1 
ATOM   242  C  CB    . GLU A 1 34  ? -4.862  -0.672  -3.083  1.00 14.92 ? 34   GLU A CB    1 
ATOM   243  C  CG    . GLU A 1 34  ? -4.374  -0.046  -4.379  1.00 15.17 ? 34   GLU A CG    1 
ATOM   244  C  CD    . GLU A 1 34  ? -3.613  -0.997  -5.290  1.00 16.65 ? 34   GLU A CD    1 
ATOM   245  O  OE1   . GLU A 1 34  ? -3.152  -0.512  -6.346  1.00 16.79 ? 34   GLU A OE1   1 
ATOM   246  O  OE2   . GLU A 1 34  ? -3.474  -2.203  -4.966  1.00 12.09 ? 34   GLU A OE2   1 
ATOM   247  N  N     . PHE A 1 35  ? -2.987  0.539   -1.087  1.00 14.39 ? 35   PHE A N     1 
ATOM   248  C  CA    . PHE A 1 35  ? -1.678  1.121   -0.822  1.00 14.43 ? 35   PHE A CA    1 
ATOM   249  C  C     . PHE A 1 35  ? -0.844  0.466   -1.911  1.00 15.21 ? 35   PHE A C     1 
ATOM   250  O  O     . PHE A 1 35  ? -0.920  -0.743  -2.096  1.00 16.03 ? 35   PHE A O     1 
ATOM   251  C  CB    . PHE A 1 35  ? -1.137  0.687   0.544   1.00 11.82 ? 35   PHE A CB    1 
ATOM   252  C  CG    . PHE A 1 35  ? -1.952  1.169   1.710   1.00 10.09 ? 35   PHE A CG    1 
ATOM   253  C  CD1   . PHE A 1 35  ? -2.117  2.528   1.945   1.00 6.75  ? 35   PHE A CD1   1 
ATOM   254  C  CD2   . PHE A 1 35  ? -2.544  0.260   2.581   1.00 9.34  ? 35   PHE A CD2   1 
ATOM   255  C  CE1   . PHE A 1 35  ? -2.860  2.980   3.033   1.00 9.43  ? 35   PHE A CE1   1 
ATOM   256  C  CE2   . PHE A 1 35  ? -3.291  0.698   3.674   1.00 10.08 ? 35   PHE A CE2   1 
ATOM   257  C  CZ    . PHE A 1 35  ? -3.452  2.060   3.903   1.00 9.14  ? 35   PHE A CZ    1 
ATOM   258  N  N     . PRO A 1 36  ? -0.054  1.243   -2.664  1.00 16.40 ? 36   PRO A N     1 
ATOM   259  C  CA    . PRO A 1 36  ? 0.725   0.552   -3.700  1.00 15.72 ? 36   PRO A CA    1 
ATOM   260  C  C     . PRO A 1 36  ? 1.519   -0.625  -3.118  1.00 15.78 ? 36   PRO A C     1 
ATOM   261  O  O     . PRO A 1 36  ? 2.082   -0.533  -2.024  1.00 14.00 ? 36   PRO A O     1 
ATOM   262  C  CB    . PRO A 1 36  ? 1.619   1.657   -4.246  1.00 15.47 ? 36   PRO A CB    1 
ATOM   263  C  CG    . PRO A 1 36  ? 0.757   2.902   -4.054  1.00 14.69 ? 36   PRO A CG    1 
ATOM   264  C  CD    . PRO A 1 36  ? 0.198   2.695   -2.674  1.00 14.70 ? 36   PRO A CD    1 
ATOM   265  N  N     . GLY A 1 37  ? 1.545   -1.734  -3.849  1.00 16.29 ? 37   GLY A N     1 
ATOM   266  C  CA    . GLY A 1 37  ? 2.267   -2.905  -3.384  1.00 16.08 ? 37   GLY A CA    1 
ATOM   267  C  C     . GLY A 1 37  ? 2.167   -4.091  -4.323  1.00 15.51 ? 37   GLY A C     1 
ATOM   268  O  O     . GLY A 1 37  ? 1.486   -4.047  -5.342  1.00 15.40 ? 37   GLY A O     1 
ATOM   269  N  N     . GLY A 1 38  ? 2.845   -5.172  -3.971  1.00 16.16 ? 38   GLY A N     1 
ATOM   270  C  CA    . GLY A 1 38  ? 2.814   -6.347  -4.815  1.00 17.90 ? 38   GLY A CA    1 
ATOM   271  C  C     . GLY A 1 38  ? 3.453   -7.537  -4.136  1.00 18.54 ? 38   GLY A C     1 
ATOM   272  O  O     . GLY A 1 38  ? 3.963   -7.433  -3.019  1.00 18.69 ? 38   GLY A O     1 
ATOM   273  N  N     . LYS A 1 39  ? 3.431   -8.670  -4.824  1.00 18.51 ? 39   LYS A N     1 
ATOM   274  C  CA    . LYS A 1 39  ? 3.984   -9.907  -4.300  1.00 20.27 ? 39   LYS A CA    1 
ATOM   275  C  C     . LYS A 1 39  ? 5.483   -9.850  -3.999  1.00 20.41 ? 39   LYS A C     1 
ATOM   276  O  O     . LYS A 1 39  ? 6.268   -9.354  -4.809  1.00 18.86 ? 39   LYS A O     1 
ATOM   277  C  CB    . LYS A 1 39  ? 3.711   -11.037 -5.294  1.00 20.74 ? 39   LYS A CB    1 
ATOM   278  C  CG    . LYS A 1 39  ? 4.224   -12.398 -4.865  1.00 24.31 ? 39   LYS A CG    1 
ATOM   279  C  CD    . LYS A 1 39  ? 4.058   -13.411 -5.989  1.00 28.34 ? 39   LYS A CD    1 
ATOM   280  C  CE    . LYS A 1 39  ? 4.496   -14.808 -5.565  1.00 30.60 ? 39   LYS A CE    1 
ATOM   281  N  NZ    . LYS A 1 39  ? 5.923   -14.846 -5.134  1.00 33.08 ? 39   LYS A NZ    1 
ATOM   282  N  N     . ILE A 1 40  ? 5.867   -10.356 -2.827  1.00 20.37 ? 40   ILE A N     1 
ATOM   283  C  CA    . ILE A 1 40  ? 7.275   -10.418 -2.430  1.00 21.35 ? 40   ILE A CA    1 
ATOM   284  C  C     . ILE A 1 40  ? 7.842   -11.639 -3.160  1.00 22.28 ? 40   ILE A C     1 
ATOM   285  O  O     . ILE A 1 40  ? 7.516   -12.780 -2.825  1.00 22.90 ? 40   ILE A O     1 
ATOM   286  C  CB    . ILE A 1 40  ? 7.434   -10.641 -0.910  1.00 20.04 ? 40   ILE A CB    1 
ATOM   287  C  CG1   . ILE A 1 40  ? 6.811   -9.475  -0.138  1.00 20.14 ? 40   ILE A CG1   1 
ATOM   288  C  CG2   . ILE A 1 40  ? 8.910   -10.793 -0.558  1.00 19.21 ? 40   ILE A CG2   1 
ATOM   289  C  CD1   . ILE A 1 40  ? 6.741   -9.703  1.363   1.00 18.89 ? 40   ILE A CD1   1 
ATOM   290  N  N     . GLU A 1 41  ? 8.687   -11.395 -4.153  1.00 23.04 ? 41   GLU A N     1 
ATOM   291  C  CA    . GLU A 1 41  ? 9.266   -12.464 -4.957  1.00 24.87 ? 41   GLU A CA    1 
ATOM   292  C  C     . GLU A 1 41  ? 10.365  -13.284 -4.289  1.00 24.37 ? 41   GLU A C     1 
ATOM   293  O  O     . GLU A 1 41  ? 10.963  -12.869 -3.291  1.00 24.75 ? 41   GLU A O     1 
ATOM   294  C  CB    . GLU A 1 41  ? 9.780   -11.874 -6.269  1.00 27.76 ? 41   GLU A CB    1 
ATOM   295  C  CG    . GLU A 1 41  ? 8.668   -11.325 -7.154  1.00 33.28 ? 41   GLU A CG    1 
ATOM   296  C  CD    . GLU A 1 41  ? 9.158   -10.250 -8.107  1.00 37.25 ? 41   GLU A CD    1 
ATOM   297  O  OE1   . GLU A 1 41  ? 10.215  -10.457 -8.748  1.00 40.29 ? 41   GLU A OE1   1 
ATOM   298  O  OE2   . GLU A 1 41  ? 8.483   -9.201  -8.218  1.00 37.23 ? 41   GLU A OE2   1 
ATOM   299  N  N     . MET A 1 42  ? 10.623  -14.459 -4.852  1.00 23.98 ? 42   MET A N     1 
ATOM   300  C  CA    . MET A 1 42  ? 11.642  -15.357 -4.331  1.00 24.96 ? 42   MET A CA    1 
ATOM   301  C  C     . MET A 1 42  ? 13.019  -14.688 -4.361  1.00 23.07 ? 42   MET A C     1 
ATOM   302  O  O     . MET A 1 42  ? 13.323  -13.898 -5.257  1.00 22.88 ? 42   MET A O     1 
ATOM   303  C  CB    . MET A 1 42  ? 11.661  -16.647 -5.161  1.00 28.95 ? 42   MET A CB    1 
ATOM   304  C  CG    . MET A 1 42  ? 12.526  -17.758 -4.589  1.00 34.62 ? 42   MET A CG    1 
ATOM   305  S  SD    . MET A 1 42  ? 11.967  -18.337 -2.963  1.00 42.87 ? 42   MET A SD    1 
ATOM   306  C  CE    . MET A 1 42  ? 11.007  -19.804 -3.426  1.00 41.73 ? 42   MET A CE    1 
ATOM   307  N  N     . GLY A 1 43  ? 13.846  -14.999 -3.369  1.00 20.66 ? 43   GLY A N     1 
ATOM   308  C  CA    . GLY A 1 43  ? 15.177  -14.420 -3.308  1.00 19.29 ? 43   GLY A CA    1 
ATOM   309  C  C     . GLY A 1 43  ? 15.164  -12.940 -2.989  1.00 17.72 ? 43   GLY A C     1 
ATOM   310  O  O     . GLY A 1 43  ? 16.159  -12.234 -3.182  1.00 16.05 ? 43   GLY A O     1 
ATOM   311  N  N     . GLU A 1 44  ? 14.033  -12.480 -2.468  1.00 16.80 ? 44   GLU A N     1 
ATOM   312  C  CA    . GLU A 1 44  ? 13.841  -11.079 -2.127  1.00 15.47 ? 44   GLU A CA    1 
ATOM   313  C  C     . GLU A 1 44  ? 13.285  -10.951 -0.709  1.00 14.74 ? 44   GLU A C     1 
ATOM   314  O  O     . GLU A 1 44  ? 12.531  -11.811 -0.257  1.00 16.43 ? 44   GLU A O     1 
ATOM   315  C  CB    . GLU A 1 44  ? 12.863  -10.485 -3.137  1.00 16.63 ? 44   GLU A CB    1 
ATOM   316  C  CG    . GLU A 1 44  ? 12.563  -9.021  -3.014  1.00 14.22 ? 44   GLU A CG    1 
ATOM   317  C  CD    . GLU A 1 44  ? 11.601  -8.579  -4.099  1.00 14.59 ? 44   GLU A CD    1 
ATOM   318  O  OE1   . GLU A 1 44  ? 10.463  -9.099  -4.134  1.00 13.42 ? 44   GLU A OE1   1 
ATOM   319  O  OE2   . GLU A 1 44  ? 11.984  -7.725  -4.922  1.00 13.84 ? 44   GLU A OE2   1 
ATOM   320  N  N     . THR A 1 45  ? 13.657  -9.889  -0.004  1.00 12.52 ? 45   THR A N     1 
ATOM   321  C  CA    . THR A 1 45  ? 13.157  -9.685  1.352   1.00 12.44 ? 45   THR A CA    1 
ATOM   322  C  C     . THR A 1 45  ? 11.939  -8.763  1.303   1.00 14.39 ? 45   THR A C     1 
ATOM   323  O  O     . THR A 1 45  ? 11.714  -8.071  0.308   1.00 16.34 ? 45   THR A O     1 
ATOM   324  C  CB    . THR A 1 45  ? 14.220  -9.024  2.259   1.00 10.77 ? 45   THR A CB    1 
ATOM   325  O  OG1   . THR A 1 45  ? 14.445  -7.682  1.825   1.00 7.69  ? 45   THR A OG1   1 
ATOM   326  C  CG2   . THR A 1 45  ? 15.536  -9.793  2.202   1.00 9.07  ? 45   THR A CG2   1 
ATOM   327  N  N     . PRO A 1 46  ? 11.123  -8.755  2.366   1.00 15.07 ? 46   PRO A N     1 
ATOM   328  C  CA    . PRO A 1 46  ? 9.957   -7.866  2.331   1.00 14.96 ? 46   PRO A CA    1 
ATOM   329  C  C     . PRO A 1 46  ? 10.344  -6.383  2.208   1.00 14.21 ? 46   PRO A C     1 
ATOM   330  O  O     . PRO A 1 46  ? 9.608   -5.592  1.607   1.00 12.37 ? 46   PRO A O     1 
ATOM   331  C  CB    . PRO A 1 46  ? 9.212   -8.202  3.633   1.00 14.82 ? 46   PRO A CB    1 
ATOM   332  C  CG    . PRO A 1 46  ? 10.258  -8.825  4.505   1.00 16.25 ? 46   PRO A CG    1 
ATOM   333  C  CD    . PRO A 1 46  ? 11.080  -9.636  3.541   1.00 15.88 ? 46   PRO A CD    1 
ATOM   334  N  N     . GLU A 1 47  ? 11.498  -6.014  2.765   1.00 12.55 ? 47   GLU A N     1 
ATOM   335  C  CA    . GLU A 1 47  ? 11.978  -4.630  2.682   1.00 12.19 ? 47   GLU A CA    1 
ATOM   336  C  C     . GLU A 1 47  ? 12.316  -4.287  1.229   1.00 11.88 ? 47   GLU A C     1 
ATOM   337  O  O     . GLU A 1 47  ? 12.037  -3.183  0.750   1.00 9.50  ? 47   GLU A O     1 
ATOM   338  C  CB    . GLU A 1 47  ? 13.237  -4.420  3.531   1.00 10.06 ? 47   GLU A CB    1 
ATOM   339  C  CG    . GLU A 1 47  ? 13.046  -4.492  5.031   1.00 14.30 ? 47   GLU A CG    1 
ATOM   340  C  CD    . GLU A 1 47  ? 13.198  -5.899  5.594   1.00 17.40 ? 47   GLU A CD    1 
ATOM   341  O  OE1   . GLU A 1 47  ? 13.574  -6.015  6.781   1.00 18.87 ? 47   GLU A OE1   1 
ATOM   342  O  OE2   . GLU A 1 47  ? 12.937  -6.884  4.869   1.00 20.11 ? 47   GLU A OE2   1 
ATOM   343  N  N     . GLN A 1 48  ? 12.937  -5.233  0.533   1.00 11.92 ? 48   GLN A N     1 
ATOM   344  C  CA    . GLN A 1 48  ? 13.304  -5.019  -0.864  1.00 13.30 ? 48   GLN A CA    1 
ATOM   345  C  C     . GLN A 1 48  ? 12.056  -4.967  -1.733  1.00 13.65 ? 48   GLN A C     1 
ATOM   346  O  O     . GLN A 1 48  ? 11.949  -4.139  -2.639  1.00 13.36 ? 48   GLN A O     1 
ATOM   347  C  CB    . GLN A 1 48  ? 14.218  -6.142  -1.354  1.00 12.43 ? 48   GLN A CB    1 
ATOM   348  C  CG    . GLN A 1 48  ? 15.673  -5.987  -0.947  1.00 11.08 ? 48   GLN A CG    1 
ATOM   349  C  CD    . GLN A 1 48  ? 16.436  -7.279  -1.077  1.00 11.18 ? 48   GLN A CD    1 
ATOM   350  O  OE1   . GLN A 1 48  ? 17.665  -7.288  -1.099  1.00 15.97 ? 48   GLN A OE1   1 
ATOM   351  N  NE2   . GLN A 1 48  ? 15.713  -8.385  -1.145  1.00 10.01 ? 48   GLN A NE2   1 
ATOM   352  N  N     . ALA A 1 49  ? 11.114  -5.855  -1.434  1.00 12.64 ? 49   ALA A N     1 
ATOM   353  C  CA    . ALA A 1 49  ? 9.877   -5.934  -2.182  1.00 11.59 ? 49   ALA A CA    1 
ATOM   354  C  C     . ALA A 1 49  ? 9.085   -4.624  -2.166  1.00 11.97 ? 49   ALA A C     1 
ATOM   355  O  O     . ALA A 1 49  ? 8.518   -4.232  -3.187  1.00 11.93 ? 49   ALA A O     1 
ATOM   356  C  CB    . ALA A 1 49  ? 9.025   -7.075  -1.646  1.00 8.88  ? 49   ALA A CB    1 
ATOM   357  N  N     . VAL A 1 50  ? 9.055   -3.945  -1.021  1.00 11.30 ? 50   VAL A N     1 
ATOM   358  C  CA    . VAL A 1 50  ? 8.306   -2.694  -0.909  1.00 11.20 ? 50   VAL A CA    1 
ATOM   359  C  C     . VAL A 1 50  ? 9.000   -1.567  -1.671  1.00 11.23 ? 50   VAL A C     1 
ATOM   360  O  O     . VAL A 1 50  ? 8.339   -0.714  -2.261  1.00 12.82 ? 50   VAL A O     1 
ATOM   361  C  CB    . VAL A 1 50  ? 8.080   -2.279  0.590   1.00 11.16 ? 50   VAL A CB    1 
ATOM   362  C  CG1   . VAL A 1 50  ? 9.350   -1.673  1.188   1.00 9.66  ? 50   VAL A CG1   1 
ATOM   363  C  CG2   . VAL A 1 50  ? 6.917   -1.302  0.689   1.00 8.81  ? 50   VAL A CG2   1 
ATOM   364  N  N     . VAL A 1 51  ? 10.330  -1.557  -1.659  1.00 10.68 ? 51   VAL A N     1 
ATOM   365  C  CA    . VAL A 1 51  ? 11.068  -0.537  -2.395  1.00 9.15  ? 51   VAL A CA    1 
ATOM   366  C  C     . VAL A 1 51  ? 10.829  -0.782  -3.890  1.00 9.69  ? 51   VAL A C     1 
ATOM   367  O  O     . VAL A 1 51  ? 10.358  0.105   -4.609  1.00 9.69  ? 51   VAL A O     1 
ATOM   368  C  CB    . VAL A 1 51  ? 12.593  -0.587  -2.074  1.00 8.98  ? 51   VAL A CB    1 
ATOM   369  C  CG1   . VAL A 1 51  ? 13.384  0.205   -3.109  1.00 5.82  ? 51   VAL A CG1   1 
ATOM   370  C  CG2   . VAL A 1 51  ? 12.848  -0.008  -0.684  1.00 4.57  ? 51   VAL A CG2   1 
ATOM   371  N  N     . ARG A 1 52  ? 11.125  -1.992  -4.352  1.00 9.68  ? 52   ARG A N     1 
ATOM   372  C  CA    . ARG A 1 52  ? 10.926  -2.319  -5.761  1.00 12.32 ? 52   ARG A CA    1 
ATOM   373  C  C     . ARG A 1 52  ? 9.502   -2.022  -6.243  1.00 13.18 ? 52   ARG A C     1 
ATOM   374  O  O     . ARG A 1 52  ? 9.317   -1.438  -7.311  1.00 15.15 ? 52   ARG A O     1 
ATOM   375  C  CB    . ARG A 1 52  ? 11.249  -3.799  -6.029  1.00 10.56 ? 52   ARG A CB    1 
ATOM   376  C  CG    . ARG A 1 52  ? 10.999  -4.233  -7.475  1.00 10.22 ? 52   ARG A CG    1 
ATOM   377  C  CD    . ARG A 1 52  ? 11.238  -5.724  -7.674  1.00 10.03 ? 52   ARG A CD    1 
ATOM   378  N  NE    . ARG A 1 52  ? 10.479  -6.528  -6.719  1.00 12.89 ? 52   ARG A NE    1 
ATOM   379  C  CZ    . ARG A 1 52  ? 9.161   -6.705  -6.749  1.00 12.40 ? 52   ARG A CZ    1 
ATOM   380  N  NH1   . ARG A 1 52  ? 8.424   -6.141  -7.697  1.00 13.15 ? 52   ARG A NH1   1 
ATOM   381  N  NH2   . ARG A 1 52  ? 8.575   -7.430  -5.809  1.00 10.41 ? 52   ARG A NH2   1 
ATOM   382  N  N     . GLU A 1 53  ? 8.506   -2.426  -5.458  1.00 13.03 ? 53   GLU A N     1 
ATOM   383  C  CA    . GLU A 1 53  ? 7.099   -2.224  -5.804  1.00 14.12 ? 53   GLU A CA    1 
ATOM   384  C  C     . GLU A 1 53  ? 6.673   -0.758  -5.921  1.00 14.51 ? 53   GLU A C     1 
ATOM   385  O  O     . GLU A 1 53  ? 5.938   -0.384  -6.839  1.00 15.11 ? 53   GLU A O     1 
ATOM   386  C  CB    . GLU A 1 53  ? 6.208   -2.934  -4.779  1.00 15.78 ? 53   GLU A CB    1 
ATOM   387  C  CG    . GLU A 1 53  ? 6.169   -4.451  -4.931  1.00 18.10 ? 53   GLU A CG    1 
ATOM   388  C  CD    . GLU A 1 53  ? 5.394   -4.896  -6.155  1.00 18.01 ? 53   GLU A CD    1 
ATOM   389  O  OE1   . GLU A 1 53  ? 5.391   -6.106  -6.451  1.00 19.55 ? 53   GLU A OE1   1 
ATOM   390  O  OE2   . GLU A 1 53  ? 4.777   -4.036  -6.818  1.00 21.48 ? 53   GLU A OE2   1 
ATOM   391  N  N     . LEU A 1 54  ? 7.114   0.065   -4.981  1.00 13.83 ? 54   LEU A N     1 
ATOM   392  C  CA    . LEU A 1 54  ? 6.777   1.473   -5.018  1.00 12.88 ? 54   LEU A CA    1 
ATOM   393  C  C     . LEU A 1 54  ? 7.481   2.136   -6.199  1.00 14.20 ? 54   LEU A C     1 
ATOM   394  O  O     . LEU A 1 54  ? 6.939   3.049   -6.829  1.00 13.68 ? 54   LEU A O     1 
ATOM   395  C  CB    . LEU A 1 54  ? 7.165   2.135   -3.697  1.00 11.53 ? 54   LEU A CB    1 
ATOM   396  C  CG    . LEU A 1 54  ? 6.000   2.354   -2.719  1.00 12.09 ? 54   LEU A CG    1 
ATOM   397  C  CD1   . LEU A 1 54  ? 5.111   1.112   -2.616  1.00 8.85  ? 54   LEU A CD1   1 
ATOM   398  C  CD2   . LEU A 1 54  ? 6.570   2.728   -1.367  1.00 10.49 ? 54   LEU A CD2   1 
ATOM   399  N  N     . GLN A 1 55  ? 8.682   1.664   -6.517  1.00 14.60 ? 55   GLN A N     1 
ATOM   400  C  CA    . GLN A 1 55  ? 9.418   2.219   -7.646  1.00 15.53 ? 55   GLN A CA    1 
ATOM   401  C  C     . GLN A 1 55  ? 8.670   1.905   -8.931  1.00 15.74 ? 55   GLN A C     1 
ATOM   402  O  O     . GLN A 1 55  ? 8.532   2.758   -9.814  1.00 14.88 ? 55   GLN A O     1 
ATOM   403  C  CB    . GLN A 1 55  ? 10.820  1.622   -7.719  1.00 15.42 ? 55   GLN A CB    1 
ATOM   404  C  CG    . GLN A 1 55  ? 11.678  1.967   -6.533  1.00 17.58 ? 55   GLN A CG    1 
ATOM   405  C  CD    . GLN A 1 55  ? 13.053  1.374   -6.644  1.00 18.52 ? 55   GLN A CD    1 
ATOM   406  O  OE1   . GLN A 1 55  ? 13.204  0.194   -6.970  1.00 20.82 ? 55   GLN A OE1   1 
ATOM   407  N  NE2   . GLN A 1 55  ? 14.071  2.177   -6.363  1.00 18.97 ? 55   GLN A NE2   1 
ATOM   408  N  N     . GLU A 1 56  ? 8.184   0.669   -9.017  1.00 16.21 ? 56   GLU A N     1 
ATOM   409  C  CA    . GLU A 1 56  ? 7.445   0.197   -10.178 1.00 16.20 ? 56   GLU A CA    1 
ATOM   410  C  C     . GLU A 1 56  ? 6.079   0.852   -10.325 1.00 16.52 ? 56   GLU A C     1 
ATOM   411  O  O     . GLU A 1 56  ? 5.723   1.332   -11.404 1.00 17.56 ? 56   GLU A O     1 
ATOM   412  C  CB    . GLU A 1 56  ? 7.244   -1.316  -10.096 1.00 17.19 ? 56   GLU A CB    1 
ATOM   413  C  CG    . GLU A 1 56  ? 8.474   -2.157  -10.366 1.00 17.44 ? 56   GLU A CG    1 
ATOM   414  C  CD    . GLU A 1 56  ? 8.158   -3.642  -10.355 1.00 17.30 ? 56   GLU A CD    1 
ATOM   415  O  OE1   . GLU A 1 56  ? 7.262   -4.062  -11.115 1.00 17.05 ? 56   GLU A OE1   1 
ATOM   416  O  OE2   . GLU A 1 56  ? 8.800   -4.392  -9.589  1.00 18.40 ? 56   GLU A OE2   1 
ATOM   417  N  N     . GLU A 1 57  ? 5.317   0.878   -9.238  1.00 16.34 ? 57   GLU A N     1 
ATOM   418  C  CA    . GLU A 1 57  ? 3.970   1.439   -9.283  1.00 17.03 ? 57   GLU A CA    1 
ATOM   419  C  C     . GLU A 1 57  ? 3.788   2.952   -9.194  1.00 15.80 ? 57   GLU A C     1 
ATOM   420  O  O     . GLU A 1 57  ? 2.916   3.497   -9.868  1.00 16.50 ? 57   GLU A O     1 
ATOM   421  C  CB    . GLU A 1 57  ? 3.093   0.757   -8.229  1.00 17.00 ? 57   GLU A CB    1 
ATOM   422  C  CG    . GLU A 1 57  ? 2.828   -0.700  -8.558  1.00 18.32 ? 57   GLU A CG    1 
ATOM   423  C  CD    . GLU A 1 57  ? 1.728   -1.302  -7.729  1.00 16.61 ? 57   GLU A CD    1 
ATOM   424  O  OE1   . GLU A 1 57  ? 1.352   -2.457  -8.015  1.00 17.75 ? 57   GLU A OE1   1 
ATOM   425  O  OE2   . GLU A 1 57  ? 1.242   -0.628  -6.799  1.00 18.65 ? 57   GLU A OE2   1 
ATOM   426  N  N     . VAL A 1 58  ? 4.582   3.640   -8.381  1.00 14.14 ? 58   VAL A N     1 
ATOM   427  C  CA    . VAL A 1 58  ? 4.416   5.088   -8.273  1.00 12.35 ? 58   VAL A CA    1 
ATOM   428  C  C     . VAL A 1 58  ? 5.672   5.911   -8.541  1.00 11.89 ? 58   VAL A C     1 
ATOM   429  O  O     . VAL A 1 58  ? 5.650   7.137   -8.427  1.00 13.11 ? 58   VAL A O     1 
ATOM   430  C  CB    . VAL A 1 58  ? 3.819   5.491   -6.893  1.00 10.50 ? 58   VAL A CB    1 
ATOM   431  C  CG1   . VAL A 1 58  ? 2.419   4.932   -6.763  1.00 8.30  ? 58   VAL A CG1   1 
ATOM   432  C  CG2   . VAL A 1 58  ? 4.694   4.987   -5.766  1.00 8.51  ? 58   VAL A CG2   1 
ATOM   433  N  N     . GLY A 1 59  ? 6.761   5.236   -8.899  1.00 12.17 ? 59   GLY A N     1 
ATOM   434  C  CA    . GLY A 1 59  ? 8.001   5.925   -9.217  1.00 9.40  ? 59   GLY A CA    1 
ATOM   435  C  C     . GLY A 1 59  ? 8.762   6.589   -8.083  1.00 8.95  ? 59   GLY A C     1 
ATOM   436  O  O     . GLY A 1 59  ? 9.390   7.619   -8.290  1.00 9.26  ? 59   GLY A O     1 
ATOM   437  N  N     . ILE A 1 60  ? 8.714   6.022   -6.884  1.00 10.14 ? 60   ILE A N     1 
ATOM   438  C  CA    . ILE A 1 60  ? 9.452   6.603   -5.763  1.00 9.41  ? 60   ILE A CA    1 
ATOM   439  C  C     . ILE A 1 60  ? 10.261  5.508   -5.087  1.00 11.66 ? 60   ILE A C     1 
ATOM   440  O  O     . ILE A 1 60  ? 9.948   4.320   -5.232  1.00 10.75 ? 60   ILE A O     1 
ATOM   441  C  CB    . ILE A 1 60  ? 8.513   7.232   -4.712  1.00 9.07  ? 60   ILE A CB    1 
ATOM   442  C  CG1   . ILE A 1 60  ? 7.641   6.139   -4.082  1.00 8.42  ? 60   ILE A CG1   1 
ATOM   443  C  CG2   . ILE A 1 60  ? 7.671   8.336   -5.352  1.00 2.72  ? 60   ILE A CG2   1 
ATOM   444  C  CD1   . ILE A 1 60  ? 6.751   6.626   -2.954  1.00 9.99  ? 60   ILE A CD1   1 
ATOM   445  N  N     . THR A 1 61  ? 11.305  5.908   -4.357  1.00 12.22 ? 61   THR A N     1 
ATOM   446  C  CA    . THR A 1 61  ? 12.160  4.961   -3.647  1.00 12.81 ? 61   THR A CA    1 
ATOM   447  C  C     . THR A 1 61  ? 12.093  5.213   -2.139  1.00 14.96 ? 61   THR A C     1 
ATOM   448  O  O     . THR A 1 61  ? 12.687  6.158   -1.636  1.00 17.36 ? 61   THR A O     1 
ATOM   449  C  CB    . THR A 1 61  ? 13.628  5.076   -4.119  1.00 12.66 ? 61   THR A CB    1 
ATOM   450  O  OG1   . THR A 1 61  ? 13.714  4.708   -5.505  1.00 10.50 ? 61   THR A OG1   1 
ATOM   451  C  CG2   . THR A 1 61  ? 14.541  4.172   -3.285  1.00 9.23  ? 61   THR A CG2   1 
ATOM   452  N  N     . PRO A 1 62  ? 11.374  4.352   -1.400  1.00 17.03 ? 62   PRO A N     1 
ATOM   453  C  CA    . PRO A 1 62  ? 11.209  4.460   0.056   1.00 18.28 ? 62   PRO A CA    1 
ATOM   454  C  C     . PRO A 1 62  ? 12.534  4.557   0.810   1.00 20.83 ? 62   PRO A C     1 
ATOM   455  O  O     . PRO A 1 62  ? 13.483  3.838   0.510   1.00 22.02 ? 62   PRO A O     1 
ATOM   456  C  CB    . PRO A 1 62  ? 10.454  3.184   0.420   1.00 17.75 ? 62   PRO A CB    1 
ATOM   457  C  CG    . PRO A 1 62  ? 9.777   2.792   -0.847  1.00 18.71 ? 62   PRO A CG    1 
ATOM   458  C  CD    . PRO A 1 62  ? 10.809  3.086   -1.892  1.00 17.01 ? 62   PRO A CD    1 
ATOM   459  N  N     . GLN A 1 63  ? 12.580  5.438   1.801   1.00 23.44 ? 63   GLN A N     1 
ATOM   460  C  CA    . GLN A 1 63  ? 13.782  5.643   2.602   1.00 25.43 ? 63   GLN A CA    1 
ATOM   461  C  C     . GLN A 1 63  ? 13.467  5.678   4.095   1.00 26.57 ? 63   GLN A C     1 
ATOM   462  O  O     . GLN A 1 63  ? 12.546  6.370   4.538   1.00 25.51 ? 63   GLN A O     1 
ATOM   463  C  CB    . GLN A 1 63  ? 14.452  6.959   2.212   1.00 27.51 ? 63   GLN A CB    1 
ATOM   464  C  CG    . GLN A 1 63  ? 14.971  6.999   0.792   1.00 31.70 ? 63   GLN A CG    1 
ATOM   465  C  CD    . GLN A 1 63  ? 15.460  8.381   0.388   1.00 33.27 ? 63   GLN A CD    1 
ATOM   466  O  OE1   . GLN A 1 63  ? 16.111  8.537   -0.645  1.00 34.63 ? 63   GLN A OE1   1 
ATOM   467  N  NE2   . GLN A 1 63  ? 15.142  9.390   1.196   1.00 33.52 ? 63   GLN A NE2   1 
ATOM   468  N  N     . HIS A 1 64  ? 14.238  4.929   4.872   1.00 27.31 ? 64   HIS A N     1 
ATOM   469  C  CA    . HIS A 1 64  ? 14.041  4.908   6.313   1.00 28.18 ? 64   HIS A CA    1 
ATOM   470  C  C     . HIS A 1 64  ? 12.561  4.681   6.651   1.00 27.37 ? 64   HIS A C     1 
ATOM   471  O  O     . HIS A 1 64  ? 11.904  5.543   7.244   1.00 27.97 ? 64   HIS A O     1 
ATOM   472  C  CB    . HIS A 1 64  ? 14.532  6.241   6.901   1.00 28.12 ? 64   HIS A CB    1 
ATOM   473  C  CG    . HIS A 1 64  ? 14.544  6.282   8.398   1.00 29.74 ? 64   HIS A CG    1 
ATOM   474  N  ND1   . HIS A 1 64  ? 15.276  5.400   9.162   1.00 30.43 ? 64   HIS A ND1   1 
ATOM   475  C  CD2   . HIS A 1 64  ? 13.928  7.115   9.271   1.00 29.47 ? 64   HIS A CD2   1 
ATOM   476  C  CE1   . HIS A 1 64  ? 15.115  5.689   10.442  1.00 30.19 ? 64   HIS A CE1   1 
ATOM   477  N  NE2   . HIS A 1 64  ? 14.301  6.725   10.534  1.00 31.61 ? 64   HIS A NE2   1 
ATOM   478  N  N     . PHE A 1 65  ? 12.041  3.520   6.258   1.00 25.16 ? 65   PHE A N     1 
ATOM   479  C  CA    . PHE A 1 65  ? 10.647  3.168   6.526   1.00 22.62 ? 65   PHE A CA    1 
ATOM   480  C  C     . PHE A 1 65  ? 10.581  2.088   7.594   1.00 19.41 ? 65   PHE A C     1 
ATOM   481  O  O     . PHE A 1 65  ? 11.549  1.382   7.826   1.00 20.00 ? 65   PHE A O     1 
ATOM   482  C  CB    . PHE A 1 65  ? 9.950   2.667   5.249   1.00 21.89 ? 65   PHE A CB    1 
ATOM   483  C  CG    . PHE A 1 65  ? 10.749  1.656   4.472   1.00 21.97 ? 65   PHE A CG    1 
ATOM   484  C  CD1   . PHE A 1 65  ? 11.684  2.068   3.522   1.00 20.88 ? 65   PHE A CD1   1 
ATOM   485  C  CD2   . PHE A 1 65  ? 10.574  0.290   4.691   1.00 22.45 ? 65   PHE A CD2   1 
ATOM   486  C  CE1   . PHE A 1 65  ? 12.435  1.133   2.799   1.00 20.37 ? 65   PHE A CE1   1 
ATOM   487  C  CE2   . PHE A 1 65  ? 11.323  -0.658  3.971   1.00 22.18 ? 65   PHE A CE2   1 
ATOM   488  C  CZ    . PHE A 1 65  ? 12.253  -0.233  3.024   1.00 20.10 ? 65   PHE A CZ    1 
ATOM   489  N  N     . SER A 1 66  ? 9.430   1.961   8.242   1.00 18.29 ? 66   SER A N     1 
ATOM   490  C  CA    . SER A 1 66  ? 9.250   0.959   9.286   1.00 15.77 ? 66   SER A CA    1 
ATOM   491  C  C     . SER A 1 66  ? 8.033   0.080   9.009   1.00 15.67 ? 66   SER A C     1 
ATOM   492  O  O     . SER A 1 66  ? 7.141   0.458   8.239   1.00 13.76 ? 66   SER A O     1 
ATOM   493  C  CB    . SER A 1 66  ? 9.078   1.646   10.632  1.00 14.36 ? 66   SER A CB    1 
ATOM   494  O  OG    . SER A 1 66  ? 7.962   2.521   10.593  1.00 17.15 ? 66   SER A OG    1 
ATOM   495  N  N     . LEU A 1 67  ? 8.007   -1.095  9.634   1.00 15.57 ? 67   LEU A N     1 
ATOM   496  C  CA    . LEU A 1 67  ? 6.885   -2.016  9.486   1.00 15.76 ? 67   LEU A CA    1 
ATOM   497  C  C     . LEU A 1 67  ? 5.792   -1.547  10.446  1.00 15.86 ? 67   LEU A C     1 
ATOM   498  O  O     . LEU A 1 67  ? 5.913   -1.674  11.662  1.00 14.97 ? 67   LEU A O     1 
ATOM   499  C  CB    . LEU A 1 67  ? 7.304   -3.444  9.833   1.00 15.98 ? 67   LEU A CB    1 
ATOM   500  C  CG    . LEU A 1 67  ? 6.193   -4.496  9.743   1.00 16.36 ? 67   LEU A CG    1 
ATOM   501  C  CD1   . LEU A 1 67  ? 5.732   -4.654  8.291   1.00 15.49 ? 67   LEU A CD1   1 
ATOM   502  C  CD2   . LEU A 1 67  ? 6.710   -5.820  10.295  1.00 15.56 ? 67   LEU A CD2   1 
ATOM   503  N  N     . PHE A 1 68  ? 4.732   -0.993  9.876   1.00 16.92 ? 68   PHE A N     1 
ATOM   504  C  CA    . PHE A 1 68  ? 3.604   -0.461  10.627  1.00 17.25 ? 68   PHE A CA    1 
ATOM   505  C  C     . PHE A 1 68  ? 2.642   -1.567  11.050  1.00 18.77 ? 68   PHE A C     1 
ATOM   506  O  O     . PHE A 1 68  ? 2.064   -1.537  12.140  1.00 16.86 ? 68   PHE A O     1 
ATOM   507  C  CB    . PHE A 1 68  ? 2.874   0.558   9.748   1.00 16.35 ? 68   PHE A CB    1 
ATOM   508  C  CG    . PHE A 1 68  ? 1.657   1.153   10.381  1.00 15.91 ? 68   PHE A CG    1 
ATOM   509  C  CD1   . PHE A 1 68  ? 1.774   2.067   11.421  1.00 14.79 ? 68   PHE A CD1   1 
ATOM   510  C  CD2   . PHE A 1 68  ? 0.387   0.810   9.922   1.00 15.99 ? 68   PHE A CD2   1 
ATOM   511  C  CE1   . PHE A 1 68  ? 0.645   2.634   11.996  1.00 15.78 ? 68   PHE A CE1   1 
ATOM   512  C  CE2   . PHE A 1 68  ? -0.748  1.371   10.488  1.00 17.47 ? 68   PHE A CE2   1 
ATOM   513  C  CZ    . PHE A 1 68  ? -0.619  2.289   11.530  1.00 18.43 ? 68   PHE A CZ    1 
ATOM   514  N  N     . GLU A 1 69  ? 2.480   -2.553  10.176  1.00 20.03 ? 69   GLU A N     1 
ATOM   515  C  CA    . GLU A 1 69  ? 1.572   -3.648  10.447  1.00 19.57 ? 69   GLU A CA    1 
ATOM   516  C  C     . GLU A 1 69  ? 1.847   -4.842  9.550   1.00 19.34 ? 69   GLU A C     1 
ATOM   517  O  O     . GLU A 1 69  ? 2.142   -4.702  8.363   1.00 18.74 ? 69   GLU A O     1 
ATOM   518  C  CB    . GLU A 1 69  ? 0.136   -3.183  10.228  1.00 22.18 ? 69   GLU A CB    1 
ATOM   519  C  CG    . GLU A 1 69  ? -0.903  -4.246  10.485  1.00 25.35 ? 69   GLU A CG    1 
ATOM   520  C  CD    . GLU A 1 69  ? -1.105  -4.490  11.953  1.00 27.97 ? 69   GLU A CD    1 
ATOM   521  O  OE1   . GLU A 1 69  ? -0.118  -4.850  12.634  1.00 29.82 ? 69   GLU A OE1   1 
ATOM   522  O  OE2   . GLU A 1 69  ? -2.249  -4.315  12.428  1.00 29.97 ? 69   GLU A OE2   1 
ATOM   523  N  N     . LYS A 1 70  ? 1.737   -6.022  10.137  1.00 19.31 ? 70   LYS A N     1 
ATOM   524  C  CA    . LYS A 1 70  ? 1.948   -7.258  9.416   1.00 19.04 ? 70   LYS A CA    1 
ATOM   525  C  C     . LYS A 1 70  ? 0.763   -8.119  9.829   1.00 18.40 ? 70   LYS A C     1 
ATOM   526  O  O     . LYS A 1 70  ? 0.501   -8.276  11.024  1.00 18.44 ? 70   LYS A O     1 
ATOM   527  C  CB    . LYS A 1 70  ? 3.272   -7.875  9.860   1.00 21.49 ? 70   LYS A CB    1 
ATOM   528  C  CG    . LYS A 1 70  ? 3.853   -8.919  8.925   1.00 23.57 ? 70   LYS A CG    1 
ATOM   529  C  CD    . LYS A 1 70  ? 3.159   -10.240 9.071   1.00 27.20 ? 70   LYS A CD    1 
ATOM   530  C  CE    . LYS A 1 70  ? 4.109   -11.372 8.708   1.00 31.43 ? 70   LYS A CE    1 
ATOM   531  N  NZ    . LYS A 1 70  ? 5.314   -11.391 9.594   1.00 30.53 ? 70   LYS A NZ    1 
ATOM   532  N  N     . LEU A 1 71  ? 0.027   -8.643  8.852   1.00 16.73 ? 71   LEU A N     1 
ATOM   533  C  CA    . LEU A 1 71  ? -1.139  -9.474  9.156   1.00 16.19 ? 71   LEU A CA    1 
ATOM   534  C  C     . LEU A 1 71  ? -1.457  -10.481 8.061   1.00 16.49 ? 71   LEU A C     1 
ATOM   535  O  O     . LEU A 1 71  ? -0.905  -10.425 6.960   1.00 14.44 ? 71   LEU A O     1 
ATOM   536  C  CB    . LEU A 1 71  ? -2.371  -8.593  9.414   1.00 15.74 ? 71   LEU A CB    1 
ATOM   537  C  CG    . LEU A 1 71  ? -2.890  -7.656  8.306   1.00 16.31 ? 71   LEU A CG    1 
ATOM   538  C  CD1   . LEU A 1 71  ? -3.587  -8.447  7.201   1.00 11.42 ? 71   LEU A CD1   1 
ATOM   539  C  CD2   . LEU A 1 71  ? -3.862  -6.649  8.918   1.00 14.99 ? 71   LEU A CD2   1 
ATOM   540  N  N     . GLU A 1 72  ? -2.352  -11.410 8.377   1.00 17.72 ? 72   GLU A N     1 
ATOM   541  C  CA    . GLU A 1 72  ? -2.765  -12.426 7.420   1.00 20.16 ? 72   GLU A CA    1 
ATOM   542  C  C     . GLU A 1 72  ? -4.260  -12.330 7.199   1.00 19.79 ? 72   GLU A C     1 
ATOM   543  O  O     . GLU A 1 72  ? -5.021  -12.110 8.136   1.00 20.14 ? 72   GLU A O     1 
ATOM   544  C  CB    . GLU A 1 72  ? -2.426  -13.827 7.926   1.00 21.87 ? 72   GLU A CB    1 
ATOM   545  C  CG    . GLU A 1 72  ? -0.957  -14.056 8.209   1.00 28.18 ? 72   GLU A CG    1 
ATOM   546  C  CD    . GLU A 1 72  ? -0.610  -15.525 8.258   1.00 32.59 ? 72   GLU A CD    1 
ATOM   547  O  OE1   . GLU A 1 72  ? -0.491  -16.145 7.175   1.00 34.74 ? 72   GLU A OE1   1 
ATOM   548  O  OE2   . GLU A 1 72  ? -0.471  -16.068 9.375   1.00 35.58 ? 72   GLU A OE2   1 
ATOM   549  N  N     . TYR A 1 73  ? -4.683  -12.479 5.951   1.00 20.34 ? 73   TYR A N     1 
ATOM   550  C  CA    . TYR A 1 73  ? -6.102  -12.424 5.644   1.00 18.73 ? 73   TYR A CA    1 
ATOM   551  C  C     . TYR A 1 73  ? -6.478  -13.571 4.730   1.00 17.74 ? 73   TYR A C     1 
ATOM   552  O  O     . TYR A 1 73  ? -5.706  -13.961 3.853   1.00 16.32 ? 73   TYR A O     1 
ATOM   553  C  CB    . TYR A 1 73  ? -6.457  -11.097 4.980   1.00 18.03 ? 73   TYR A CB    1 
ATOM   554  C  CG    . TYR A 1 73  ? -7.950  -10.858 4.869   1.00 17.55 ? 73   TYR A CG    1 
ATOM   555  C  CD1   . TYR A 1 73  ? -8.675  -11.283 3.749   1.00 16.48 ? 73   TYR A CD1   1 
ATOM   556  C  CD2   . TYR A 1 73  ? -8.640  -10.215 5.892   1.00 16.22 ? 73   TYR A CD2   1 
ATOM   557  C  CE1   . TYR A 1 73  ? -10.055 -11.063 3.660   1.00 15.77 ? 73   TYR A CE1   1 
ATOM   558  C  CE2   . TYR A 1 73  ? -10.009 -9.996  5.816   1.00 16.47 ? 73   TYR A CE2   1 
ATOM   559  C  CZ    . TYR A 1 73  ? -10.712 -10.416 4.702   1.00 16.39 ? 73   TYR A CZ    1 
ATOM   560  O  OH    . TYR A 1 73  ? -12.061 -10.157 4.635   1.00 15.73 ? 73   TYR A OH    1 
ATOM   561  N  N     . GLU A 1 74  ? -7.662  -14.127 4.947   1.00 18.16 ? 74   GLU A N     1 
ATOM   562  C  CA    . GLU A 1 74  ? -8.122  -15.214 4.107   1.00 19.42 ? 74   GLU A CA    1 
ATOM   563  C  C     . GLU A 1 74  ? -9.262  -14.727 3.219   1.00 18.38 ? 74   GLU A C     1 
ATOM   564  O  O     . GLU A 1 74  ? -10.362 -14.443 3.698   1.00 17.25 ? 74   GLU A O     1 
ATOM   565  C  CB    . GLU A 1 74  ? -8.601  -16.396 4.949   1.00 22.27 ? 74   GLU A CB    1 
ATOM   566  C  CG    . GLU A 1 74  ? -8.514  -17.726 4.208   1.00 30.50 ? 74   GLU A CG    1 
ATOM   567  C  CD    . GLU A 1 74  ? -9.188  -18.865 4.953   1.00 36.00 ? 74   GLU A CD    1 
ATOM   568  O  OE1   . GLU A 1 74  ? -9.028  -18.948 6.194   1.00 37.35 ? 74   GLU A OE1   1 
ATOM   569  O  OE2   . GLU A 1 74  ? -9.870  -19.683 4.295   1.00 37.90 ? 74   GLU A OE2   1 
ATOM   570  N  N     . PHE A 1 75  ? -8.978  -14.605 1.927   1.00 16.75 ? 75   PHE A N     1 
ATOM   571  C  CA    . PHE A 1 75  ? -9.978  -14.191 0.949   1.00 15.89 ? 75   PHE A CA    1 
ATOM   572  C  C     . PHE A 1 75  ? -10.729 -15.448 0.496   1.00 14.90 ? 75   PHE A C     1 
ATOM   573  O  O     . PHE A 1 75  ? -10.238 -16.563 0.657   1.00 15.11 ? 75   PHE A O     1 
ATOM   574  C  CB    . PHE A 1 75  ? -9.293  -13.521 -0.243  1.00 13.51 ? 75   PHE A CB    1 
ATOM   575  C  CG    . PHE A 1 75  ? -8.859  -12.116 0.026   1.00 14.36 ? 75   PHE A CG    1 
ATOM   576  C  CD1   . PHE A 1 75  ? -9.781  -11.072 -0.005  1.00 12.81 ? 75   PHE A CD1   1 
ATOM   577  C  CD2   . PHE A 1 75  ? -7.528  -11.827 0.317   1.00 14.24 ? 75   PHE A CD2   1 
ATOM   578  C  CE1   . PHE A 1 75  ? -9.381  -9.760  0.248   1.00 12.54 ? 75   PHE A CE1   1 
ATOM   579  C  CE2   . PHE A 1 75  ? -7.117  -10.513 0.572   1.00 13.29 ? 75   PHE A CE2   1 
ATOM   580  C  CZ    . PHE A 1 75  ? -8.043  -9.480  0.536   1.00 11.74 ? 75   PHE A CZ    1 
ATOM   581  N  N     . PRO A 1 76  ? -11.924 -15.289 -0.079  1.00 15.21 ? 76   PRO A N     1 
ATOM   582  C  CA    . PRO A 1 76  ? -12.650 -16.485 -0.513  1.00 15.85 ? 76   PRO A CA    1 
ATOM   583  C  C     . PRO A 1 76  ? -11.855 -17.494 -1.349  1.00 16.56 ? 76   PRO A C     1 
ATOM   584  O  O     . PRO A 1 76  ? -12.131 -18.694 -1.290  1.00 16.66 ? 76   PRO A O     1 
ATOM   585  C  CB    . PRO A 1 76  ? -13.861 -15.910 -1.262  1.00 15.95 ? 76   PRO A CB    1 
ATOM   586  C  CG    . PRO A 1 76  ? -13.422 -14.520 -1.648  1.00 16.75 ? 76   PRO A CG    1 
ATOM   587  C  CD    . PRO A 1 76  ? -12.653 -14.063 -0.443  1.00 15.07 ? 76   PRO A CD    1 
ATOM   588  N  N     . ASP A 1 77  ? -10.865 -17.030 -2.111  1.00 16.59 ? 77   ASP A N     1 
ATOM   589  C  CA    . ASP A 1 77  ? -10.091 -17.951 -2.941  1.00 18.39 ? 77   ASP A CA    1 
ATOM   590  C  C     . ASP A 1 77  ? -8.573  -17.925 -2.738  1.00 19.01 ? 77   ASP A C     1 
ATOM   591  O  O     . ASP A 1 77  ? -7.838  -18.619 -3.445  1.00 18.23 ? 77   ASP A O     1 
ATOM   592  C  CB    . ASP A 1 77  ? -10.388 -17.707 -4.421  1.00 19.55 ? 77   ASP A CB    1 
ATOM   593  C  CG    . ASP A 1 77  ? -9.814  -16.399 -4.920  1.00 22.81 ? 77   ASP A CG    1 
ATOM   594  O  OD1   . ASP A 1 77  ? -9.812  -16.187 -6.150  1.00 24.87 ? 77   ASP A OD1   1 
ATOM   595  O  OD2   . ASP A 1 77  ? -9.367  -15.581 -4.084  1.00 23.77 ? 77   ASP A OD2   1 
ATOM   596  N  N     . ARG A 1 78  ? -8.095  -17.129 -1.787  1.00 19.03 ? 78   ARG A N     1 
ATOM   597  C  CA    . ARG A 1 78  ? -6.660  -17.067 -1.538  1.00 19.66 ? 78   ARG A CA    1 
ATOM   598  C  C     . ARG A 1 78  ? -6.333  -16.541 -0.145  1.00 19.65 ? 78   ARG A C     1 
ATOM   599  O  O     . ARG A 1 78  ? -7.124  -15.817 0.464   1.00 17.38 ? 78   ARG A O     1 
ATOM   600  C  CB    . ARG A 1 78  ? -5.972  -16.200 -2.600  1.00 17.52 ? 78   ARG A CB    1 
ATOM   601  C  CG    . ARG A 1 78  ? -6.212  -14.705 -2.457  1.00 18.31 ? 78   ARG A CG    1 
ATOM   602  C  CD    . ARG A 1 78  ? -5.918  -13.987 -3.766  1.00 16.29 ? 78   ARG A CD    1 
ATOM   603  N  NE    . ARG A 1 78  ? -6.884  -14.360 -4.793  1.00 16.87 ? 78   ARG A NE    1 
ATOM   604  C  CZ    . ARG A 1 78  ? -6.738  -14.125 -6.093  1.00 18.63 ? 78   ARG A CZ    1 
ATOM   605  N  NH1   . ARG A 1 78  ? -5.654  -13.512 -6.551  1.00 18.01 ? 78   ARG A NH1   1 
ATOM   606  N  NH2   . ARG A 1 78  ? -7.688  -14.497 -6.939  1.00 19.72 ? 78   ARG A NH2   1 
ATOM   607  N  N     . HIS A 1 79  ? -5.166  -16.935 0.355   1.00 19.68 ? 79   HIS A N     1 
ATOM   608  C  CA    . HIS A 1 79  ? -4.702  -16.509 1.664   1.00 21.62 ? 79   HIS A CA    1 
ATOM   609  C  C     . HIS A 1 79  ? -3.446  -15.668 1.471   1.00 21.50 ? 79   HIS A C     1 
ATOM   610  O  O     . HIS A 1 79  ? -2.477  -16.129 0.871   1.00 21.49 ? 79   HIS A O     1 
ATOM   611  C  CB    . HIS A 1 79  ? -4.367  -17.719 2.544   1.00 22.47 ? 79   HIS A CB    1 
ATOM   612  C  CG    . HIS A 1 79  ? -3.914  -17.346 3.922   1.00 26.94 ? 79   HIS A CG    1 
ATOM   613  N  ND1   . HIS A 1 79  ? -4.769  -16.827 4.872   1.00 28.70 ? 79   HIS A ND1   1 
ATOM   614  C  CD2   . HIS A 1 79  ? -2.685  -17.355 4.490   1.00 28.27 ? 79   HIS A CD2   1 
ATOM   615  C  CE1   . HIS A 1 79  ? -4.087  -16.530 5.964   1.00 27.10 ? 79   HIS A CE1   1 
ATOM   616  N  NE2   . HIS A 1 79  ? -2.820  -16.840 5.758   1.00 28.95 ? 79   HIS A NE2   1 
ATOM   617  N  N     . ILE A 1 80  ? -3.455  -14.434 1.958   1.00 21.05 ? 80   ILE A N     1 
ATOM   618  C  CA    . ILE A 1 80  ? -2.268  -13.608 1.803   1.00 22.37 ? 80   ILE A CA    1 
ATOM   619  C  C     . ILE A 1 80  ? -1.818  -12.915 3.079   1.00 20.93 ? 80   ILE A C     1 
ATOM   620  O  O     . ILE A 1 80  ? -2.626  -12.553 3.942   1.00 20.86 ? 80   ILE A O     1 
ATOM   621  C  CB    . ILE A 1 80  ? -2.445  -12.549 0.678   1.00 23.47 ? 80   ILE A CB    1 
ATOM   622  C  CG1   . ILE A 1 80  ? -3.613  -11.619 0.995   1.00 24.61 ? 80   ILE A CG1   1 
ATOM   623  C  CG2   . ILE A 1 80  ? -2.666  -13.237 -0.658  1.00 25.56 ? 80   ILE A CG2   1 
ATOM   624  C  CD1   . ILE A 1 80  ? -3.209  -10.399 1.777   1.00 24.44 ? 80   ILE A CD1   1 
ATOM   625  N  N     . THR A 1 81  ? -0.507  -12.764 3.198   1.00 18.79 ? 81   THR A N     1 
ATOM   626  C  CA    . THR A 1 81  ? 0.089   -12.094 4.340   1.00 16.30 ? 81   THR A CA    1 
ATOM   627  C  C     . THR A 1 81  ? 0.491   -10.713 3.855   1.00 15.59 ? 81   THR A C     1 
ATOM   628  O  O     . THR A 1 81  ? 1.230   -10.576 2.879   1.00 14.81 ? 81   THR A O     1 
ATOM   629  C  CB    . THR A 1 81  ? 1.323   -12.849 4.837   1.00 14.99 ? 81   THR A CB    1 
ATOM   630  O  OG1   . THR A 1 81  ? 0.926   -14.163 5.235   1.00 15.33 ? 81   THR A OG1   1 
ATOM   631  C  CG2   . THR A 1 81  ? 1.965   -12.129 6.021   1.00 13.09 ? 81   THR A CG2   1 
ATOM   632  N  N     . LEU A 1 82  ? -0.014  -9.692  4.533   1.00 15.17 ? 82   LEU A N     1 
ATOM   633  C  CA    . LEU A 1 82  ? 0.276   -8.315  4.170   1.00 15.47 ? 82   LEU A CA    1 
ATOM   634  C  C     . LEU A 1 82  ? 1.326   -7.667  5.063   1.00 14.16 ? 82   LEU A C     1 
ATOM   635  O  O     . LEU A 1 82  ? 1.263   -7.765  6.285   1.00 14.89 ? 82   LEU A O     1 
ATOM   636  C  CB    . LEU A 1 82  ? -1.016  -7.489  4.221   1.00 16.01 ? 82   LEU A CB    1 
ATOM   637  C  CG    . LEU A 1 82  ? -2.031  -7.740  3.109   1.00 15.09 ? 82   LEU A CG    1 
ATOM   638  C  CD1   . LEU A 1 82  ? -3.389  -7.196  3.492   1.00 17.17 ? 82   LEU A CD1   1 
ATOM   639  C  CD2   . LEU A 1 82  ? -1.537  -7.084  1.840   1.00 17.30 ? 82   LEU A CD2   1 
ATOM   640  N  N     . TRP A 1 83  ? 2.295   -7.010  4.435   1.00 14.61 ? 83   TRP A N     1 
ATOM   641  C  CA    . TRP A 1 83  ? 3.354   -6.299  5.150   1.00 12.85 ? 83   TRP A CA    1 
ATOM   642  C  C     . TRP A 1 83  ? 3.129   -4.812  4.892   1.00 13.00 ? 83   TRP A C     1 
ATOM   643  O  O     . TRP A 1 83  ? 3.464   -4.304  3.819   1.00 12.77 ? 83   TRP A O     1 
ATOM   644  C  CB    . TRP A 1 83  ? 4.733   -6.699  4.626   1.00 12.35 ? 83   TRP A CB    1 
ATOM   645  C  CG    . TRP A 1 83  ? 5.067   -8.131  4.817   1.00 12.64 ? 83   TRP A CG    1 
ATOM   646  C  CD1   . TRP A 1 83  ? 4.497   -9.204  4.189   1.00 13.86 ? 83   TRP A CD1   1 
ATOM   647  C  CD2   . TRP A 1 83  ? 6.057   -8.663  5.704   1.00 13.87 ? 83   TRP A CD2   1 
ATOM   648  N  NE1   . TRP A 1 83  ? 5.076   -10.376 4.629   1.00 14.12 ? 83   TRP A NE1   1 
ATOM   649  C  CE2   . TRP A 1 83  ? 6.035   -10.072 5.560   1.00 13.20 ? 83   TRP A CE2   1 
ATOM   650  C  CE3   . TRP A 1 83  ? 6.961   -8.086  6.610   1.00 15.79 ? 83   TRP A CE3   1 
ATOM   651  C  CZ2   . TRP A 1 83  ? 6.878   -10.911 6.285   1.00 14.49 ? 83   TRP A CZ2   1 
ATOM   652  C  CZ3   . TRP A 1 83  ? 7.803   -8.921  7.336   1.00 15.67 ? 83   TRP A CZ3   1 
ATOM   653  C  CH2   . TRP A 1 83  ? 7.755   -10.322 7.168   1.00 18.07 ? 83   TRP A CH2   1 
ATOM   654  N  N     . PHE A 1 84  ? 2.551   -4.124  5.874   1.00 12.36 ? 84   PHE A N     1 
ATOM   655  C  CA    . PHE A 1 84  ? 2.252   -2.700  5.751   1.00 11.48 ? 84   PHE A CA    1 
ATOM   656  C  C     . PHE A 1 84  ? 3.394   -1.809  6.237   1.00 11.07 ? 84   PHE A C     1 
ATOM   657  O  O     . PHE A 1 84  ? 3.616   -1.659  7.441   1.00 9.82  ? 84   PHE A O     1 
ATOM   658  C  CB    . PHE A 1 84  ? 0.989   -2.364  6.546   1.00 11.58 ? 84   PHE A CB    1 
ATOM   659  C  CG    . PHE A 1 84  ? -0.260  -3.007  6.016   1.00 11.21 ? 84   PHE A CG    1 
ATOM   660  C  CD1   . PHE A 1 84  ? -0.996  -2.401  5.005   1.00 10.90 ? 84   PHE A CD1   1 
ATOM   661  C  CD2   . PHE A 1 84  ? -0.718  -4.211  6.548   1.00 11.86 ? 84   PHE A CD2   1 
ATOM   662  C  CE1   . PHE A 1 84  ? -2.174  -2.985  4.531   1.00 12.71 ? 84   PHE A CE1   1 
ATOM   663  C  CE2   . PHE A 1 84  ? -1.893  -4.804  6.082   1.00 11.36 ? 84   PHE A CE2   1 
ATOM   664  C  CZ    . PHE A 1 84  ? -2.623  -4.192  5.074   1.00 11.13 ? 84   PHE A CZ    1 
ATOM   665  N  N     . TRP A 1 85  ? 4.105   -1.207  5.293   1.00 10.61 ? 85   TRP A N     1 
ATOM   666  C  CA    . TRP A 1 85  ? 5.217   -0.326  5.627   1.00 11.47 ? 85   TRP A CA    1 
ATOM   667  C  C     . TRP A 1 85  ? 4.821   1.149   5.634   1.00 10.94 ? 85   TRP A C     1 
ATOM   668  O  O     . TRP A 1 85  ? 4.209   1.641   4.682   1.00 10.36 ? 85   TRP A O     1 
ATOM   669  C  CB    . TRP A 1 85  ? 6.371   -0.521  4.637   1.00 9.32  ? 85   TRP A CB    1 
ATOM   670  C  CG    . TRP A 1 85  ? 6.855   -1.931  4.545   1.00 12.19 ? 85   TRP A CG    1 
ATOM   671  C  CD1   . TRP A 1 85  ? 6.401   -2.904  3.693   1.00 11.91 ? 85   TRP A CD1   1 
ATOM   672  C  CD2   . TRP A 1 85  ? 7.895   -2.535  5.325   1.00 11.04 ? 85   TRP A CD2   1 
ATOM   673  N  NE1   . TRP A 1 85  ? 7.099   -4.070  3.894   1.00 10.88 ? 85   TRP A NE1   1 
ATOM   674  C  CE2   . TRP A 1 85  ? 8.022   -3.873  4.889   1.00 11.40 ? 85   TRP A CE2   1 
ATOM   675  C  CE3   . TRP A 1 85  ? 8.730   -2.075  6.353   1.00 12.41 ? 85   TRP A CE3   1 
ATOM   676  C  CZ2   . TRP A 1 85  ? 8.954   -4.757  5.443   1.00 11.72 ? 85   TRP A CZ2   1 
ATOM   677  C  CZ3   . TRP A 1 85  ? 9.656   -2.952  6.904   1.00 11.77 ? 85   TRP A CZ3   1 
ATOM   678  C  CH2   . TRP A 1 85  ? 9.760   -4.280  6.447   1.00 12.87 ? 85   TRP A CH2   1 
ATOM   679  N  N     . LEU A 1 86  ? 5.165   1.848   6.711   1.00 10.51 ? 86   LEU A N     1 
ATOM   680  C  CA    . LEU A 1 86  ? 4.879   3.273   6.800   1.00 11.08 ? 86   LEU A CA    1 
ATOM   681  C  C     . LEU A 1 86  ? 6.054   3.957   6.116   1.00 10.63 ? 86   LEU A C     1 
ATOM   682  O  O     . LEU A 1 86  ? 7.191   3.830   6.563   1.00 11.98 ? 86   LEU A O     1 
ATOM   683  C  CB    . LEU A 1 86  ? 4.780   3.729   8.261   1.00 10.40 ? 86   LEU A CB    1 
ATOM   684  C  CG    . LEU A 1 86  ? 4.525   5.232   8.463   1.00 11.64 ? 86   LEU A CG    1 
ATOM   685  C  CD1   . LEU A 1 86  ? 3.332   5.697   7.620   1.00 10.64 ? 86   LEU A CD1   1 
ATOM   686  C  CD2   . LEU A 1 86  ? 4.283   5.516   9.939   1.00 10.06 ? 86   LEU A CD2   1 
ATOM   687  N  N     . VAL A 1 87  ? 5.780   4.657   5.021   1.00 11.15 ? 87   VAL A N     1 
ATOM   688  C  CA    . VAL A 1 87  ? 6.822   5.337   4.261   1.00 12.96 ? 87   VAL A CA    1 
ATOM   689  C  C     . VAL A 1 87  ? 6.652   6.843   4.398   1.00 15.38 ? 87   VAL A C     1 
ATOM   690  O  O     . VAL A 1 87  ? 5.734   7.427   3.815   1.00 16.37 ? 87   VAL A O     1 
ATOM   691  C  CB    . VAL A 1 87  ? 6.743   4.952   2.766   1.00 12.77 ? 87   VAL A CB    1 
ATOM   692  C  CG1   . VAL A 1 87  ? 7.890   5.584   1.994   1.00 11.10 ? 87   VAL A CG1   1 
ATOM   693  C  CG2   . VAL A 1 87  ? 6.746   3.439   2.621   1.00 10.26 ? 87   VAL A CG2   1 
ATOM   694  N  N     . GLU A 1 88  ? 7.542   7.475   5.154   1.00 16.02 ? 88   GLU A N     1 
ATOM   695  C  CA    . GLU A 1 88  ? 7.446   8.914   5.374   1.00 18.12 ? 88   GLU A CA    1 
ATOM   696  C  C     . GLU A 1 88  ? 8.531   9.711   4.660   1.00 18.61 ? 88   GLU A C     1 
ATOM   697  O  O     . GLU A 1 88  ? 8.420   10.927  4.510   1.00 17.32 ? 88   GLU A O     1 
ATOM   698  C  CB    . GLU A 1 88  ? 7.452   9.191   6.877   1.00 18.19 ? 88   GLU A CB    1 
ATOM   699  C  CG    . GLU A 1 88  ? 6.373   8.384   7.585   1.00 20.97 ? 88   GLU A CG    1 
ATOM   700  C  CD    . GLU A 1 88  ? 6.233   8.701   9.056   1.00 22.07 ? 88   GLU A CD    1 
ATOM   701  O  OE1   . GLU A 1 88  ? 7.112   8.302   9.853   1.00 21.94 ? 88   GLU A OE1   1 
ATOM   702  O  OE2   . GLU A 1 88  ? 5.229   9.352   9.409   1.00 24.22 ? 88   GLU A OE2   1 
ATOM   703  N  N     . ARG A 1 89  ? 9.576   9.017   4.217   1.00 18.25 ? 89   ARG A N     1 
ATOM   704  C  CA    . ARG A 1 89  ? 10.667  9.654   3.493   1.00 18.69 ? 89   ARG A CA    1 
ATOM   705  C  C     . ARG A 1 89  ? 10.853  8.874   2.206   1.00 16.50 ? 89   ARG A C     1 
ATOM   706  O  O     . ARG A 1 89  ? 10.742  7.649   2.210   1.00 14.34 ? 89   ARG A O     1 
ATOM   707  C  CB    . ARG A 1 89  ? 11.957  9.641   4.326   1.00 21.94 ? 89   ARG A CB    1 
ATOM   708  C  CG    . ARG A 1 89  ? 13.218  9.924   3.521   1.00 26.39 ? 89   ARG A CG    1 
ATOM   709  C  CD    . ARG A 1 89  ? 14.451  10.143  4.400   1.00 30.94 ? 89   ARG A CD    1 
ATOM   710  N  NE    . ARG A 1 89  ? 14.755  11.562  4.594   1.00 33.81 ? 89   ARG A NE    1 
ATOM   711  C  CZ    . ARG A 1 89  ? 14.120  12.362  5.446   1.00 36.17 ? 89   ARG A CZ    1 
ATOM   712  N  NH1   . ARG A 1 89  ? 13.137  11.888  6.201   1.00 38.71 ? 89   ARG A NH1   1 
ATOM   713  N  NH2   . ARG A 1 89  ? 14.464  13.641  5.538   1.00 35.90 ? 89   ARG A NH2   1 
ATOM   714  N  N     . TRP A 1 90  ? 11.125  9.578   1.110   1.00 15.55 ? 90   TRP A N     1 
ATOM   715  C  CA    . TRP A 1 90  ? 11.296  8.922   -0.182  1.00 16.59 ? 90   TRP A CA    1 
ATOM   716  C  C     . TRP A 1 90  ? 11.851  9.853   -1.262  1.00 18.43 ? 90   TRP A C     1 
ATOM   717  O  O     . TRP A 1 90  ? 11.785  11.079  -1.143  1.00 17.58 ? 90   TRP A O     1 
ATOM   718  C  CB    . TRP A 1 90  ? 9.943   8.358   -0.657  1.00 14.55 ? 90   TRP A CB    1 
ATOM   719  C  CG    . TRP A 1 90  ? 8.928   9.419   -1.034  1.00 11.29 ? 90   TRP A CG    1 
ATOM   720  C  CD1   . TRP A 1 90  ? 8.881   10.133  -2.201  1.00 11.02 ? 90   TRP A CD1   1 
ATOM   721  C  CD2   . TRP A 1 90  ? 7.862   9.924   -0.215  1.00 10.74 ? 90   TRP A CD2   1 
ATOM   722  N  NE1   . TRP A 1 90  ? 7.860   11.053  -2.158  1.00 8.85  ? 90   TRP A NE1   1 
ATOM   723  C  CE2   . TRP A 1 90  ? 7.218   10.949  -0.952  1.00 9.72  ? 90   TRP A CE2   1 
ATOM   724  C  CE3   . TRP A 1 90  ? 7.389   9.614   1.071   1.00 10.28 ? 90   TRP A CE3   1 
ATOM   725  C  CZ2   . TRP A 1 90  ? 6.126   11.670  -0.444  1.00 7.78  ? 90   TRP A CZ2   1 
ATOM   726  C  CZ3   . TRP A 1 90  ? 6.300   10.333  1.577   1.00 9.87  ? 90   TRP A CZ3   1 
ATOM   727  C  CH2   . TRP A 1 90  ? 5.684   11.349  0.816   1.00 9.67  ? 90   TRP A CH2   1 
ATOM   728  N  N     . GLU A 1 91  ? 12.400  9.259   -2.314  1.00 20.01 ? 91   GLU A N     1 
ATOM   729  C  CA    . GLU A 1 91  ? 12.915  10.032  -3.434  1.00 24.02 ? 91   GLU A CA    1 
ATOM   730  C  C     . GLU A 1 91  ? 11.855  9.991   -4.525  1.00 24.32 ? 91   GLU A C     1 
ATOM   731  O  O     . GLU A 1 91  ? 11.184  8.970   -4.711  1.00 25.54 ? 91   GLU A O     1 
ATOM   732  C  CB    . GLU A 1 91  ? 14.219  9.433   -3.968  1.00 26.44 ? 91   GLU A CB    1 
ATOM   733  C  CG    . GLU A 1 91  ? 15.453  9.784   -3.148  1.00 33.19 ? 91   GLU A CG    1 
ATOM   734  C  CD    . GLU A 1 91  ? 16.690  9.016   -3.596  1.00 37.81 ? 91   GLU A CD    1 
ATOM   735  O  OE1   . GLU A 1 91  ? 17.775  9.212   -2.995  1.00 37.57 ? 91   GLU A OE1   1 
ATOM   736  O  OE2   . GLU A 1 91  ? 16.576  8.211   -4.550  1.00 40.36 ? 91   GLU A OE2   1 
ATOM   737  N  N     . GLY A 1 92  ? 11.695  11.105  -5.231  1.00 23.37 ? 92   GLY A N     1 
ATOM   738  C  CA    . GLY A 1 92  ? 10.715  11.165  -6.298  1.00 18.70 ? 92   GLY A CA    1 
ATOM   739  C  C     . GLY A 1 92  ? 9.359   11.693  -5.879  1.00 18.56 ? 92   GLY A C     1 
ATOM   740  O  O     . GLY A 1 92  ? 9.110   12.003  -4.706  1.00 17.00 ? 92   GLY A O     1 
ATOM   741  N  N     . GLU A 1 93  ? 8.476   11.790  -6.866  1.00 18.99 ? 93   GLU A N     1 
ATOM   742  C  CA    . GLU A 1 93  ? 7.114   12.273  -6.676  1.00 18.59 ? 93   GLU A CA    1 
ATOM   743  C  C     . GLU A 1 93  ? 6.177   11.124  -7.049  1.00 16.79 ? 93   GLU A C     1 
ATOM   744  O  O     . GLU A 1 93  ? 6.252   10.594  -8.157  1.00 16.58 ? 93   GLU A O     1 
ATOM   745  C  CB    . GLU A 1 93  ? 6.875   13.475  -7.597  1.00 21.65 ? 93   GLU A CB    1 
ATOM   746  C  CG    . GLU A 1 93  ? 5.600   14.246  -7.336  1.00 24.53 ? 93   GLU A CG    1 
ATOM   747  C  CD    . GLU A 1 93  ? 5.609   14.929  -5.985  1.00 27.38 ? 93   GLU A CD    1 
ATOM   748  O  OE1   . GLU A 1 93  ? 6.618   15.598  -5.662  1.00 27.67 ? 93   GLU A OE1   1 
ATOM   749  O  OE2   . GLU A 1 93  ? 4.604   14.800  -5.251  1.00 28.59 ? 93   GLU A OE2   1 
ATOM   750  N  N     . PRO A 1 94  ? 5.294   10.714  -6.125  1.00 15.39 ? 94   PRO A N     1 
ATOM   751  C  CA    . PRO A 1 94  ? 4.358   9.616   -6.397  1.00 14.10 ? 94   PRO A CA    1 
ATOM   752  C  C     . PRO A 1 94  ? 3.386   9.954   -7.521  1.00 13.81 ? 94   PRO A C     1 
ATOM   753  O  O     . PRO A 1 94  ? 2.770   11.026  -7.513  1.00 12.17 ? 94   PRO A O     1 
ATOM   754  C  CB    . PRO A 1 94  ? 3.617   9.442   -5.070  1.00 13.13 ? 94   PRO A CB    1 
ATOM   755  C  CG    . PRO A 1 94  ? 4.571   9.993   -4.058  1.00 15.41 ? 94   PRO A CG    1 
ATOM   756  C  CD    . PRO A 1 94  ? 5.150   11.194  -4.742  1.00 14.49 ? 94   PRO A CD    1 
ATOM   757  N  N     . TRP A 1 95  ? 3.251   9.045   -8.482  1.00 12.22 ? 95   TRP A N     1 
ATOM   758  C  CA    . TRP A 1 95  ? 2.321   9.247   -9.580  1.00 12.35 ? 95   TRP A CA    1 
ATOM   759  C  C     . TRP A 1 95  ? 1.848   7.904   -10.127 1.00 12.59 ? 95   TRP A C     1 
ATOM   760  O  O     . TRP A 1 95  ? 2.314   6.851   -9.689  1.00 12.92 ? 95   TRP A O     1 
ATOM   761  C  CB    . TRP A 1 95  ? 2.968   10.081  -10.693 1.00 13.29 ? 95   TRP A CB    1 
ATOM   762  C  CG    . TRP A 1 95  ? 4.064   9.385   -11.452 1.00 13.39 ? 95   TRP A CG    1 
ATOM   763  C  CD1   . TRP A 1 95  ? 5.303   9.037   -10.985 1.00 12.23 ? 95   TRP A CD1   1 
ATOM   764  C  CD2   . TRP A 1 95  ? 4.021   8.969   -12.822 1.00 11.08 ? 95   TRP A CD2   1 
ATOM   765  N  NE1   . TRP A 1 95  ? 6.033   8.435   -11.981 1.00 12.30 ? 95   TRP A NE1   1 
ATOM   766  C  CE2   . TRP A 1 95  ? 5.270   8.379   -13.120 1.00 12.43 ? 95   TRP A CE2   1 
ATOM   767  C  CE3   . TRP A 1 95  ? 3.048   9.039   -13.829 1.00 10.66 ? 95   TRP A CE3   1 
ATOM   768  C  CZ2   . TRP A 1 95  ? 5.573   7.859   -14.390 1.00 11.97 ? 95   TRP A CZ2   1 
ATOM   769  C  CZ3   . TRP A 1 95  ? 3.349   8.521   -15.097 1.00 7.75  ? 95   TRP A CZ3   1 
ATOM   770  C  CH2   . TRP A 1 95  ? 4.601   7.941   -15.362 1.00 9.21  ? 95   TRP A CH2   1 
ATOM   771  N  N     . GLY A 1 96  ? 0.913   7.942   -11.073 1.00 11.51 ? 96   GLY A N     1 
ATOM   772  C  CA    . GLY A 1 96  ? 0.400   6.711   -11.651 1.00 10.46 ? 96   GLY A CA    1 
ATOM   773  C  C     . GLY A 1 96  ? 1.315   6.183   -12.737 1.00 10.34 ? 96   GLY A C     1 
ATOM   774  O  O     . GLY A 1 96  ? 0.983   6.222   -13.927 1.00 8.18  ? 96   GLY A O     1 
ATOM   775  N  N     . LYS A 1 97  ? 2.469   5.676   -12.324 1.00 10.32 ? 97   LYS A N     1 
ATOM   776  C  CA    . LYS A 1 97  ? 3.461   5.156   -13.253 1.00 11.76 ? 97   LYS A CA    1 
ATOM   777  C  C     . LYS A 1 97  ? 2.950   3.999   -14.112 1.00 13.43 ? 97   LYS A C     1 
ATOM   778  O  O     . LYS A 1 97  ? 3.439   3.787   -15.223 1.00 13.26 ? 97   LYS A O     1 
ATOM   779  C  CB    . LYS A 1 97  ? 4.704   4.726   -12.477 1.00 12.20 ? 97   LYS A CB    1 
ATOM   780  C  CG    . LYS A 1 97  ? 5.900   4.365   -13.331 1.00 12.88 ? 97   LYS A CG    1 
ATOM   781  C  CD    . LYS A 1 97  ? 7.125   4.187   -12.454 1.00 13.43 ? 97   LYS A CD    1 
ATOM   782  C  CE    . LYS A 1 97  ? 8.341   3.788   -13.262 1.00 12.56 ? 97   LYS A CE    1 
ATOM   783  N  NZ    . LYS A 1 97  ? 9.542   3.658   -12.384 1.00 14.95 ? 97   LYS A NZ    1 
ATOM   784  N  N     . GLU A 1 98  ? 1.972   3.248   -13.612 1.00 14.03 ? 98   GLU A N     1 
ATOM   785  C  CA    . GLU A 1 98  ? 1.435   2.132   -14.390 1.00 15.53 ? 98   GLU A CA    1 
ATOM   786  C  C     . GLU A 1 98  ? 0.081   2.508   -14.972 1.00 14.95 ? 98   GLU A C     1 
ATOM   787  O  O     . GLU A 1 98  ? -0.772  1.650   -15.200 1.00 13.97 ? 98   GLU A O     1 
ATOM   788  C  CB    . GLU A 1 98  ? 1.321   0.864   -13.528 1.00 15.17 ? 98   GLU A CB    1 
ATOM   789  C  CG    . GLU A 1 98  ? 2.652   0.437   -12.918 1.00 18.42 ? 98   GLU A CG    1 
ATOM   790  C  CD    . GLU A 1 98  ? 2.577   -0.857  -12.124 1.00 20.71 ? 98   GLU A CD    1 
ATOM   791  O  OE1   . GLU A 1 98  ? 1.643   -1.019  -11.306 1.00 22.07 ? 98   GLU A OE1   1 
ATOM   792  O  OE2   . GLU A 1 98  ? 3.471   -1.712  -12.306 1.00 22.36 ? 98   GLU A OE2   1 
ATOM   793  N  N     . GLY A 1 99  ? -0.102  3.805   -15.202 1.00 15.27 ? 99   GLY A N     1 
ATOM   794  C  CA    . GLY A 1 99  ? -1.339  4.307   -15.771 1.00 14.04 ? 99   GLY A CA    1 
ATOM   795  C  C     . GLY A 1 99  ? -2.564  4.134   -14.896 1.00 14.26 ? 99   GLY A C     1 
ATOM   796  O  O     . GLY A 1 99  ? -3.694  4.229   -15.387 1.00 13.04 ? 99   GLY A O     1 
ATOM   797  N  N     . GLN A 1 100 ? -2.359  3.888   -13.606 1.00 13.09 ? 100  GLN A N     1 
ATOM   798  C  CA    . GLN A 1 100 ? -3.484  3.697   -12.695 1.00 14.73 ? 100  GLN A CA    1 
ATOM   799  C  C     . GLN A 1 100 ? -3.846  4.995   -11.963 1.00 14.14 ? 100  GLN A C     1 
ATOM   800  O  O     . GLN A 1 100 ? -3.031  5.916   -11.865 1.00 12.41 ? 100  GLN A O     1 
ATOM   801  C  CB    . GLN A 1 100 ? -3.165  2.601   -11.663 1.00 14.59 ? 100  GLN A CB    1 
ATOM   802  C  CG    . GLN A 1 100 ? -2.318  3.073   -10.485 1.00 15.36 ? 100  GLN A CG    1 
ATOM   803  C  CD    . GLN A 1 100 ? -0.834  3.159   -10.800 1.00 16.32 ? 100  GLN A CD    1 
ATOM   804  O  OE1   . GLN A 1 100 ? -0.432  3.514   -11.911 1.00 18.91 ? 100  GLN A OE1   1 
ATOM   805  N  NE2   . GLN A 1 100 ? -0.010  2.849   -9.810  1.00 15.13 ? 100  GLN A NE2   1 
ATOM   806  N  N     . PRO A 1 101 ? -5.084  5.083   -11.446 1.00 14.34 ? 101  PRO A N     1 
ATOM   807  C  CA    . PRO A 1 101 ? -5.555  6.266   -10.718 1.00 14.57 ? 101  PRO A CA    1 
ATOM   808  C  C     . PRO A 1 101 ? -4.734  6.458   -9.446  1.00 14.61 ? 101  PRO A C     1 
ATOM   809  O  O     . PRO A 1 101 ? -4.512  5.505   -8.694  1.00 15.67 ? 101  PRO A O     1 
ATOM   810  C  CB    . PRO A 1 101 ? -7.012  5.930   -10.405 1.00 12.93 ? 101  PRO A CB    1 
ATOM   811  C  CG    . PRO A 1 101 ? -7.400  5.027   -11.524 1.00 15.24 ? 101  PRO A CG    1 
ATOM   812  C  CD    . PRO A 1 101 ? -6.189  4.131   -11.648 1.00 15.38 ? 101  PRO A CD    1 
ATOM   813  N  N     . GLY A 1 102 ? -4.279  7.685   -9.215  1.00 13.53 ? 102  GLY A N     1 
ATOM   814  C  CA    . GLY A 1 102 ? -3.486  7.968   -8.032  1.00 13.72 ? 102  GLY A CA    1 
ATOM   815  C  C     . GLY A 1 102 ? -3.696  9.389   -7.548  1.00 13.56 ? 102  GLY A C     1 
ATOM   816  O  O     . GLY A 1 102 ? -3.790  10.321  -8.350  1.00 12.22 ? 102  GLY A O     1 
ATOM   817  N  N     . GLU A 1 103 ? -3.786  9.556   -6.235  1.00 13.35 ? 103  GLU A N     1 
ATOM   818  C  CA    . GLU A 1 103 ? -3.977  10.881  -5.659  1.00 15.13 ? 103  GLU A CA    1 
ATOM   819  C  C     . GLU A 1 103 ? -3.822  10.834  -4.150  1.00 14.62 ? 103  GLU A C     1 
ATOM   820  O  O     . GLU A 1 103 ? -3.919  9.765   -3.541  1.00 13.46 ? 103  GLU A O     1 
ATOM   821  C  CB    . GLU A 1 103 ? -5.365  11.427  -6.002  1.00 15.78 ? 103  GLU A CB    1 
ATOM   822  C  CG    . GLU A 1 103 ? -6.505  10.692  -5.327  1.00 20.53 ? 103  GLU A CG    1 
ATOM   823  C  CD    . GLU A 1 103 ? -7.870  11.180  -5.784  1.00 24.77 ? 103  GLU A CD    1 
ATOM   824  O  OE1   . GLU A 1 103 ? -8.889  10.632  -5.301  1.00 26.68 ? 103  GLU A OE1   1 
ATOM   825  O  OE2   . GLU A 1 103 ? -7.924  12.108  -6.626  1.00 25.21 ? 103  GLU A OE2   1 
ATOM   826  N  N     . TRP A 1 104 ? -3.585  12.001  -3.558  1.00 14.15 ? 104  TRP A N     1 
ATOM   827  C  CA    . TRP A 1 104 ? -3.431  12.118  -2.116  1.00 14.03 ? 104  TRP A CA    1 
ATOM   828  C  C     . TRP A 1 104 ? -4.788  12.140  -1.420  1.00 14.10 ? 104  TRP A C     1 
ATOM   829  O  O     . TRP A 1 104 ? -5.730  12.781  -1.888  1.00 12.99 ? 104  TRP A O     1 
ATOM   830  C  CB    . TRP A 1 104 ? -2.642  13.381  -1.769  1.00 12.66 ? 104  TRP A CB    1 
ATOM   831  C  CG    . TRP A 1 104 ? -1.237  13.319  -2.274  1.00 12.32 ? 104  TRP A CG    1 
ATOM   832  C  CD1   . TRP A 1 104 ? -0.774  13.777  -3.473  1.00 11.37 ? 104  TRP A CD1   1 
ATOM   833  C  CD2   . TRP A 1 104 ? -0.126  12.688  -1.628  1.00 12.59 ? 104  TRP A CD2   1 
ATOM   834  N  NE1   . TRP A 1 104 ? 0.558   13.467  -3.617  1.00 11.36 ? 104  TRP A NE1   1 
ATOM   835  C  CE2   . TRP A 1 104 ? 0.982   12.797  -2.501  1.00 11.45 ? 104  TRP A CE2   1 
ATOM   836  C  CE3   . TRP A 1 104 ? 0.041   12.036  -0.396  1.00 12.80 ? 104  TRP A CE3   1 
ATOM   837  C  CZ2   . TRP A 1 104 ? 2.238   12.277  -2.184  1.00 11.06 ? 104  TRP A CZ2   1 
ATOM   838  C  CZ3   . TRP A 1 104 ? 1.291   11.518  -0.081  1.00 11.91 ? 104  TRP A CZ3   1 
ATOM   839  C  CH2   . TRP A 1 104 ? 2.373   11.643  -0.973  1.00 12.72 ? 104  TRP A CH2   1 
ATOM   840  N  N     . MET A 1 105 ? -4.884  11.420  -0.309  1.00 13.56 ? 105  MET A N     1 
ATOM   841  C  CA    . MET A 1 105 ? -6.124  11.358  0.441   1.00 14.97 ? 105  MET A CA    1 
ATOM   842  C  C     . MET A 1 105 ? -5.876  11.623  1.912   1.00 16.28 ? 105  MET A C     1 
ATOM   843  O  O     . MET A 1 105 ? -4.993  11.011  2.512   1.00 16.95 ? 105  MET A O     1 
ATOM   844  C  CB    . MET A 1 105 ? -6.771  9.982   0.273   1.00 14.20 ? 105  MET A CB    1 
ATOM   845  C  CG    . MET A 1 105 ? -7.049  9.614   -1.165  1.00 15.53 ? 105  MET A CG    1 
ATOM   846  S  SD    . MET A 1 105 ? -7.887  8.033   -1.319  1.00 17.01 ? 105  MET A SD    1 
ATOM   847  C  CE    . MET A 1 105 ? -9.527  8.460   -0.675  1.00 19.46 ? 105  MET A CE    1 
ATOM   848  N  N     . SER A 1 106 ? -6.648  12.541  2.486   1.00 16.85 ? 106  SER A N     1 
ATOM   849  C  CA    . SER A 1 106 ? -6.509  12.861  3.896   1.00 19.31 ? 106  SER A CA    1 
ATOM   850  C  C     . SER A 1 106 ? -6.651  11.572  4.687   1.00 19.65 ? 106  SER A C     1 
ATOM   851  O  O     . SER A 1 106 ? -7.500  10.733  4.382   1.00 17.95 ? 106  SER A O     1 
ATOM   852  C  CB    . SER A 1 106 ? -7.596  13.839  4.337   1.00 21.52 ? 106  SER A CB    1 
ATOM   853  O  OG    . SER A 1 106 ? -7.578  15.006  3.533   1.00 29.23 ? 106  SER A OG    1 
ATOM   854  N  N     . LEU A 1 107 ? -5.809  11.414  5.699   1.00 21.03 ? 107  LEU A N     1 
ATOM   855  C  CA    . LEU A 1 107 ? -5.846  10.224  6.538   1.00 21.87 ? 107  LEU A CA    1 
ATOM   856  C  C     . LEU A 1 107 ? -7.210  10.120  7.228   1.00 20.96 ? 107  LEU A C     1 
ATOM   857  O  O     . LEU A 1 107 ? -7.828  9.051   7.252   1.00 20.71 ? 107  LEU A O     1 
ATOM   858  C  CB    . LEU A 1 107 ? -4.710  10.295  7.569   1.00 23.26 ? 107  LEU A CB    1 
ATOM   859  C  CG    . LEU A 1 107 ? -4.490  9.124   8.528   1.00 25.42 ? 107  LEU A CG    1 
ATOM   860  C  CD1   . LEU A 1 107 ? -4.400  7.806   7.765   1.00 27.70 ? 107  LEU A CD1   1 
ATOM   861  C  CD2   . LEU A 1 107 ? -3.216  9.368   9.309   1.00 27.28 ? 107  LEU A CD2   1 
ATOM   862  N  N     . VAL A 1 108 ? -7.676  11.245  7.766   1.00 19.54 ? 108  VAL A N     1 
ATOM   863  C  CA    . VAL A 1 108 ? -8.956  11.320  8.465   1.00 19.09 ? 108  VAL A CA    1 
ATOM   864  C  C     . VAL A 1 108 ? -10.170 10.914  7.625   1.00 18.32 ? 108  VAL A C     1 
ATOM   865  O  O     . VAL A 1 108 ? -11.092 10.270  8.124   1.00 17.68 ? 108  VAL A O     1 
ATOM   866  C  CB    . VAL A 1 108 ? -9.206  12.749  9.001   1.00 20.08 ? 108  VAL A CB    1 
ATOM   867  C  CG1   . VAL A 1 108 ? -10.620 12.861  9.538   1.00 22.35 ? 108  VAL A CG1   1 
ATOM   868  C  CG2   . VAL A 1 108 ? -8.210  13.075  10.110  1.00 21.78 ? 108  VAL A CG2   1 
ATOM   869  N  N     . GLY A 1 109 ? -10.176 11.293  6.354   1.00 16.96 ? 109  GLY A N     1 
ATOM   870  C  CA    . GLY A 1 109 ? -11.305 10.960  5.502   1.00 14.99 ? 109  GLY A CA    1 
ATOM   871  C  C     . GLY A 1 109 ? -11.297 9.585   4.860   1.00 12.83 ? 109  GLY A C     1 
ATOM   872  O  O     . GLY A 1 109 ? -12.146 9.298   4.031   1.00 10.75 ? 109  GLY A O     1 
ATOM   873  N  N     . LEU A 1 110 ? -10.353 8.725   5.230   1.00 13.82 ? 110  LEU A N     1 
ATOM   874  C  CA    . LEU A 1 110 ? -10.302 7.395   4.642   1.00 13.33 ? 110  LEU A CA    1 
ATOM   875  C  C     . LEU A 1 110 ? -11.480 6.549   5.108   1.00 13.84 ? 110  LEU A C     1 
ATOM   876  O  O     . LEU A 1 110 ? -11.859 6.586   6.277   1.00 14.25 ? 110  LEU A O     1 
ATOM   877  C  CB    . LEU A 1 110 ? -8.978  6.698   4.984   1.00 12.51 ? 110  LEU A CB    1 
ATOM   878  C  CG    . LEU A 1 110 ? -7.695  7.239   4.329   1.00 13.75 ? 110  LEU A CG    1 
ATOM   879  C  CD1   . LEU A 1 110 ? -6.522  6.309   4.645   1.00 12.21 ? 110  LEU A CD1   1 
ATOM   880  C  CD2   . LEU A 1 110 ? -7.873  7.343   2.816   1.00 10.19 ? 110  LEU A CD2   1 
ATOM   881  N  N     . ASN A 1 111 ? -12.061 5.800   4.173   1.00 13.79 ? 111  ASN A N     1 
ATOM   882  C  CA    . ASN A 1 111 ? -13.199 4.929   4.448   1.00 13.08 ? 111  ASN A CA    1 
ATOM   883  C  C     . ASN A 1 111 ? -12.709 3.515   4.191   1.00 13.76 ? 111  ASN A C     1 
ATOM   884  O  O     . ASN A 1 111 ? -12.447 3.157   3.043   1.00 14.26 ? 111  ASN A O     1 
ATOM   885  C  CB    . ASN A 1 111 ? -14.350 5.245   3.487   1.00 14.58 ? 111  ASN A CB    1 
ATOM   886  C  CG    . ASN A 1 111 ? -15.605 4.420   3.773   1.00 19.04 ? 111  ASN A CG    1 
ATOM   887  O  OD1   . ASN A 1 111 ? -15.528 3.272   4.233   1.00 21.01 ? 111  ASN A OD1   1 
ATOM   888  N  ND2   . ASN A 1 111 ? -16.769 4.998   3.485   1.00 18.19 ? 111  ASN A ND2   1 
ATOM   889  N  N     . ALA A 1 112 ? -12.589 2.715   5.248   1.00 13.78 ? 112  ALA A N     1 
ATOM   890  C  CA    . ALA A 1 112 ? -12.110 1.337   5.116   1.00 13.40 ? 112  ALA A CA    1 
ATOM   891  C  C     . ALA A 1 112 ? -12.906 0.528   4.091   1.00 13.47 ? 112  ALA A C     1 
ATOM   892  O  O     . ALA A 1 112 ? -12.351 -0.329  3.400   1.00 10.52 ? 112  ALA A O     1 
ATOM   893  C  CB    . ALA A 1 112 ? -12.139 0.640   6.477   1.00 13.91 ? 112  ALA A CB    1 
ATOM   894  N  N     . ASP A 1 113 ? -14.203 0.807   3.983   1.00 15.29 ? 113  ASP A N     1 
ATOM   895  C  CA    . ASP A 1 113 ? -15.057 0.098   3.033   1.00 17.06 ? 113  ASP A CA    1 
ATOM   896  C  C     . ASP A 1 113 ? -14.552 0.212   1.594   1.00 17.19 ? 113  ASP A C     1 
ATOM   897  O  O     . ASP A 1 113 ? -14.840 -0.651  0.757   1.00 16.08 ? 113  ASP A O     1 
ATOM   898  C  CB    . ASP A 1 113 ? -16.499 0.616   3.110   1.00 18.59 ? 113  ASP A CB    1 
ATOM   899  C  CG    . ASP A 1 113 ? -17.176 0.261   4.424   1.00 22.38 ? 113  ASP A CG    1 
ATOM   900  O  OD1   . ASP A 1 113 ? -16.964 -0.879  4.914   1.00 21.69 ? 113  ASP A OD1   1 
ATOM   901  O  OD2   . ASP A 1 113 ? -17.929 1.113   4.956   1.00 23.50 ? 113  ASP A OD2   1 
ATOM   902  N  N     . ASP A 1 114 ? -13.802 1.275   1.317   1.00 15.86 ? 114  ASP A N     1 
ATOM   903  C  CA    . ASP A 1 114 ? -13.254 1.504   -0.017  1.00 15.85 ? 114  ASP A CA    1 
ATOM   904  C  C     . ASP A 1 114 ? -12.037 0.628   -0.301  1.00 14.97 ? 114  ASP A C     1 
ATOM   905  O  O     . ASP A 1 114 ? -11.692 0.394   -1.455  1.00 15.74 ? 114  ASP A O     1 
ATOM   906  C  CB    . ASP A 1 114 ? -12.865 2.975   -0.171  1.00 17.93 ? 114  ASP A CB    1 
ATOM   907  C  CG    . ASP A 1 114 ? -14.064 3.906   -0.126  1.00 21.23 ? 114  ASP A CG    1 
ATOM   908  O  OD1   . ASP A 1 114 ? -13.865 5.119   0.110   1.00 22.69 ? 114  ASP A OD1   1 
ATOM   909  O  OD2   . ASP A 1 114 ? -15.204 3.431   -0.335  1.00 23.08 ? 114  ASP A OD2   1 
ATOM   910  N  N     . PHE A 1 115 ? -11.386 0.148   0.753   1.00 14.26 ? 115  PHE A N     1 
ATOM   911  C  CA    . PHE A 1 115 ? -10.195 -0.685  0.602   1.00 13.93 ? 115  PHE A CA    1 
ATOM   912  C  C     . PHE A 1 115 ? -10.550 -2.146  0.801   1.00 15.43 ? 115  PHE A C     1 
ATOM   913  O  O     . PHE A 1 115 ? -11.707 -2.484  1.066   1.00 17.79 ? 115  PHE A O     1 
ATOM   914  C  CB    . PHE A 1 115 ? -9.130  -0.310  1.642   1.00 11.05 ? 115  PHE A CB    1 
ATOM   915  C  CG    . PHE A 1 115 ? -8.596  1.092   1.507   1.00 9.51  ? 115  PHE A CG    1 
ATOM   916  C  CD1   . PHE A 1 115 ? -9.406  2.192   1.766   1.00 5.26  ? 115  PHE A CD1   1 
ATOM   917  C  CD2   . PHE A 1 115 ? -7.270  1.310   1.122   1.00 9.04  ? 115  PHE A CD2   1 
ATOM   918  C  CE1   . PHE A 1 115 ? -8.902  3.491   1.642   1.00 8.56  ? 115  PHE A CE1   1 
ATOM   919  C  CE2   . PHE A 1 115 ? -6.755  2.605   0.996   1.00 7.02  ? 115  PHE A CE2   1 
ATOM   920  C  CZ    . PHE A 1 115 ? -7.575  3.699   1.256   1.00 5.77  ? 115  PHE A CZ    1 
ATOM   921  N  N     . PRO A 1 116 ? -9.563  -3.041  0.641   1.00 13.79 ? 116  PRO A N     1 
ATOM   922  C  CA    . PRO A 1 116 ? -9.886  -4.452  0.846   1.00 13.30 ? 116  PRO A CA    1 
ATOM   923  C  C     . PRO A 1 116 ? -10.153 -4.658  2.331   1.00 13.18 ? 116  PRO A C     1 
ATOM   924  O  O     . PRO A 1 116 ? -9.539  -4.003  3.170   1.00 12.21 ? 116  PRO A O     1 
ATOM   925  C  CB    . PRO A 1 116 ? -8.627  -5.164  0.356   1.00 12.30 ? 116  PRO A CB    1 
ATOM   926  C  CG    . PRO A 1 116 ? -8.180  -4.272  -0.764  1.00 12.15 ? 116  PRO A CG    1 
ATOM   927  C  CD    . PRO A 1 116 ? -8.308  -2.904  -0.119  1.00 12.48 ? 116  PRO A CD    1 
ATOM   928  N  N     . PRO A 1 117 ? -11.081 -5.560  2.677   1.00 14.79 ? 117  PRO A N     1 
ATOM   929  C  CA    . PRO A 1 117 ? -11.382 -5.790  4.093   1.00 14.55 ? 117  PRO A CA    1 
ATOM   930  C  C     . PRO A 1 117 ? -10.149 -6.088  4.939   1.00 15.46 ? 117  PRO A C     1 
ATOM   931  O  O     . PRO A 1 117 ? -10.151 -5.869  6.147   1.00 18.23 ? 117  PRO A O     1 
ATOM   932  C  CB    . PRO A 1 117 ? -12.383 -6.952  4.054   1.00 15.00 ? 117  PRO A CB    1 
ATOM   933  C  CG    . PRO A 1 117 ? -12.055 -7.663  2.768   1.00 15.27 ? 117  PRO A CG    1 
ATOM   934  C  CD    . PRO A 1 117 ? -11.802 -6.518  1.820   1.00 13.60 ? 117  PRO A CD    1 
ATOM   935  N  N     . ALA A 1 118 ? -9.092  -6.573  4.299   1.00 15.44 ? 118  ALA A N     1 
ATOM   936  C  CA    . ALA A 1 118 ? -7.855  -6.893  5.003   1.00 14.54 ? 118  ALA A CA    1 
ATOM   937  C  C     . ALA A 1 118 ? -7.209  -5.654  5.629   1.00 13.93 ? 118  ALA A C     1 
ATOM   938  O  O     . ALA A 1 118 ? -6.539  -5.758  6.650   1.00 15.43 ? 118  ALA A O     1 
ATOM   939  C  CB    . ALA A 1 118 ? -6.874  -7.568  4.043   1.00 15.10 ? 118  ALA A CB    1 
ATOM   940  N  N     . ASN A 1 119 ? -7.423  -4.489  5.021   1.00 12.58 ? 119  ASN A N     1 
ATOM   941  C  CA    . ASN A 1 119 ? -6.855  -3.227  5.498   1.00 12.59 ? 119  ASN A CA    1 
ATOM   942  C  C     . ASN A 1 119 ? -7.611  -2.586  6.679   1.00 14.59 ? 119  ASN A C     1 
ATOM   943  O  O     . ASN A 1 119 ? -7.168  -1.573  7.232   1.00 13.42 ? 119  ASN A O     1 
ATOM   944  C  CB    . ASN A 1 119 ? -6.816  -2.220  4.344   1.00 10.65 ? 119  ASN A CB    1 
ATOM   945  C  CG    . ASN A 1 119 ? -5.973  -2.692  3.179   1.00 9.54  ? 119  ASN A CG    1 
ATOM   946  O  OD1   . ASN A 1 119 ? -5.815  -3.890  2.948   1.00 8.01  ? 119  ASN A OD1   1 
ATOM   947  N  ND2   . ASN A 1 119 ? -5.439  -1.743  2.424   1.00 9.39  ? 119  ASN A ND2   1 
ATOM   948  N  N     . GLU A 1 120 ? -8.750  -3.165  7.056   1.00 16.03 ? 120  GLU A N     1 
ATOM   949  C  CA    . GLU A 1 120 ? -9.562  -2.636  8.152   1.00 17.84 ? 120  GLU A CA    1 
ATOM   950  C  C     . GLU A 1 120 ? -8.771  -2.201  9.396   1.00 16.65 ? 120  GLU A C     1 
ATOM   951  O  O     . GLU A 1 120 ? -8.841  -1.037  9.795   1.00 16.31 ? 120  GLU A O     1 
ATOM   952  C  CB    . GLU A 1 120 ? -10.640 -3.658  8.531   1.00 23.13 ? 120  GLU A CB    1 
ATOM   953  C  CG    . GLU A 1 120 ? -11.728 -3.834  7.467   1.00 30.65 ? 120  GLU A CG    1 
ATOM   954  C  CD    . GLU A 1 120 ? -12.682 -2.644  7.401   1.00 36.55 ? 120  GLU A CD    1 
ATOM   955  O  OE1   . GLU A 1 120 ? -13.458 -2.544  6.419   1.00 37.92 ? 120  GLU A OE1   1 
ATOM   956  O  OE2   . GLU A 1 120 ? -12.663 -1.814  8.341   1.00 39.59 ? 120  GLU A OE2   1 
ATOM   957  N  N     . PRO A 1 121 ? -8.009  -3.122  10.027  1.00 15.28 ? 121  PRO A N     1 
ATOM   958  C  CA    . PRO A 1 121 ? -7.237  -2.741  11.219  1.00 13.54 ? 121  PRO A CA    1 
ATOM   959  C  C     . PRO A 1 121 ? -6.157  -1.687  10.947  1.00 13.68 ? 121  PRO A C     1 
ATOM   960  O  O     . PRO A 1 121 ? -5.957  -0.773  11.751  1.00 12.17 ? 121  PRO A O     1 
ATOM   961  C  CB    . PRO A 1 121 ? -6.652  -4.069  11.692  1.00 11.33 ? 121  PRO A CB    1 
ATOM   962  C  CG    . PRO A 1 121 ? -6.508  -4.844  10.429  1.00 13.89 ? 121  PRO A CG    1 
ATOM   963  C  CD    . PRO A 1 121 ? -7.800  -4.546  9.707   1.00 14.22 ? 121  PRO A CD    1 
ATOM   964  N  N     . VAL A 1 122 ? -5.462  -1.817  9.818   1.00 13.91 ? 122  VAL A N     1 
ATOM   965  C  CA    . VAL A 1 122 ? -4.419  -0.859  9.455   1.00 15.60 ? 122  VAL A CA    1 
ATOM   966  C  C     . VAL A 1 122 ? -5.010  0.539   9.269   1.00 15.70 ? 122  VAL A C     1 
ATOM   967  O  O     . VAL A 1 122 ? -4.474  1.512   9.790   1.00 15.49 ? 122  VAL A O     1 
ATOM   968  C  CB    . VAL A 1 122 ? -3.698  -1.277  8.153   1.00 15.74 ? 122  VAL A CB    1 
ATOM   969  C  CG1   . VAL A 1 122 ? -2.678  -0.225  7.756   1.00 14.39 ? 122  VAL A CG1   1 
ATOM   970  C  CG2   . VAL A 1 122 ? -3.018  -2.609  8.353   1.00 17.77 ? 122  VAL A CG2   1 
ATOM   971  N  N     . ILE A 1 123 ? -6.113  0.628   8.526   1.00 16.36 ? 123  ILE A N     1 
ATOM   972  C  CA    . ILE A 1 123 ? -6.785  1.902   8.288   1.00 17.87 ? 123  ILE A CA    1 
ATOM   973  C  C     . ILE A 1 123 ? -7.162  2.533   9.624   1.00 19.15 ? 123  ILE A C     1 
ATOM   974  O  O     . ILE A 1 123 ? -6.997  3.737   9.821   1.00 19.04 ? 123  ILE A O     1 
ATOM   975  C  CB    . ILE A 1 123 ? -8.091  1.721   7.476   1.00 17.64 ? 123  ILE A CB    1 
ATOM   976  C  CG1   . ILE A 1 123 ? -7.781  1.163   6.084   1.00 17.47 ? 123  ILE A CG1   1 
ATOM   977  C  CG2   . ILE A 1 123 ? -8.834  3.053   7.383   1.00 14.83 ? 123  ILE A CG2   1 
ATOM   978  C  CD1   . ILE A 1 123 ? -7.126  2.147   5.153   1.00 17.97 ? 123  ILE A CD1   1 
ATOM   979  N  N     . ALA A 1 124 ? -7.682  1.717   10.538  1.00 19.95 ? 124  ALA A N     1 
ATOM   980  C  CA    . ALA A 1 124 ? -8.081  2.210   11.851  1.00 20.95 ? 124  ALA A CA    1 
ATOM   981  C  C     . ALA A 1 124 ? -6.868  2.677   12.637  1.00 21.32 ? 124  ALA A C     1 
ATOM   982  O  O     . ALA A 1 124 ? -6.832  3.801   13.123  1.00 21.41 ? 124  ALA A O     1 
ATOM   983  C  CB    . ALA A 1 124 ? -8.814  1.119   12.625  1.00 20.36 ? 124  ALA A CB    1 
ATOM   984  N  N     . LYS A 1 125 ? -5.871  1.811   12.758  1.00 23.49 ? 125  LYS A N     1 
ATOM   985  C  CA    . LYS A 1 125 ? -4.666  2.159   13.496  1.00 25.50 ? 125  LYS A CA    1 
ATOM   986  C  C     . LYS A 1 125 ? -4.031  3.413   12.907  1.00 25.93 ? 125  LYS A C     1 
ATOM   987  O  O     . LYS A 1 125 ? -3.444  4.219   13.635  1.00 25.37 ? 125  LYS A O     1 
ATOM   988  C  CB    . LYS A 1 125 ? -3.661  1.003   13.468  1.00 27.25 ? 125  LYS A CB    1 
ATOM   989  C  CG    . LYS A 1 125 ? -2.431  1.253   14.330  1.00 31.00 ? 125  LYS A CG    1 
ATOM   990  C  CD    . LYS A 1 125 ? -1.474  0.070   14.330  1.00 33.85 ? 125  LYS A CD    1 
ATOM   991  C  CE    . LYS A 1 125 ? -0.217  0.384   15.136  1.00 35.17 ? 125  LYS A CE    1 
ATOM   992  N  NZ    . LYS A 1 125 ? 0.795   -0.713  15.077  1.00 35.01 ? 125  LYS A NZ    1 
ATOM   993  N  N     . LEU A 1 126 ? -4.153  3.580   11.592  1.00 25.26 ? 126  LEU A N     1 
ATOM   994  C  CA    . LEU A 1 126 ? -3.588  4.747   10.926  1.00 26.52 ? 126  LEU A CA    1 
ATOM   995  C  C     . LEU A 1 126 ? -4.173  6.043   11.463  1.00 29.08 ? 126  LEU A C     1 
ATOM   996  O  O     . LEU A 1 126 ? -3.457  7.030   11.637  1.00 27.36 ? 126  LEU A O     1 
ATOM   997  C  CB    . LEU A 1 126 ? -3.815  4.686   9.413   1.00 24.92 ? 126  LEU A CB    1 
ATOM   998  C  CG    . LEU A 1 126 ? -2.670  4.125   8.567   1.00 22.77 ? 126  LEU A CG    1 
ATOM   999  C  CD1   . LEU A 1 126 ? -3.023  4.247   7.093   1.00 20.00 ? 126  LEU A CD1   1 
ATOM   1000 C  CD2   . LEU A 1 126 ? -1.384  4.887   8.878   1.00 20.94 ? 126  LEU A CD2   1 
ATOM   1001 N  N     . LYS A 1 127 ? -5.476  6.041   11.729  1.00 32.06 ? 127  LYS A N     1 
ATOM   1002 C  CA    . LYS A 1 127 ? -6.127  7.234   12.240  1.00 36.83 ? 127  LYS A CA    1 
ATOM   1003 C  C     . LYS A 1 127 ? -5.666  7.597   13.650  1.00 41.14 ? 127  LYS A C     1 
ATOM   1004 O  O     . LYS A 1 127 ? -6.430  8.141   14.445  1.00 40.50 ? 127  LYS A O     1 
ATOM   1005 C  CB    . LYS A 1 127 ? -7.644  7.063   12.197  1.00 35.25 ? 127  LYS A CB    1 
ATOM   1006 C  CG    . LYS A 1 127 ? -8.185  6.880   10.787  1.00 34.23 ? 127  LYS A CG    1 
ATOM   1007 C  CD    . LYS A 1 127 ? -9.698  6.970   10.756  1.00 32.58 ? 127  LYS A CD    1 
ATOM   1008 C  CE    . LYS A 1 127 ? -10.223 6.973   9.332   1.00 31.82 ? 127  LYS A CE    1 
ATOM   1009 N  NZ    . LYS A 1 127 ? -11.697 7.187   9.301   1.00 31.17 ? 127  LYS A NZ    1 
ATOM   1010 N  N     . ARG A 1 128 ? -4.401  7.295   13.947  1.00 47.15 ? 128  ARG A N     1 
ATOM   1011 C  CA    . ARG A 1 128 ? -3.805  7.603   15.246  1.00 51.09 ? 128  ARG A CA    1 
ATOM   1012 C  C     . ARG A 1 128 ? -2.291  7.803   15.155  1.00 54.07 ? 128  ARG A C     1 
ATOM   1013 O  O     . ARG A 1 128 ? -1.611  7.780   16.179  1.00 55.14 ? 128  ARG A O     1 
ATOM   1014 C  CB    . ARG A 1 128 ? -4.047  6.476   16.247  1.00 51.76 ? 128  ARG A CB    1 
ATOM   1015 C  CG    . ARG A 1 128 ? -5.463  5.987   16.388  1.00 52.20 ? 128  ARG A CG    1 
ATOM   1016 C  CD    . ARG A 1 128 ? -5.539  5.132   17.639  1.00 54.54 ? 128  ARG A CD    1 
ATOM   1017 N  NE    . ARG A 1 128 ? -6.808  4.425   17.784  1.00 58.05 ? 128  ARG A NE    1 
ATOM   1018 C  CZ    . ARG A 1 128 ? -7.154  3.352   17.079  1.00 59.90 ? 128  ARG A CZ    1 
ATOM   1019 N  NH1   . ARG A 1 128 ? -6.324  2.852   16.171  1.00 61.12 ? 128  ARG A NH1   1 
ATOM   1020 N  NH2   . ARG A 1 128 ? -8.329  2.772   17.288  1.00 59.87 ? 128  ARG A NH2   1 
ATOM   1021 N  N     . LEU A 1 129 ? -1.751  7.982   13.954  1.00 57.12 ? 129  LEU A N     1 
ATOM   1022 C  CA    . LEU A 1 129 ? -0.306  8.161   13.822  1.00 60.06 ? 129  LEU A CA    1 
ATOM   1023 C  C     . LEU A 1 129 ? 0.117   8.667   12.450  1.00 61.89 ? 129  LEU A C     1 
ATOM   1024 O  O     . LEU A 1 129 ? 1.029   9.524   12.411  1.00 63.88 ? 129  LEU A O     1 
ATOM   1025 C  CB    . LEU A 1 129 ? 0.425   6.848   14.139  1.00 59.47 ? 129  LEU A CB    1 
ATOM   1026 C  CG    . LEU A 1 129 ? 0.510   5.729   13.095  1.00 60.23 ? 129  LEU A CG    1 
ATOM   1027 C  CD1   . LEU A 1 129 ? -0.813  5.619   12.351  1.00 60.44 ? 129  LEU A CD1   1 
ATOM   1028 C  CD2   . LEU A 1 129 ? 1.650   6.003   12.116  1.00 60.38 ? 129  LEU A CD2   1 
ATOM   1029 O  OXT   . LEU A 1 129 ? -0.444  8.191   11.436  1.00 62.88 ? 129  LEU A OXT   1 
HETATM 1030 MN MN    . MN  B 2 .   ? 0.111   -4.132  -7.018  0.70 23.14 ? 1001 MN  A MN    1 
HETATM 1031 S  S     . SO4 C 3 .   ? 17.089  3.102   3.933   1.00 65.40 ? 2001 SO4 A S     1 
HETATM 1032 O  O1    . SO4 C 3 .   ? 17.217  4.340   4.734   1.00 64.47 ? 2001 SO4 A O1    1 
HETATM 1033 O  O2    . SO4 C 3 .   ? 17.795  3.269   2.644   1.00 64.08 ? 2001 SO4 A O2    1 
HETATM 1034 O  O3    . SO4 C 3 .   ? 17.678  1.973   4.684   1.00 64.38 ? 2001 SO4 A O3    1 
HETATM 1035 O  O4    . SO4 C 3 .   ? 15.664  2.819   3.673   1.00 64.34 ? 2001 SO4 A O4    1 
HETATM 1036 O  OP3   . 8OG D 4 .   ? -2.691  -7.114  -7.157  1.00 23.44 ? 5001 8OG A OP3   1 
HETATM 1037 P  P     . 8OG D 4 .   ? -1.310  -7.440  -6.735  1.00 21.60 ? 5001 8OG A P     1 
HETATM 1038 O  OP1   . 8OG D 4 .   ? -0.642  -6.142  -6.464  1.00 23.19 ? 5001 8OG A OP1   1 
HETATM 1039 O  OP2   . 8OG D 4 .   ? -0.738  -8.340  -7.765  1.00 22.78 ? 5001 8OG A OP2   1 
HETATM 1040 O  "O5'" . 8OG D 4 .   ? -1.408  -8.286  -5.354  1.00 23.35 ? 5001 8OG A "O5'" 1 
HETATM 1041 C  "C5'" . 8OG D 4 .   ? -1.850  -7.671  -4.130  1.00 17.87 ? 5001 8OG A "C5'" 1 
HETATM 1042 C  "C4'" . 8OG D 4 .   ? -2.798  -8.582  -3.337  1.00 15.05 ? 5001 8OG A "C4'" 1 
HETATM 1043 O  "O4'" . 8OG D 4 .   ? -2.902  -8.144  -1.964  1.00 13.92 ? 5001 8OG A "O4'" 1 
HETATM 1044 C  "C3'" . 8OG D 4 .   ? -4.216  -8.574  -3.905  1.00 15.37 ? 5001 8OG A "C3'" 1 
HETATM 1045 O  "O3'" . 8OG D 4 .   ? -4.786  -9.895  -3.839  1.00 14.96 ? 5001 8OG A "O3'" 1 
HETATM 1046 C  "C2'" . 8OG D 4 .   ? -4.961  -7.589  -3.056  1.00 13.95 ? 5001 8OG A "C2'" 1 
HETATM 1047 C  "C1'" . 8OG D 4 .   ? -4.259  -7.679  -1.707  1.00 15.12 ? 5001 8OG A "C1'" 1 
HETATM 1048 N  N9    . 8OG D 4 .   ? -4.225  -6.356  -1.016  1.00 12.69 ? 5001 8OG A N9    1 
HETATM 1049 C  C8    . 8OG D 4 .   ? -4.944  -6.066  0.113   1.00 10.57 ? 5001 8OG A C8    1 
HETATM 1050 N  N7    . 8OG D 4 .   ? -4.791  -4.888  0.571   1.00 9.16  ? 5001 8OG A N7    1 
HETATM 1051 C  C5    . 8OG D 4 .   ? -3.887  -4.269  -0.295  1.00 9.10  ? 5001 8OG A C5    1 
HETATM 1052 C  C6    . 8OG D 4 .   ? -3.312  -2.954  -0.324  1.00 8.03  ? 5001 8OG A C6    1 
HETATM 1053 O  O6    . 8OG D 4 .   ? -3.495  -2.022  0.453   1.00 9.14  ? 5001 8OG A O6    1 
HETATM 1054 N  N1    . 8OG D 4 .   ? -2.435  -2.788  -1.413  1.00 5.47  ? 5001 8OG A N1    1 
HETATM 1055 C  C2    . 8OG D 4 .   ? -2.136  -3.756  -2.365  1.00 4.40  ? 5001 8OG A C2    1 
HETATM 1056 N  N2    . 8OG D 4 .   ? -1.275  -3.416  -3.324  1.00 5.97  ? 5001 8OG A N2    1 
HETATM 1057 N  N3    . 8OG D 4 .   ? -2.669  -4.992  -2.345  1.00 7.74  ? 5001 8OG A N3    1 
HETATM 1058 C  C4    . 8OG D 4 .   ? -3.526  -5.189  -1.301  1.00 9.13  ? 5001 8OG A C4    1 
HETATM 1059 O  O8    . 8OG D 4 .   ? -5.669  -6.933  0.595   1.00 7.94  ? 5001 8OG A O8    1 
HETATM 1060 O  O     . HOH E 5 .   ? 8.401   10.090  -9.313  1.00 3.04  ? 130  HOH A O     1 
HETATM 1061 O  O     . HOH E 5 .   ? -4.715  17.437  -1.030  1.00 17.33 ? 131  HOH A O     1 
HETATM 1062 O  O     . HOH E 5 .   ? 6.004   -9.283  -7.813  1.00 17.51 ? 132  HOH A O     1 
HETATM 1063 O  O     . HOH E 5 .   ? 14.234  -6.614  -5.206  1.00 8.06  ? 133  HOH A O     1 
HETATM 1064 O  O     . HOH E 5 .   ? -10.842 0.424   -11.784 1.00 7.61  ? 134  HOH A O     1 
HETATM 1065 O  O     . HOH E 5 .   ? 8.703   -15.316 -7.142  1.00 18.20 ? 135  HOH A O     1 
HETATM 1066 O  O     . HOH E 5 .   ? 10.166  6.248   5.449   1.00 19.75 ? 136  HOH A O     1 
HETATM 1067 O  O     . HOH E 5 .   ? -10.917 6.306   1.670   1.00 24.51 ? 137  HOH A O     1 
HETATM 1068 O  O     . HOH E 5 .   ? -11.570 -14.169 6.287   1.00 12.48 ? 138  HOH A O     1 
HETATM 1069 O  O     . HOH E 5 .   ? 1.908   -8.474  -7.104  1.00 26.24 ? 139  HOH A O     1 
HETATM 1070 O  O     . HOH E 5 .   ? -3.302  -9.922  -7.751  1.00 17.44 ? 140  HOH A O     1 
HETATM 1071 O  O     . HOH E 5 .   ? -8.940  -13.655 7.206   1.00 14.05 ? 141  HOH A O     1 
HETATM 1072 O  O     . HOH E 5 .   ? -6.152  13.350  8.047   1.00 23.06 ? 142  HOH A O     1 
HETATM 1073 O  O     . HOH E 5 .   ? -13.253 3.886   7.860   1.00 16.66 ? 143  HOH A O     1 
HETATM 1074 O  O     . HOH E 5 .   ? -10.859 -13.662 -3.235  1.00 23.53 ? 144  HOH A O     1 
HETATM 1075 O  O     . HOH E 5 .   ? 2.280   13.111  -6.020  1.00 16.99 ? 145  HOH A O     1 
HETATM 1076 O  O     . HOH E 5 .   ? 12.220  10.872  8.322   1.00 26.05 ? 146  HOH A O     1 
HETATM 1077 O  O     . HOH E 5 .   ? -7.476  -7.742  8.410   1.00 21.03 ? 147  HOH A O     1 
HETATM 1078 O  O     . HOH E 5 .   ? 1.980   -6.176  13.518  1.00 15.82 ? 148  HOH A O     1 
HETATM 1079 O  O     . HOH E 5 .   ? -0.408  1.728   -7.492  1.00 11.31 ? 149  HOH A O     1 
HETATM 1080 O  O     . HOH E 5 .   ? -4.772  -3.346  -10.349 1.00 19.50 ? 150  HOH A O     1 
HETATM 1081 O  O     . HOH E 5 .   ? -3.333  9.546   12.346  1.00 32.30 ? 151  HOH A O     1 
HETATM 1082 O  O     . HOH E 5 .   ? 14.379  -3.576  -3.997  1.00 7.78  ? 152  HOH A O     1 
HETATM 1083 O  O     . HOH E 5 .   ? 4.874   -1.777  -14.573 1.00 21.86 ? 153  HOH A O     1 
HETATM 1084 O  O     . HOH E 5 .   ? -5.110  -9.572  -9.828  1.00 11.36 ? 154  HOH A O     1 
HETATM 1085 O  O     . HOH E 5 .   ? -15.938 -0.538  -1.987  1.00 42.13 ? 155  HOH A O     1 
HETATM 1086 O  O     . HOH E 5 .   ? 10.393  13.334  -2.514  1.00 17.26 ? 156  HOH A O     1 
HETATM 1087 O  O     . HOH E 5 .   ? -8.210  8.324   -4.294  1.00 31.29 ? 157  HOH A O     1 
HETATM 1088 O  O     . HOH E 5 .   ? 5.840   15.348  2.600   1.00 19.73 ? 158  HOH A O     1 
HETATM 1089 O  O     . HOH E 5 .   ? 11.312  -14.417 -0.400  1.00 15.62 ? 159  HOH A O     1 
HETATM 1090 O  O     . HOH E 5 .   ? -2.811  8.791   -11.586 1.00 10.85 ? 160  HOH A O     1 
HETATM 1091 O  O     . HOH E 5 .   ? 0.122   4.738   0.578   1.00 1.22  ? 161  HOH A O     1 
HETATM 1092 O  O     . HOH E 5 .   ? -12.339 -10.018 -6.221  1.00 25.39 ? 162  HOH A O     1 
HETATM 1093 O  O     . HOH E 5 .   ? 13.273  -16.450 -0.885  1.00 6.85  ? 163  HOH A O     1 
HETATM 1094 O  O     . HOH E 5 .   ? 16.287  -5.981  2.741   1.00 29.89 ? 164  HOH A O     1 
HETATM 1095 O  O     . HOH E 5 .   ? -3.056  -5.665  -9.191  1.00 12.39 ? 165  HOH A O     1 
HETATM 1096 O  O     . HOH E 5 .   ? -10.410 -2.004  4.828   1.00 1.22  ? 166  HOH A O     1 
HETATM 1097 O  O     . HOH E 5 .   ? -1.226  9.767   -9.622  1.00 9.52  ? 167  HOH A O     1 
HETATM 1098 O  O     . HOH E 5 .   ? 6.305   0.297   -13.718 1.00 9.35  ? 168  HOH A O     1 
HETATM 1099 O  O     . HOH E 5 .   ? 9.797   -1.500  11.791  1.00 36.90 ? 169  HOH A O     1 
HETATM 1100 O  O     . HOH E 5 .   ? -3.783  -11.937 -5.446  1.00 23.28 ? 170  HOH A O     1 
HETATM 1101 O  O     . HOH E 5 .   ? 13.042  6.523   -7.514  1.00 22.76 ? 171  HOH A O     1 
HETATM 1102 O  O     . HOH E 5 .   ? 12.643  -14.759 -7.980  1.00 30.78 ? 172  HOH A O     1 
HETATM 1103 O  O     . HOH E 5 .   ? 10.176  12.769  1.063   1.00 27.32 ? 173  HOH A O     1 
HETATM 1104 O  O     . HOH E 5 .   ? -10.591 -7.748  -18.783 1.00 32.14 ? 174  HOH A O     1 
HETATM 1105 O  O     . HOH E 5 .   ? 17.190  -10.696 -0.855  1.00 27.62 ? 175  HOH A O     1 
HETATM 1106 O  O     . HOH E 5 .   ? -3.765  11.768  11.085  1.00 24.22 ? 176  HOH A O     1 
HETATM 1107 O  O     . HOH E 5 .   ? -9.928  13.241  -8.251  1.00 23.83 ? 177  HOH A O     1 
HETATM 1108 O  O     . HOH E 5 .   ? -5.884  17.202  3.921   1.00 29.51 ? 178  HOH A O     1 
HETATM 1109 O  O     . HOH E 5 .   ? -15.288 -6.033  -11.460 1.00 2.74  ? 179  HOH A O     1 
HETATM 1110 O  O     . HOH E 5 .   ? -3.045  -1.394  -9.044  1.00 27.76 ? 180  HOH A O     1 
HETATM 1111 O  O     . HOH E 5 .   ? -3.156  -18.695 -1.170  1.00 4.82  ? 181  HOH A O     1 
HETATM 1112 O  O     . HOH E 5 .   ? 14.456  1.485   6.261   1.00 17.24 ? 182  HOH A O     1 
HETATM 1113 O  O     . HOH E 5 .   ? 14.519  -2.308  -6.352  1.00 6.90  ? 183  HOH A O     1 
HETATM 1114 O  O     . HOH E 5 .   ? -15.898 -6.379  -8.978  1.00 10.28 ? 184  HOH A O     1 
HETATM 1115 O  O     . HOH E 5 .   ? -12.078 -15.347 -7.946  1.00 14.20 ? 185  HOH A O     1 
HETATM 1116 O  O     . HOH E 5 .   ? -12.189 1.150   -14.205 1.00 10.16 ? 186  HOH A O     1 
HETATM 1117 O  O     . HOH E 5 .   ? -14.730 5.483   9.764   1.00 25.99 ? 187  HOH A O     1 
HETATM 1118 O  O     . HOH E 5 .   ? -13.093 -12.413 -4.157  1.00 13.04 ? 188  HOH A O     1 
HETATM 1119 O  O     . HOH E 5 .   ? -12.829 -16.514 6.361   1.00 14.16 ? 189  HOH A O     1 
HETATM 1120 O  O     . HOH E 5 .   ? -4.610  -0.701  -11.767 1.00 23.91 ? 190  HOH A O     1 
HETATM 1121 O  O     . HOH E 5 .   ? -6.728  9.214   -8.450  1.00 15.49 ? 191  HOH A O     1 
HETATM 1122 O  O     . HOH E 5 .   ? -9.701  6.834   -7.163  1.00 24.33 ? 192  HOH A O     1 
HETATM 1123 O  O     . HOH E 5 .   ? 7.780   -17.361 -5.431  1.00 49.07 ? 193  HOH A O     1 
HETATM 1124 O  O     . HOH E 5 .   ? -4.095  -5.012  -12.409 1.00 21.94 ? 194  HOH A O     1 
HETATM 1125 O  O     . HOH E 5 .   ? 10.045  -6.215  -10.917 1.00 22.61 ? 195  HOH A O     1 
HETATM 1126 O  O     . HOH E 5 .   ? 6.672   13.720  -2.924  1.00 24.21 ? 196  HOH A O     1 
HETATM 1127 O  O     . HOH E 5 .   ? -17.151 -2.607  0.868   1.00 37.16 ? 197  HOH A O     1 
HETATM 1128 O  O     . HOH E 5 .   ? 11.693  4.989   -9.176  1.00 24.51 ? 198  HOH A O     1 
HETATM 1129 O  O     . HOH E 5 .   ? -13.144 -11.542 2.746   1.00 21.84 ? 199  HOH A O     1 
HETATM 1130 O  O     . HOH E 5 .   ? -8.421  1.453   -11.621 1.00 21.74 ? 200  HOH A O     1 
HETATM 1131 O  O     . HOH E 5 .   ? 10.603  12.753  5.744   1.00 23.88 ? 201  HOH A O     1 
HETATM 1132 O  O     . HOH E 5 .   ? -11.402 0.376   10.226  1.00 19.30 ? 202  HOH A O     1 
HETATM 1133 O  O     . HOH E 5 .   ? 11.575  5.218   10.134  1.00 41.10 ? 203  HOH A O     1 
HETATM 1134 O  O     . HOH E 5 .   ? 14.370  -1.009  6.286   1.00 26.65 ? 204  HOH A O     1 
HETATM 1135 O  O     . HOH E 5 .   ? -0.872  -2.409  -6.259  1.00 13.34 ? 205  HOH A O     1 
HETATM 1136 O  O     . HOH E 5 .   ? 5.153   2.045   11.982  1.00 20.76 ? 206  HOH A O     1 
HETATM 1137 O  O     . HOH E 5 .   ? 9.014   -15.309 -1.766  1.00 25.07 ? 207  HOH A O     1 
HETATM 1138 O  O     . HOH E 5 .   ? 7.913   13.718  1.837   1.00 31.12 ? 208  HOH A O     1 
HETATM 1139 O  O     . HOH E 5 .   ? 1.800   13.487  8.409   1.00 41.36 ? 209  HOH A O     1 
HETATM 1140 O  O     . HOH E 5 .   ? 8.589   14.833  -0.902  1.00 21.62 ? 210  HOH A O     1 
HETATM 1141 O  O     . HOH E 5 .   ? -9.134  -22.020 6.002   1.00 40.00 ? 211  HOH A O     1 
HETATM 1142 O  O     . HOH E 5 .   ? -13.767 -3.230  3.473   1.00 20.45 ? 212  HOH A O     1 
HETATM 1143 O  O     . HOH E 5 .   ? 16.260  9.534   -6.739  1.00 29.10 ? 213  HOH A O     1 
HETATM 1144 O  O     . HOH E 5 .   ? -14.385 -11.572 -2.332  1.00 17.69 ? 214  HOH A O     1 
HETATM 1145 O  O     . HOH E 5 .   ? 4.807   -7.188  -8.985  1.00 29.18 ? 215  HOH A O     1 
HETATM 1146 O  O     . HOH E 5 .   ? -9.808  -7.409  9.691   1.00 19.60 ? 216  HOH A O     1 
HETATM 1147 O  O     . HOH E 5 .   ? -1.152  -3.534  -8.674  1.00 23.25 ? 217  HOH A O     1 
HETATM 1148 O  O     . HOH E 5 .   ? 1.480   -4.997  -8.339  1.00 22.50 ? 218  HOH A O     1 
HETATM 1149 O  O     . HOH E 5 .   ? 9.846   7.230   -12.263 1.00 15.11 ? 221  HOH A O     1 
HETATM 1150 O  O     . HOH E 5 .   ? 11.374  8.974   -15.342 1.00 33.88 ? 222  HOH A O     1 
HETATM 1151 O  O     . HOH E 5 .   ? -8.498  10.051  16.239  1.00 18.05 ? 223  HOH A O     1 
# 
loop_
_pdbx_poly_seq_scheme.asym_id 
_pdbx_poly_seq_scheme.entity_id 
_pdbx_poly_seq_scheme.seq_id 
_pdbx_poly_seq_scheme.mon_id 
_pdbx_poly_seq_scheme.ndb_seq_num 
_pdbx_poly_seq_scheme.pdb_seq_num 
_pdbx_poly_seq_scheme.auth_seq_num 
_pdbx_poly_seq_scheme.pdb_mon_id 
_pdbx_poly_seq_scheme.auth_mon_id 
_pdbx_poly_seq_scheme.pdb_strand_id 
_pdbx_poly_seq_scheme.pdb_ins_code 
_pdbx_poly_seq_scheme.hetero 
A 1 1   MET 1   1   ?   ?   ?   A . n 
A 1 2   LYS 2   2   ?   ?   ?   A . n 
A 1 3   LYS 3   3   ?   ?   ?   A . n 
A 1 4   LEU 4   4   4   LEU LEU A . n 
A 1 5   GLN 5   5   5   GLN GLN A . n 
A 1 6   ILE 6   6   6   ILE ILE A . n 
A 1 7   ALA 7   7   7   ALA ALA A . n 
A 1 8   VAL 8   8   8   VAL VAL A . n 
A 1 9   GLY 9   9   9   GLY GLY A . n 
A 1 10  ILE 10  10  10  ILE ILE A . n 
A 1 11  ILE 11  11  11  ILE ILE A . n 
A 1 12  ARG 12  12  12  ARG ARG A . n 
A 1 13  ASN 13  13  13  ASN ASN A . n 
A 1 14  GLU 14  14  14  GLU GLU A . n 
A 1 15  ASN 15  15  15  ASN ASN A . n 
A 1 16  ASN 16  16  16  ASN ASN A . n 
A 1 17  GLU 17  17  17  GLU GLU A . n 
A 1 18  ILE 18  18  18  ILE ILE A . n 
A 1 19  PHE 19  19  19  PHE PHE A . n 
A 1 20  ILE 20  20  20  ILE ILE A . n 
A 1 21  THR 21  21  21  THR THR A . n 
A 1 22  ARG 22  22  22  ARG ARG A . n 
A 1 23  ARG 23  23  23  ARG ARG A . n 
A 1 24  ALA 24  24  24  ALA ALA A . n 
A 1 25  ALA 25  25  25  ALA ALA A . n 
A 1 26  ASP 26  26  26  ASP ASP A . n 
A 1 27  ALA 27  27  27  ALA ALA A . n 
A 1 28  HIS 28  28  28  HIS HIS A . n 
A 1 29  MET 29  29  29  MET MET A . n 
A 1 30  ALA 30  30  30  ALA ALA A . n 
A 1 31  ASN 31  31  31  ASN ASN A . n 
A 1 32  LYS 32  32  32  LYS LYS A . n 
A 1 33  LEU 33  33  33  LEU LEU A . n 
A 1 34  GLU 34  34  34  GLU GLU A . n 
A 1 35  PHE 35  35  35  PHE PHE A . n 
A 1 36  PRO 36  36  36  PRO PRO A . n 
A 1 37  GLY 37  37  37  GLY GLY A . n 
A 1 38  GLY 38  38  38  GLY GLY A . n 
A 1 39  LYS 39  39  39  LYS LYS A . n 
A 1 40  ILE 40  40  40  ILE ILE A . n 
A 1 41  GLU 41  41  41  GLU GLU A . n 
A 1 42  MET 42  42  42  MET MET A . n 
A 1 43  GLY 43  43  43  GLY GLY A . n 
A 1 44  GLU 44  44  44  GLU GLU A . n 
A 1 45  THR 45  45  45  THR THR A . n 
A 1 46  PRO 46  46  46  PRO PRO A . n 
A 1 47  GLU 47  47  47  GLU GLU A . n 
A 1 48  GLN 48  48  48  GLN GLN A . n 
A 1 49  ALA 49  49  49  ALA ALA A . n 
A 1 50  VAL 50  50  50  VAL VAL A . n 
A 1 51  VAL 51  51  51  VAL VAL A . n 
A 1 52  ARG 52  52  52  ARG ARG A . n 
A 1 53  GLU 53  53  53  GLU GLU A . n 
A 1 54  LEU 54  54  54  LEU LEU A . n 
A 1 55  GLN 55  55  55  GLN GLN A . n 
A 1 56  GLU 56  56  56  GLU GLU A . n 
A 1 57  GLU 57  57  57  GLU GLU A . n 
A 1 58  VAL 58  58  58  VAL VAL A . n 
A 1 59  GLY 59  59  59  GLY GLY A . n 
A 1 60  ILE 60  60  60  ILE ILE A . n 
A 1 61  THR 61  61  61  THR THR A . n 
A 1 62  PRO 62  62  62  PRO PRO A . n 
A 1 63  GLN 63  63  63  GLN GLN A . n 
A 1 64  HIS 64  64  64  HIS HIS A . n 
A 1 65  PHE 65  65  65  PHE PHE A . n 
A 1 66  SER 66  66  66  SER SER A . n 
A 1 67  LEU 67  67  67  LEU LEU A . n 
A 1 68  PHE 68  68  68  PHE PHE A . n 
A 1 69  GLU 69  69  69  GLU GLU A . n 
A 1 70  LYS 70  70  70  LYS LYS A . n 
A 1 71  LEU 71  71  71  LEU LEU A . n 
A 1 72  GLU 72  72  72  GLU GLU A . n 
A 1 73  TYR 73  73  73  TYR TYR A . n 
A 1 74  GLU 74  74  74  GLU GLU A . n 
A 1 75  PHE 75  75  75  PHE PHE A . n 
A 1 76  PRO 76  76  76  PRO PRO A . n 
A 1 77  ASP 77  77  77  ASP ASP A . n 
A 1 78  ARG 78  78  78  ARG ARG A . n 
A 1 79  HIS 79  79  79  HIS HIS A . n 
A 1 80  ILE 80  80  80  ILE ILE A . n 
A 1 81  THR 81  81  81  THR THR A . n 
A 1 82  LEU 82  82  82  LEU LEU A . n 
A 1 83  TRP 83  83  83  TRP TRP A . n 
A 1 84  PHE 84  84  84  PHE PHE A . n 
A 1 85  TRP 85  85  85  TRP TRP A . n 
A 1 86  LEU 86  86  86  LEU LEU A . n 
A 1 87  VAL 87  87  87  VAL VAL A . n 
A 1 88  GLU 88  88  88  GLU GLU A . n 
A 1 89  ARG 89  89  89  ARG ARG A . n 
A 1 90  TRP 90  90  90  TRP TRP A . n 
A 1 91  GLU 91  91  91  GLU GLU A . n 
A 1 92  GLY 92  92  92  GLY GLY A . n 
A 1 93  GLU 93  93  93  GLU GLU A . n 
A 1 94  PRO 94  94  94  PRO PRO A . n 
A 1 95  TRP 95  95  95  TRP TRP A . n 
A 1 96  GLY 96  96  96  GLY GLY A . n 
A 1 97  LYS 97  97  97  LYS LYS A . n 
A 1 98  GLU 98  98  98  GLU GLU A . n 
A 1 99  GLY 99  99  99  GLY GLY A . n 
A 1 100 GLN 100 100 100 GLN GLN A . n 
A 1 101 PRO 101 101 101 PRO PRO A . n 
A 1 102 GLY 102 102 102 GLY GLY A . n 
A 1 103 GLU 103 103 103 GLU GLU A . n 
A 1 104 TRP 104 104 104 TRP TRP A . n 
A 1 105 MET 105 105 105 MET MET A . n 
A 1 106 SER 106 106 106 SER SER A . n 
A 1 107 LEU 107 107 107 LEU LEU A . n 
A 1 108 VAL 108 108 108 VAL VAL A . n 
A 1 109 GLY 109 109 109 GLY GLY A . n 
A 1 110 LEU 110 110 110 LEU LEU A . n 
A 1 111 ASN 111 111 111 ASN ASN A . n 
A 1 112 ALA 112 112 112 ALA ALA A . n 
A 1 113 ASP 113 113 113 ASP ASP A . n 
A 1 114 ASP 114 114 114 ASP ASP A . n 
A 1 115 PHE 115 115 115 PHE PHE A . n 
A 1 116 PRO 116 116 116 PRO PRO A . n 
A 1 117 PRO 117 117 117 PRO PRO A . n 
A 1 118 ALA 118 118 118 ALA ALA A . n 
A 1 119 ASN 119 119 119 ASN ASN A . n 
A 1 120 GLU 120 120 120 GLU GLU A . n 
A 1 121 PRO 121 121 121 PRO PRO A . n 
A 1 122 VAL 122 122 122 VAL VAL A . n 
A 1 123 ILE 123 123 123 ILE ILE A . n 
A 1 124 ALA 124 124 124 ALA ALA A . n 
A 1 125 LYS 125 125 125 LYS LYS A . n 
A 1 126 LEU 126 126 126 LEU LEU A . n 
A 1 127 LYS 127 127 127 LYS LYS A . n 
A 1 128 ARG 128 128 128 ARG ARG A . n 
A 1 129 LEU 129 129 129 LEU LEU A . n 
# 
loop_
_pdbx_nonpoly_scheme.asym_id 
_pdbx_nonpoly_scheme.entity_id 
_pdbx_nonpoly_scheme.mon_id 
_pdbx_nonpoly_scheme.ndb_seq_num 
_pdbx_nonpoly_scheme.pdb_seq_num 
_pdbx_nonpoly_scheme.auth_seq_num 
_pdbx_nonpoly_scheme.pdb_mon_id 
_pdbx_nonpoly_scheme.auth_mon_id 
_pdbx_nonpoly_scheme.pdb_strand_id 
_pdbx_nonpoly_scheme.pdb_ins_code 
B 2 MN  1  1001 1001 MN  MN  A . 
C 3 SO4 1  2001 2001 SO4 SO4 A . 
D 4 8OG 1  5001 5001 8OG G42 A . 
E 5 HOH 1  130  130  HOH HOH A . 
E 5 HOH 2  131  131  HOH HOH A . 
E 5 HOH 3  132  132  HOH HOH A . 
E 5 HOH 4  133  133  HOH HOH A . 
E 5 HOH 5  134  134  HOH HOH A . 
E 5 HOH 6  135  135  HOH HOH A . 
E 5 HOH 7  136  136  HOH HOH A . 
E 5 HOH 8  137  137  HOH HOH A . 
E 5 HOH 9  138  138  HOH HOH A . 
E 5 HOH 10 139  139  HOH HOH A . 
E 5 HOH 11 140  140  HOH HOH A . 
E 5 HOH 12 141  141  HOH HOH A . 
E 5 HOH 13 142  142  HOH HOH A . 
E 5 HOH 14 143  143  HOH HOH A . 
E 5 HOH 15 144  144  HOH HOH A . 
E 5 HOH 16 145  145  HOH HOH A . 
E 5 HOH 17 146  146  HOH HOH A . 
E 5 HOH 18 147  147  HOH HOH A . 
E 5 HOH 19 148  148  HOH HOH A . 
E 5 HOH 20 149  149  HOH HOH A . 
E 5 HOH 21 150  150  HOH HOH A . 
E 5 HOH 22 151  151  HOH HOH A . 
E 5 HOH 23 152  152  HOH HOH A . 
E 5 HOH 24 153  153  HOH HOH A . 
E 5 HOH 25 154  154  HOH HOH A . 
E 5 HOH 26 155  155  HOH HOH A . 
E 5 HOH 27 156  156  HOH HOH A . 
E 5 HOH 28 157  157  HOH HOH A . 
E 5 HOH 29 158  158  HOH HOH A . 
E 5 HOH 30 159  159  HOH HOH A . 
E 5 HOH 31 160  160  HOH HOH A . 
E 5 HOH 32 161  161  HOH HOH A . 
E 5 HOH 33 162  162  HOH HOH A . 
E 5 HOH 34 163  163  HOH HOH A . 
E 5 HOH 35 164  164  HOH HOH A . 
E 5 HOH 36 165  165  HOH HOH A . 
E 5 HOH 37 166  166  HOH HOH A . 
E 5 HOH 38 167  167  HOH HOH A . 
E 5 HOH 39 168  168  HOH HOH A . 
E 5 HOH 40 169  169  HOH HOH A . 
E 5 HOH 41 170  170  HOH HOH A . 
E 5 HOH 42 171  171  HOH HOH A . 
E 5 HOH 43 172  172  HOH HOH A . 
E 5 HOH 44 173  173  HOH HOH A . 
E 5 HOH 45 174  174  HOH HOH A . 
E 5 HOH 46 175  175  HOH HOH A . 
E 5 HOH 47 176  176  HOH HOH A . 
E 5 HOH 48 177  177  HOH HOH A . 
E 5 HOH 49 178  178  HOH HOH A . 
E 5 HOH 50 179  179  HOH HOH A . 
E 5 HOH 51 180  180  HOH HOH A . 
E 5 HOH 52 181  181  HOH HOH A . 
E 5 HOH 53 182  182  HOH HOH A . 
E 5 HOH 54 183  183  HOH HOH A . 
E 5 HOH 55 184  184  HOH HOH A . 
E 5 HOH 56 185  185  HOH HOH A . 
E 5 HOH 57 186  186  HOH HOH A . 
E 5 HOH 58 187  187  HOH HOH A . 
E 5 HOH 59 188  188  HOH HOH A . 
E 5 HOH 60 189  189  HOH HOH A . 
E 5 HOH 61 190  190  HOH HOH A . 
E 5 HOH 62 191  191  HOH HOH A . 
E 5 HOH 63 192  192  HOH HOH A . 
E 5 HOH 64 193  193  HOH HOH A . 
E 5 HOH 65 194  194  HOH HOH A . 
E 5 HOH 66 195  195  HOH HOH A . 
E 5 HOH 67 196  196  HOH HOH A . 
E 5 HOH 68 197  197  HOH HOH A . 
E 5 HOH 69 198  198  HOH HOH A . 
E 5 HOH 70 199  199  HOH HOH A . 
E 5 HOH 71 200  200  HOH HOH A . 
E 5 HOH 72 201  201  HOH HOH A . 
E 5 HOH 73 202  202  HOH HOH A . 
E 5 HOH 74 203  203  HOH HOH A . 
E 5 HOH 75 204  204  HOH HOH A . 
E 5 HOH 76 205  1    HOH HOH A . 
E 5 HOH 77 206  206  HOH HOH A . 
E 5 HOH 78 207  207  HOH HOH A . 
E 5 HOH 79 208  208  HOH HOH A . 
E 5 HOH 80 209  209  HOH HOH A . 
E 5 HOH 81 210  210  HOH HOH A . 
E 5 HOH 82 211  211  HOH HOH A . 
E 5 HOH 83 212  212  HOH HOH A . 
E 5 HOH 84 213  213  HOH HOH A . 
E 5 HOH 85 214  214  HOH HOH A . 
E 5 HOH 86 215  215  HOH HOH A . 
E 5 HOH 87 216  216  HOH HOH A . 
E 5 HOH 88 217  2    HOH HOH A . 
E 5 HOH 89 218  3    HOH HOH A . 
E 5 HOH 90 221  221  HOH HOH A . 
E 5 HOH 91 222  222  HOH HOH A . 
E 5 HOH 92 223  223  HOH HOH A . 
# 
_pdbx_struct_assembly.id                   1 
_pdbx_struct_assembly.details              author_and_software_defined_assembly 
_pdbx_struct_assembly.method_details       PISA 
_pdbx_struct_assembly.oligomeric_details   monomeric 
_pdbx_struct_assembly.oligomeric_count     1 
# 
_pdbx_struct_assembly_gen.assembly_id       1 
_pdbx_struct_assembly_gen.oper_expression   1 
_pdbx_struct_assembly_gen.asym_id_list      A,B,C,D,E 
# 
_pdbx_struct_oper_list.id                   1 
_pdbx_struct_oper_list.type                 'identity operation' 
_pdbx_struct_oper_list.name                 1_555 
_pdbx_struct_oper_list.symmetry_operation   x,y,z 
_pdbx_struct_oper_list.matrix[1][1]         1.0000000000 
_pdbx_struct_oper_list.matrix[1][2]         0.0000000000 
_pdbx_struct_oper_list.matrix[1][3]         0.0000000000 
_pdbx_struct_oper_list.vector[1]            0.0000000000 
_pdbx_struct_oper_list.matrix[2][1]         0.0000000000 
_pdbx_struct_oper_list.matrix[2][2]         1.0000000000 
_pdbx_struct_oper_list.matrix[2][3]         0.0000000000 
_pdbx_struct_oper_list.vector[2]            0.0000000000 
_pdbx_struct_oper_list.matrix[3][1]         0.0000000000 
_pdbx_struct_oper_list.matrix[3][2]         0.0000000000 
_pdbx_struct_oper_list.matrix[3][3]         1.0000000000 
_pdbx_struct_oper_list.vector[3]            0.0000000000 
# 
loop_
_pdbx_audit_revision_history.ordinal 
_pdbx_audit_revision_history.data_content_type 
_pdbx_audit_revision_history.major_revision 
_pdbx_audit_revision_history.minor_revision 
_pdbx_audit_revision_history.revision_date 
1 'Structure model' 1 0 2009-10-27 
2 'Structure model' 1 1 2011-07-13 
3 'Structure model' 1 2 2023-11-01 
# 
_pdbx_audit_revision_details.ordinal             1 
_pdbx_audit_revision_details.revision_ordinal    1 
_pdbx_audit_revision_details.data_content_type   'Structure model' 
_pdbx_audit_revision_details.provider            repository 
_pdbx_audit_revision_details.type                'Initial release' 
_pdbx_audit_revision_details.description         ? 
_pdbx_audit_revision_details.details             ? 
# 
loop_
_pdbx_audit_revision_group.ordinal 
_pdbx_audit_revision_group.revision_ordinal 
_pdbx_audit_revision_group.data_content_type 
_pdbx_audit_revision_group.group 
1 2 'Structure model' 'Version format compliance' 
2 3 'Structure model' 'Data collection'           
3 3 'Structure model' 'Database references'       
4 3 'Structure model' 'Derived calculations'      
5 3 'Structure model' 'Refinement description'    
# 
loop_
_pdbx_audit_revision_category.ordinal 
_pdbx_audit_revision_category.revision_ordinal 
_pdbx_audit_revision_category.data_content_type 
_pdbx_audit_revision_category.category 
1 3 'Structure model' chem_comp_atom                
2 3 'Structure model' chem_comp_bond                
3 3 'Structure model' database_2                    
4 3 'Structure model' pdbx_initial_refinement_model 
5 3 'Structure model' struct_site                   
# 
loop_
_pdbx_audit_revision_item.ordinal 
_pdbx_audit_revision_item.revision_ordinal 
_pdbx_audit_revision_item.data_content_type 
_pdbx_audit_revision_item.item 
1 3 'Structure model' '_database_2.pdbx_DOI'                
2 3 'Structure model' '_database_2.pdbx_database_accession' 
3 3 'Structure model' '_struct_site.pdbx_auth_asym_id'      
4 3 'Structure model' '_struct_site.pdbx_auth_comp_id'      
5 3 'Structure model' '_struct_site.pdbx_auth_seq_id'       
# 
loop_
_software.name 
_software.classification 
_software.version 
_software.citation_id 
_software.pdbx_ordinal 
CNS       refinement       . ? 1 
HKL-2000  'data reduction' . ? 2 
SCALEPACK 'data scaling'   . ? 3 
CNS       phasing          . ? 4 
# 
loop_
_pdbx_validate_torsion.id 
_pdbx_validate_torsion.PDB_model_num 
_pdbx_validate_torsion.auth_comp_id 
_pdbx_validate_torsion.auth_asym_id 
_pdbx_validate_torsion.auth_seq_id 
_pdbx_validate_torsion.PDB_ins_code 
_pdbx_validate_torsion.label_alt_id 
_pdbx_validate_torsion.phi 
_pdbx_validate_torsion.psi 
1 1 ASN A 31  ? ? 68.54   -2.97 
2 1 LYS A 127 ? ? -67.28  32.31 
3 1 ARG A 128 ? ? -152.50 14.90 
# 
loop_
_pdbx_unobs_or_zero_occ_residues.id 
_pdbx_unobs_or_zero_occ_residues.PDB_model_num 
_pdbx_unobs_or_zero_occ_residues.polymer_flag 
_pdbx_unobs_or_zero_occ_residues.occupancy_flag 
_pdbx_unobs_or_zero_occ_residues.auth_asym_id 
_pdbx_unobs_or_zero_occ_residues.auth_comp_id 
_pdbx_unobs_or_zero_occ_residues.auth_seq_id 
_pdbx_unobs_or_zero_occ_residues.PDB_ins_code 
_pdbx_unobs_or_zero_occ_residues.label_asym_id 
_pdbx_unobs_or_zero_occ_residues.label_comp_id 
_pdbx_unobs_or_zero_occ_residues.label_seq_id 
1 1 Y 1 A MET 1 ? A MET 1 
2 1 Y 1 A LYS 2 ? A LYS 2 
3 1 Y 1 A LYS 3 ? A LYS 3 
# 
loop_
_chem_comp_atom.comp_id 
_chem_comp_atom.atom_id 
_chem_comp_atom.type_symbol 
_chem_comp_atom.pdbx_aromatic_flag 
_chem_comp_atom.pdbx_stereo_config 
_chem_comp_atom.pdbx_ordinal 
8OG OP3    O  N N 1   
8OG P      P  N N 2   
8OG OP1    O  N N 3   
8OG OP2    O  N N 4   
8OG "O5'"  O  N N 5   
8OG "C5'"  C  N N 6   
8OG "C4'"  C  N R 7   
8OG "O4'"  O  N N 8   
8OG "C3'"  C  N S 9   
8OG "O3'"  O  N N 10  
8OG "C2'"  C  N N 11  
8OG "C1'"  C  N R 12  
8OG N9     N  N N 13  
8OG C8     C  N N 14  
8OG N7     N  N N 15  
8OG C5     C  N N 16  
8OG C6     C  N N 17  
8OG O6     O  N N 18  
8OG N1     N  N N 19  
8OG C2     C  N N 20  
8OG N2     N  N N 21  
8OG N3     N  N N 22  
8OG C4     C  N N 23  
8OG O8     O  N N 24  
8OG HOP3   H  N N 25  
8OG HOP2   H  N N 26  
8OG "H5'"  H  N N 27  
8OG "H5''" H  N N 28  
8OG "H4'"  H  N N 29  
8OG "H3'"  H  N N 30  
8OG "HO3'" H  N N 31  
8OG "H2'"  H  N N 32  
8OG "H2''" H  N N 33  
8OG "H1'"  H  N N 34  
8OG H7     H  N N 35  
8OG H1     H  N N 36  
8OG H21    H  N N 37  
8OG H22    H  N N 38  
ALA N      N  N N 39  
ALA CA     C  N S 40  
ALA C      C  N N 41  
ALA O      O  N N 42  
ALA CB     C  N N 43  
ALA OXT    O  N N 44  
ALA H      H  N N 45  
ALA H2     H  N N 46  
ALA HA     H  N N 47  
ALA HB1    H  N N 48  
ALA HB2    H  N N 49  
ALA HB3    H  N N 50  
ALA HXT    H  N N 51  
ARG N      N  N N 52  
ARG CA     C  N S 53  
ARG C      C  N N 54  
ARG O      O  N N 55  
ARG CB     C  N N 56  
ARG CG     C  N N 57  
ARG CD     C  N N 58  
ARG NE     N  N N 59  
ARG CZ     C  N N 60  
ARG NH1    N  N N 61  
ARG NH2    N  N N 62  
ARG OXT    O  N N 63  
ARG H      H  N N 64  
ARG H2     H  N N 65  
ARG HA     H  N N 66  
ARG HB2    H  N N 67  
ARG HB3    H  N N 68  
ARG HG2    H  N N 69  
ARG HG3    H  N N 70  
ARG HD2    H  N N 71  
ARG HD3    H  N N 72  
ARG HE     H  N N 73  
ARG HH11   H  N N 74  
ARG HH12   H  N N 75  
ARG HH21   H  N N 76  
ARG HH22   H  N N 77  
ARG HXT    H  N N 78  
ASN N      N  N N 79  
ASN CA     C  N S 80  
ASN C      C  N N 81  
ASN O      O  N N 82  
ASN CB     C  N N 83  
ASN CG     C  N N 84  
ASN OD1    O  N N 85  
ASN ND2    N  N N 86  
ASN OXT    O  N N 87  
ASN H      H  N N 88  
ASN H2     H  N N 89  
ASN HA     H  N N 90  
ASN HB2    H  N N 91  
ASN HB3    H  N N 92  
ASN HD21   H  N N 93  
ASN HD22   H  N N 94  
ASN HXT    H  N N 95  
ASP N      N  N N 96  
ASP CA     C  N S 97  
ASP C      C  N N 98  
ASP O      O  N N 99  
ASP CB     C  N N 100 
ASP CG     C  N N 101 
ASP OD1    O  N N 102 
ASP OD2    O  N N 103 
ASP OXT    O  N N 104 
ASP H      H  N N 105 
ASP H2     H  N N 106 
ASP HA     H  N N 107 
ASP HB2    H  N N 108 
ASP HB3    H  N N 109 
ASP HD2    H  N N 110 
ASP HXT    H  N N 111 
GLN N      N  N N 112 
GLN CA     C  N S 113 
GLN C      C  N N 114 
GLN O      O  N N 115 
GLN CB     C  N N 116 
GLN CG     C  N N 117 
GLN CD     C  N N 118 
GLN OE1    O  N N 119 
GLN NE2    N  N N 120 
GLN OXT    O  N N 121 
GLN H      H  N N 122 
GLN H2     H  N N 123 
GLN HA     H  N N 124 
GLN HB2    H  N N 125 
GLN HB3    H  N N 126 
GLN HG2    H  N N 127 
GLN HG3    H  N N 128 
GLN HE21   H  N N 129 
GLN HE22   H  N N 130 
GLN HXT    H  N N 131 
GLU N      N  N N 132 
GLU CA     C  N S 133 
GLU C      C  N N 134 
GLU O      O  N N 135 
GLU CB     C  N N 136 
GLU CG     C  N N 137 
GLU CD     C  N N 138 
GLU OE1    O  N N 139 
GLU OE2    O  N N 140 
GLU OXT    O  N N 141 
GLU H      H  N N 142 
GLU H2     H  N N 143 
GLU HA     H  N N 144 
GLU HB2    H  N N 145 
GLU HB3    H  N N 146 
GLU HG2    H  N N 147 
GLU HG3    H  N N 148 
GLU HE2    H  N N 149 
GLU HXT    H  N N 150 
GLY N      N  N N 151 
GLY CA     C  N N 152 
GLY C      C  N N 153 
GLY O      O  N N 154 
GLY OXT    O  N N 155 
GLY H      H  N N 156 
GLY H2     H  N N 157 
GLY HA2    H  N N 158 
GLY HA3    H  N N 159 
GLY HXT    H  N N 160 
HIS N      N  N N 161 
HIS CA     C  N S 162 
HIS C      C  N N 163 
HIS O      O  N N 164 
HIS CB     C  N N 165 
HIS CG     C  Y N 166 
HIS ND1    N  Y N 167 
HIS CD2    C  Y N 168 
HIS CE1    C  Y N 169 
HIS NE2    N  Y N 170 
HIS OXT    O  N N 171 
HIS H      H  N N 172 
HIS H2     H  N N 173 
HIS HA     H  N N 174 
HIS HB2    H  N N 175 
HIS HB3    H  N N 176 
HIS HD1    H  N N 177 
HIS HD2    H  N N 178 
HIS HE1    H  N N 179 
HIS HE2    H  N N 180 
HIS HXT    H  N N 181 
HOH O      O  N N 182 
HOH H1     H  N N 183 
HOH H2     H  N N 184 
ILE N      N  N N 185 
ILE CA     C  N S 186 
ILE C      C  N N 187 
ILE O      O  N N 188 
ILE CB     C  N S 189 
ILE CG1    C  N N 190 
ILE CG2    C  N N 191 
ILE CD1    C  N N 192 
ILE OXT    O  N N 193 
ILE H      H  N N 194 
ILE H2     H  N N 195 
ILE HA     H  N N 196 
ILE HB     H  N N 197 
ILE HG12   H  N N 198 
ILE HG13   H  N N 199 
ILE HG21   H  N N 200 
ILE HG22   H  N N 201 
ILE HG23   H  N N 202 
ILE HD11   H  N N 203 
ILE HD12   H  N N 204 
ILE HD13   H  N N 205 
ILE HXT    H  N N 206 
LEU N      N  N N 207 
LEU CA     C  N S 208 
LEU C      C  N N 209 
LEU O      O  N N 210 
LEU CB     C  N N 211 
LEU CG     C  N N 212 
LEU CD1    C  N N 213 
LEU CD2    C  N N 214 
LEU OXT    O  N N 215 
LEU H      H  N N 216 
LEU H2     H  N N 217 
LEU HA     H  N N 218 
LEU HB2    H  N N 219 
LEU HB3    H  N N 220 
LEU HG     H  N N 221 
LEU HD11   H  N N 222 
LEU HD12   H  N N 223 
LEU HD13   H  N N 224 
LEU HD21   H  N N 225 
LEU HD22   H  N N 226 
LEU HD23   H  N N 227 
LEU HXT    H  N N 228 
LYS N      N  N N 229 
LYS CA     C  N S 230 
LYS C      C  N N 231 
LYS O      O  N N 232 
LYS CB     C  N N 233 
LYS CG     C  N N 234 
LYS CD     C  N N 235 
LYS CE     C  N N 236 
LYS NZ     N  N N 237 
LYS OXT    O  N N 238 
LYS H      H  N N 239 
LYS H2     H  N N 240 
LYS HA     H  N N 241 
LYS HB2    H  N N 242 
LYS HB3    H  N N 243 
LYS HG2    H  N N 244 
LYS HG3    H  N N 245 
LYS HD2    H  N N 246 
LYS HD3    H  N N 247 
LYS HE2    H  N N 248 
LYS HE3    H  N N 249 
LYS HZ1    H  N N 250 
LYS HZ2    H  N N 251 
LYS HZ3    H  N N 252 
LYS HXT    H  N N 253 
MET N      N  N N 254 
MET CA     C  N S 255 
MET C      C  N N 256 
MET O      O  N N 257 
MET CB     C  N N 258 
MET CG     C  N N 259 
MET SD     S  N N 260 
MET CE     C  N N 261 
MET OXT    O  N N 262 
MET H      H  N N 263 
MET H2     H  N N 264 
MET HA     H  N N 265 
MET HB2    H  N N 266 
MET HB3    H  N N 267 
MET HG2    H  N N 268 
MET HG3    H  N N 269 
MET HE1    H  N N 270 
MET HE2    H  N N 271 
MET HE3    H  N N 272 
MET HXT    H  N N 273 
MN  MN     MN N N 274 
PHE N      N  N N 275 
PHE CA     C  N S 276 
PHE C      C  N N 277 
PHE O      O  N N 278 
PHE CB     C  N N 279 
PHE CG     C  Y N 280 
PHE CD1    C  Y N 281 
PHE CD2    C  Y N 282 
PHE CE1    C  Y N 283 
PHE CE2    C  Y N 284 
PHE CZ     C  Y N 285 
PHE OXT    O  N N 286 
PHE H      H  N N 287 
PHE H2     H  N N 288 
PHE HA     H  N N 289 
PHE HB2    H  N N 290 
PHE HB3    H  N N 291 
PHE HD1    H  N N 292 
PHE HD2    H  N N 293 
PHE HE1    H  N N 294 
PHE HE2    H  N N 295 
PHE HZ     H  N N 296 
PHE HXT    H  N N 297 
PRO N      N  N N 298 
PRO CA     C  N S 299 
PRO C      C  N N 300 
PRO O      O  N N 301 
PRO CB     C  N N 302 
PRO CG     C  N N 303 
PRO CD     C  N N 304 
PRO OXT    O  N N 305 
PRO H      H  N N 306 
PRO HA     H  N N 307 
PRO HB2    H  N N 308 
PRO HB3    H  N N 309 
PRO HG2    H  N N 310 
PRO HG3    H  N N 311 
PRO HD2    H  N N 312 
PRO HD3    H  N N 313 
PRO HXT    H  N N 314 
SER N      N  N N 315 
SER CA     C  N S 316 
SER C      C  N N 317 
SER O      O  N N 318 
SER CB     C  N N 319 
SER OG     O  N N 320 
SER OXT    O  N N 321 
SER H      H  N N 322 
SER H2     H  N N 323 
SER HA     H  N N 324 
SER HB2    H  N N 325 
SER HB3    H  N N 326 
SER HG     H  N N 327 
SER HXT    H  N N 328 
SO4 S      S  N N 329 
SO4 O1     O  N N 330 
SO4 O2     O  N N 331 
SO4 O3     O  N N 332 
SO4 O4     O  N N 333 
THR N      N  N N 334 
THR CA     C  N S 335 
THR C      C  N N 336 
THR O      O  N N 337 
THR CB     C  N R 338 
THR OG1    O  N N 339 
THR CG2    C  N N 340 
THR OXT    O  N N 341 
THR H      H  N N 342 
THR H2     H  N N 343 
THR HA     H  N N 344 
THR HB     H  N N 345 
THR HG1    H  N N 346 
THR HG21   H  N N 347 
THR HG22   H  N N 348 
THR HG23   H  N N 349 
THR HXT    H  N N 350 
TRP N      N  N N 351 
TRP CA     C  N S 352 
TRP C      C  N N 353 
TRP O      O  N N 354 
TRP CB     C  N N 355 
TRP CG     C  Y N 356 
TRP CD1    C  Y N 357 
TRP CD2    C  Y N 358 
TRP NE1    N  Y N 359 
TRP CE2    C  Y N 360 
TRP CE3    C  Y N 361 
TRP CZ2    C  Y N 362 
TRP CZ3    C  Y N 363 
TRP CH2    C  Y N 364 
TRP OXT    O  N N 365 
TRP H      H  N N 366 
TRP H2     H  N N 367 
TRP HA     H  N N 368 
TRP HB2    H  N N 369 
TRP HB3    H  N N 370 
TRP HD1    H  N N 371 
TRP HE1    H  N N 372 
TRP HE3    H  N N 373 
TRP HZ2    H  N N 374 
TRP HZ3    H  N N 375 
TRP HH2    H  N N 376 
TRP HXT    H  N N 377 
TYR N      N  N N 378 
TYR CA     C  N S 379 
TYR C      C  N N 380 
TYR O      O  N N 381 
TYR CB     C  N N 382 
TYR CG     C  Y N 383 
TYR CD1    C  Y N 384 
TYR CD2    C  Y N 385 
TYR CE1    C  Y N 386 
TYR CE2    C  Y N 387 
TYR CZ     C  Y N 388 
TYR OH     O  N N 389 
TYR OXT    O  N N 390 
TYR H      H  N N 391 
TYR H2     H  N N 392 
TYR HA     H  N N 393 
TYR HB2    H  N N 394 
TYR HB3    H  N N 395 
TYR HD1    H  N N 396 
TYR HD2    H  N N 397 
TYR HE1    H  N N 398 
TYR HE2    H  N N 399 
TYR HH     H  N N 400 
TYR HXT    H  N N 401 
VAL N      N  N N 402 
VAL CA     C  N S 403 
VAL C      C  N N 404 
VAL O      O  N N 405 
VAL CB     C  N N 406 
VAL CG1    C  N N 407 
VAL CG2    C  N N 408 
VAL OXT    O  N N 409 
VAL H      H  N N 410 
VAL H2     H  N N 411 
VAL HA     H  N N 412 
VAL HB     H  N N 413 
VAL HG11   H  N N 414 
VAL HG12   H  N N 415 
VAL HG13   H  N N 416 
VAL HG21   H  N N 417 
VAL HG22   H  N N 418 
VAL HG23   H  N N 419 
VAL HXT    H  N N 420 
# 
loop_
_chem_comp_bond.comp_id 
_chem_comp_bond.atom_id_1 
_chem_comp_bond.atom_id_2 
_chem_comp_bond.value_order 
_chem_comp_bond.pdbx_aromatic_flag 
_chem_comp_bond.pdbx_stereo_config 
_chem_comp_bond.pdbx_ordinal 
8OG OP3   P      sing N N 1   
8OG OP3   HOP3   sing N N 2   
8OG P     OP1    doub N N 3   
8OG P     OP2    sing N N 4   
8OG P     "O5'"  sing N N 5   
8OG OP2   HOP2   sing N N 6   
8OG "O5'" "C5'"  sing N N 7   
8OG "C5'" "C4'"  sing N N 8   
8OG "C5'" "H5'"  sing N N 9   
8OG "C5'" "H5''" sing N N 10  
8OG "C4'" "O4'"  sing N N 11  
8OG "C4'" "C3'"  sing N N 12  
8OG "C4'" "H4'"  sing N N 13  
8OG "O4'" "C1'"  sing N N 14  
8OG "C3'" "O3'"  sing N N 15  
8OG "C3'" "C2'"  sing N N 16  
8OG "C3'" "H3'"  sing N N 17  
8OG "O3'" "HO3'" sing N N 18  
8OG "C2'" "C1'"  sing N N 19  
8OG "C2'" "H2'"  sing N N 20  
8OG "C2'" "H2''" sing N N 21  
8OG "C1'" N9     sing N N 22  
8OG "C1'" "H1'"  sing N N 23  
8OG N9    C8     sing N N 24  
8OG N9    C4     sing N N 25  
8OG C8    N7     sing N N 26  
8OG C8    O8     doub N N 27  
8OG N7    C5     sing N N 28  
8OG N7    H7     sing N N 29  
8OG C5    C6     sing N N 30  
8OG C5    C4     doub N N 31  
8OG C6    O6     doub N N 32  
8OG C6    N1     sing N N 33  
8OG N1    C2     sing N N 34  
8OG N1    H1     sing N N 35  
8OG C2    N2     sing N N 36  
8OG C2    N3     doub N N 37  
8OG N2    H21    sing N N 38  
8OG N2    H22    sing N N 39  
8OG N3    C4     sing N N 40  
ALA N     CA     sing N N 41  
ALA N     H      sing N N 42  
ALA N     H2     sing N N 43  
ALA CA    C      sing N N 44  
ALA CA    CB     sing N N 45  
ALA CA    HA     sing N N 46  
ALA C     O      doub N N 47  
ALA C     OXT    sing N N 48  
ALA CB    HB1    sing N N 49  
ALA CB    HB2    sing N N 50  
ALA CB    HB3    sing N N 51  
ALA OXT   HXT    sing N N 52  
ARG N     CA     sing N N 53  
ARG N     H      sing N N 54  
ARG N     H2     sing N N 55  
ARG CA    C      sing N N 56  
ARG CA    CB     sing N N 57  
ARG CA    HA     sing N N 58  
ARG C     O      doub N N 59  
ARG C     OXT    sing N N 60  
ARG CB    CG     sing N N 61  
ARG CB    HB2    sing N N 62  
ARG CB    HB3    sing N N 63  
ARG CG    CD     sing N N 64  
ARG CG    HG2    sing N N 65  
ARG CG    HG3    sing N N 66  
ARG CD    NE     sing N N 67  
ARG CD    HD2    sing N N 68  
ARG CD    HD3    sing N N 69  
ARG NE    CZ     sing N N 70  
ARG NE    HE     sing N N 71  
ARG CZ    NH1    sing N N 72  
ARG CZ    NH2    doub N N 73  
ARG NH1   HH11   sing N N 74  
ARG NH1   HH12   sing N N 75  
ARG NH2   HH21   sing N N 76  
ARG NH2   HH22   sing N N 77  
ARG OXT   HXT    sing N N 78  
ASN N     CA     sing N N 79  
ASN N     H      sing N N 80  
ASN N     H2     sing N N 81  
ASN CA    C      sing N N 82  
ASN CA    CB     sing N N 83  
ASN CA    HA     sing N N 84  
ASN C     O      doub N N 85  
ASN C     OXT    sing N N 86  
ASN CB    CG     sing N N 87  
ASN CB    HB2    sing N N 88  
ASN CB    HB3    sing N N 89  
ASN CG    OD1    doub N N 90  
ASN CG    ND2    sing N N 91  
ASN ND2   HD21   sing N N 92  
ASN ND2   HD22   sing N N 93  
ASN OXT   HXT    sing N N 94  
ASP N     CA     sing N N 95  
ASP N     H      sing N N 96  
ASP N     H2     sing N N 97  
ASP CA    C      sing N N 98  
ASP CA    CB     sing N N 99  
ASP CA    HA     sing N N 100 
ASP C     O      doub N N 101 
ASP C     OXT    sing N N 102 
ASP CB    CG     sing N N 103 
ASP CB    HB2    sing N N 104 
ASP CB    HB3    sing N N 105 
ASP CG    OD1    doub N N 106 
ASP CG    OD2    sing N N 107 
ASP OD2   HD2    sing N N 108 
ASP OXT   HXT    sing N N 109 
GLN N     CA     sing N N 110 
GLN N     H      sing N N 111 
GLN N     H2     sing N N 112 
GLN CA    C      sing N N 113 
GLN CA    CB     sing N N 114 
GLN CA    HA     sing N N 115 
GLN C     O      doub N N 116 
GLN C     OXT    sing N N 117 
GLN CB    CG     sing N N 118 
GLN CB    HB2    sing N N 119 
GLN CB    HB3    sing N N 120 
GLN CG    CD     sing N N 121 
GLN CG    HG2    sing N N 122 
GLN CG    HG3    sing N N 123 
GLN CD    OE1    doub N N 124 
GLN CD    NE2    sing N N 125 
GLN NE2   HE21   sing N N 126 
GLN NE2   HE22   sing N N 127 
GLN OXT   HXT    sing N N 128 
GLU N     CA     sing N N 129 
GLU N     H      sing N N 130 
GLU N     H2     sing N N 131 
GLU CA    C      sing N N 132 
GLU CA    CB     sing N N 133 
GLU CA    HA     sing N N 134 
GLU C     O      doub N N 135 
GLU C     OXT    sing N N 136 
GLU CB    CG     sing N N 137 
GLU CB    HB2    sing N N 138 
GLU CB    HB3    sing N N 139 
GLU CG    CD     sing N N 140 
GLU CG    HG2    sing N N 141 
GLU CG    HG3    sing N N 142 
GLU CD    OE1    doub N N 143 
GLU CD    OE2    sing N N 144 
GLU OE2   HE2    sing N N 145 
GLU OXT   HXT    sing N N 146 
GLY N     CA     sing N N 147 
GLY N     H      sing N N 148 
GLY N     H2     sing N N 149 
GLY CA    C      sing N N 150 
GLY CA    HA2    sing N N 151 
GLY CA    HA3    sing N N 152 
GLY C     O      doub N N 153 
GLY C     OXT    sing N N 154 
GLY OXT   HXT    sing N N 155 
HIS N     CA     sing N N 156 
HIS N     H      sing N N 157 
HIS N     H2     sing N N 158 
HIS CA    C      sing N N 159 
HIS CA    CB     sing N N 160 
HIS CA    HA     sing N N 161 
HIS C     O      doub N N 162 
HIS C     OXT    sing N N 163 
HIS CB    CG     sing N N 164 
HIS CB    HB2    sing N N 165 
HIS CB    HB3    sing N N 166 
HIS CG    ND1    sing Y N 167 
HIS CG    CD2    doub Y N 168 
HIS ND1   CE1    doub Y N 169 
HIS ND1   HD1    sing N N 170 
HIS CD2   NE2    sing Y N 171 
HIS CD2   HD2    sing N N 172 
HIS CE1   NE2    sing Y N 173 
HIS CE1   HE1    sing N N 174 
HIS NE2   HE2    sing N N 175 
HIS OXT   HXT    sing N N 176 
HOH O     H1     sing N N 177 
HOH O     H2     sing N N 178 
ILE N     CA     sing N N 179 
ILE N     H      sing N N 180 
ILE N     H2     sing N N 181 
ILE CA    C      sing N N 182 
ILE CA    CB     sing N N 183 
ILE CA    HA     sing N N 184 
ILE C     O      doub N N 185 
ILE C     OXT    sing N N 186 
ILE CB    CG1    sing N N 187 
ILE CB    CG2    sing N N 188 
ILE CB    HB     sing N N 189 
ILE CG1   CD1    sing N N 190 
ILE CG1   HG12   sing N N 191 
ILE CG1   HG13   sing N N 192 
ILE CG2   HG21   sing N N 193 
ILE CG2   HG22   sing N N 194 
ILE CG2   HG23   sing N N 195 
ILE CD1   HD11   sing N N 196 
ILE CD1   HD12   sing N N 197 
ILE CD1   HD13   sing N N 198 
ILE OXT   HXT    sing N N 199 
LEU N     CA     sing N N 200 
LEU N     H      sing N N 201 
LEU N     H2     sing N N 202 
LEU CA    C      sing N N 203 
LEU CA    CB     sing N N 204 
LEU CA    HA     sing N N 205 
LEU C     O      doub N N 206 
LEU C     OXT    sing N N 207 
LEU CB    CG     sing N N 208 
LEU CB    HB2    sing N N 209 
LEU CB    HB3    sing N N 210 
LEU CG    CD1    sing N N 211 
LEU CG    CD2    sing N N 212 
LEU CG    HG     sing N N 213 
LEU CD1   HD11   sing N N 214 
LEU CD1   HD12   sing N N 215 
LEU CD1   HD13   sing N N 216 
LEU CD2   HD21   sing N N 217 
LEU CD2   HD22   sing N N 218 
LEU CD2   HD23   sing N N 219 
LEU OXT   HXT    sing N N 220 
LYS N     CA     sing N N 221 
LYS N     H      sing N N 222 
LYS N     H2     sing N N 223 
LYS CA    C      sing N N 224 
LYS CA    CB     sing N N 225 
LYS CA    HA     sing N N 226 
LYS C     O      doub N N 227 
LYS C     OXT    sing N N 228 
LYS CB    CG     sing N N 229 
LYS CB    HB2    sing N N 230 
LYS CB    HB3    sing N N 231 
LYS CG    CD     sing N N 232 
LYS CG    HG2    sing N N 233 
LYS CG    HG3    sing N N 234 
LYS CD    CE     sing N N 235 
LYS CD    HD2    sing N N 236 
LYS CD    HD3    sing N N 237 
LYS CE    NZ     sing N N 238 
LYS CE    HE2    sing N N 239 
LYS CE    HE3    sing N N 240 
LYS NZ    HZ1    sing N N 241 
LYS NZ    HZ2    sing N N 242 
LYS NZ    HZ3    sing N N 243 
LYS OXT   HXT    sing N N 244 
MET N     CA     sing N N 245 
MET N     H      sing N N 246 
MET N     H2     sing N N 247 
MET CA    C      sing N N 248 
MET CA    CB     sing N N 249 
MET CA    HA     sing N N 250 
MET C     O      doub N N 251 
MET C     OXT    sing N N 252 
MET CB    CG     sing N N 253 
MET CB    HB2    sing N N 254 
MET CB    HB3    sing N N 255 
MET CG    SD     sing N N 256 
MET CG    HG2    sing N N 257 
MET CG    HG3    sing N N 258 
MET SD    CE     sing N N 259 
MET CE    HE1    sing N N 260 
MET CE    HE2    sing N N 261 
MET CE    HE3    sing N N 262 
MET OXT   HXT    sing N N 263 
PHE N     CA     sing N N 264 
PHE N     H      sing N N 265 
PHE N     H2     sing N N 266 
PHE CA    C      sing N N 267 
PHE CA    CB     sing N N 268 
PHE CA    HA     sing N N 269 
PHE C     O      doub N N 270 
PHE C     OXT    sing N N 271 
PHE CB    CG     sing N N 272 
PHE CB    HB2    sing N N 273 
PHE CB    HB3    sing N N 274 
PHE CG    CD1    doub Y N 275 
PHE CG    CD2    sing Y N 276 
PHE CD1   CE1    sing Y N 277 
PHE CD1   HD1    sing N N 278 
PHE CD2   CE2    doub Y N 279 
PHE CD2   HD2    sing N N 280 
PHE CE1   CZ     doub Y N 281 
PHE CE1   HE1    sing N N 282 
PHE CE2   CZ     sing Y N 283 
PHE CE2   HE2    sing N N 284 
PHE CZ    HZ     sing N N 285 
PHE OXT   HXT    sing N N 286 
PRO N     CA     sing N N 287 
PRO N     CD     sing N N 288 
PRO N     H      sing N N 289 
PRO CA    C      sing N N 290 
PRO CA    CB     sing N N 291 
PRO CA    HA     sing N N 292 
PRO C     O      doub N N 293 
PRO C     OXT    sing N N 294 
PRO CB    CG     sing N N 295 
PRO CB    HB2    sing N N 296 
PRO CB    HB3    sing N N 297 
PRO CG    CD     sing N N 298 
PRO CG    HG2    sing N N 299 
PRO CG    HG3    sing N N 300 
PRO CD    HD2    sing N N 301 
PRO CD    HD3    sing N N 302 
PRO OXT   HXT    sing N N 303 
SER N     CA     sing N N 304 
SER N     H      sing N N 305 
SER N     H2     sing N N 306 
SER CA    C      sing N N 307 
SER CA    CB     sing N N 308 
SER CA    HA     sing N N 309 
SER C     O      doub N N 310 
SER C     OXT    sing N N 311 
SER CB    OG     sing N N 312 
SER CB    HB2    sing N N 313 
SER CB    HB3    sing N N 314 
SER OG    HG     sing N N 315 
SER OXT   HXT    sing N N 316 
SO4 S     O1     doub N N 317 
SO4 S     O2     doub N N 318 
SO4 S     O3     sing N N 319 
SO4 S     O4     sing N N 320 
THR N     CA     sing N N 321 
THR N     H      sing N N 322 
THR N     H2     sing N N 323 
THR CA    C      sing N N 324 
THR CA    CB     sing N N 325 
THR CA    HA     sing N N 326 
THR C     O      doub N N 327 
THR C     OXT    sing N N 328 
THR CB    OG1    sing N N 329 
THR CB    CG2    sing N N 330 
THR CB    HB     sing N N 331 
THR OG1   HG1    sing N N 332 
THR CG2   HG21   sing N N 333 
THR CG2   HG22   sing N N 334 
THR CG2   HG23   sing N N 335 
THR OXT   HXT    sing N N 336 
TRP N     CA     sing N N 337 
TRP N     H      sing N N 338 
TRP N     H2     sing N N 339 
TRP CA    C      sing N N 340 
TRP CA    CB     sing N N 341 
TRP CA    HA     sing N N 342 
TRP C     O      doub N N 343 
TRP C     OXT    sing N N 344 
TRP CB    CG     sing N N 345 
TRP CB    HB2    sing N N 346 
TRP CB    HB3    sing N N 347 
TRP CG    CD1    doub Y N 348 
TRP CG    CD2    sing Y N 349 
TRP CD1   NE1    sing Y N 350 
TRP CD1   HD1    sing N N 351 
TRP CD2   CE2    doub Y N 352 
TRP CD2   CE3    sing Y N 353 
TRP NE1   CE2    sing Y N 354 
TRP NE1   HE1    sing N N 355 
TRP CE2   CZ2    sing Y N 356 
TRP CE3   CZ3    doub Y N 357 
TRP CE3   HE3    sing N N 358 
TRP CZ2   CH2    doub Y N 359 
TRP CZ2   HZ2    sing N N 360 
TRP CZ3   CH2    sing Y N 361 
TRP CZ3   HZ3    sing N N 362 
TRP CH2   HH2    sing N N 363 
TRP OXT   HXT    sing N N 364 
TYR N     CA     sing N N 365 
TYR N     H      sing N N 366 
TYR N     H2     sing N N 367 
TYR CA    C      sing N N 368 
TYR CA    CB     sing N N 369 
TYR CA    HA     sing N N 370 
TYR C     O      doub N N 371 
TYR C     OXT    sing N N 372 
TYR CB    CG     sing N N 373 
TYR CB    HB2    sing N N 374 
TYR CB    HB3    sing N N 375 
TYR CG    CD1    doub Y N 376 
TYR CG    CD2    sing Y N 377 
TYR CD1   CE1    sing Y N 378 
TYR CD1   HD1    sing N N 379 
TYR CD2   CE2    doub Y N 380 
TYR CD2   HD2    sing N N 381 
TYR CE1   CZ     doub Y N 382 
TYR CE1   HE1    sing N N 383 
TYR CE2   CZ     sing Y N 384 
TYR CE2   HE2    sing N N 385 
TYR CZ    OH     sing N N 386 
TYR OH    HH     sing N N 387 
TYR OXT   HXT    sing N N 388 
VAL N     CA     sing N N 389 
VAL N     H      sing N N 390 
VAL N     H2     sing N N 391 
VAL CA    C      sing N N 392 
VAL CA    CB     sing N N 393 
VAL CA    HA     sing N N 394 
VAL C     O      doub N N 395 
VAL C     OXT    sing N N 396 
VAL CB    CG1    sing N N 397 
VAL CB    CG2    sing N N 398 
VAL CB    HB     sing N N 399 
VAL CG1   HG11   sing N N 400 
VAL CG1   HG12   sing N N 401 
VAL CG1   HG13   sing N N 402 
VAL CG2   HG21   sing N N 403 
VAL CG2   HG22   sing N N 404 
VAL CG2   HG23   sing N N 405 
VAL OXT   HXT    sing N N 406 
# 
loop_
_pdbx_entity_nonpoly.entity_id 
_pdbx_entity_nonpoly.name 
_pdbx_entity_nonpoly.comp_id 
2 'MANGANESE (II) ION'                        MN  
3 'SULFATE ION'                               SO4 
4 "8-OXO-2'-DEOXY-GUANOSINE-5'-MONOPHOSPHATE" 8OG 
5 water                                       HOH 
# 
_pdbx_initial_refinement_model.id               1 
_pdbx_initial_refinement_model.entity_id_list   ? 
_pdbx_initial_refinement_model.type             'experimental model' 
_pdbx_initial_refinement_model.source_name      PDB 
_pdbx_initial_refinement_model.accession_code   3A6T 
_pdbx_initial_refinement_model.details          'PDB ENTRY 3A6T' 
# 
